data_6T9X
#
_entry.id   6T9X
#
_cell.length_a   97.605
_cell.length_b   69.189
_cell.length_c   111.841
_cell.angle_alpha   90.000
_cell.angle_beta   93.780
_cell.angle_gamma   90.000
#
_symmetry.space_group_name_H-M   'P 1 21 1'
#
loop_
_entity.id
_entity.type
_entity.pdbx_description
1 polymer 'Formate dehydrogenase'
2 non-polymer 'AZIDE ION'
3 non-polymer 'NADP NICOTINAMIDE-ADENINE-DINUCLEOTIDE PHOSPHATE'
4 water water
#
_entity_poly.entity_id   1
_entity_poly.type   'polypeptide(L)'
_entity_poly.pdbx_seq_one_letter_code
;MAKILCVLYDDPITGYPKSYARADVPKIDHYPGGQTAPTPKQIDFTPGELLGSVSGELGLRKYLEGLGHTLVVTSDKEGE
DSVFERELPDAEIVISQPFWPAYLTPERIAKAKKLKLAVTAGIGSDHVDLEAAIKNGITVAEVTYSNSISVSEHVVMMIL
SLVRNYIPSYQWVIKGGWNIADCVERSYDLEAMHVGTVAAGRIGLAVLKRLKPFDVKLHYFQRHRLPESVENELGLTYHP
SVEDMVKVCDVVTINAPLHPGTLDLFNDELISKMKRGAYLVNTARGKICNRDAVVRALESGQLAGYAGDVWFPQPAPKDH
PWRTMPHHGMTPHISGTSLSAQARYAAGTREILECWFEERPIREEYLIVDGGKLAGTGAHSYTVSK
;
_entity_poly.pdbx_strand_id   B,A,C,D
#
loop_
_chem_comp.id
_chem_comp.type
_chem_comp.name
_chem_comp.formula
AZI non-polymer 'AZIDE ION' 'N3 -1'
NAP non-polymer 'NADP NICOTINAMIDE-ADENINE-DINUCLEOTIDE PHOSPHATE' 'C21 H28 N7 O17 P3'
#
# COMPACT_ATOMS: atom_id res chain seq x y z
N ALA A 2 -24.46 -22.32 10.27
CA ALA A 2 -23.69 -22.89 9.18
C ALA A 2 -22.26 -22.37 9.19
N LYS A 3 -21.36 -23.13 8.60
CA LYS A 3 -19.94 -22.81 8.54
C LYS A 3 -19.58 -22.30 7.14
N ILE A 4 -18.93 -21.15 7.07
CA ILE A 4 -18.43 -20.60 5.81
C ILE A 4 -16.92 -20.67 5.80
N LEU A 5 -16.39 -21.41 4.83
CA LEU A 5 -14.95 -21.62 4.66
C LEU A 5 -14.47 -20.76 3.50
N CYS A 6 -13.56 -19.83 3.79
CA CYS A 6 -13.19 -18.79 2.84
C CYS A 6 -11.67 -18.78 2.68
N VAL A 7 -11.20 -18.93 1.44
CA VAL A 7 -9.77 -19.00 1.14
C VAL A 7 -9.34 -17.71 0.47
N LEU A 8 -8.28 -17.08 0.99
CA LEU A 8 -7.82 -15.77 0.56
C LEU A 8 -6.30 -15.78 0.46
N TYR A 9 -5.76 -14.82 -0.29
CA TYR A 9 -4.31 -14.75 -0.38
C TYR A 9 -3.73 -14.04 0.83
N ASP A 10 -2.43 -14.24 1.06
CA ASP A 10 -1.77 -13.70 2.23
C ASP A 10 -1.82 -12.18 2.23
N ASP A 11 -1.74 -11.60 3.43
CA ASP A 11 -1.49 -10.17 3.55
C ASP A 11 -0.16 -9.83 2.87
N PRO A 12 0.11 -8.57 2.58
CA PRO A 12 1.43 -8.21 2.06
C PRO A 12 2.53 -8.64 3.02
N ILE A 13 3.68 -9.03 2.47
CA ILE A 13 4.82 -9.39 3.32
C ILE A 13 5.35 -8.18 4.07
N THR A 14 4.94 -6.98 3.69
CA THR A 14 5.24 -5.76 4.43
C THR A 14 4.11 -5.37 5.38
N GLY A 15 3.20 -6.29 5.68
CA GLY A 15 2.12 -6.06 6.61
C GLY A 15 0.84 -5.60 5.94
N TYR A 16 -0.28 -5.88 6.59
CA TYR A 16 -1.55 -5.32 6.15
C TYR A 16 -1.44 -3.80 6.13
N PRO A 17 -1.75 -3.15 5.00
CA PRO A 17 -1.43 -1.73 4.87
C PRO A 17 -2.14 -0.87 5.92
N LYS A 18 -1.42 0.14 6.40
CA LYS A 18 -1.97 1.11 7.34
C LYS A 18 -2.49 2.35 6.64
N SER A 19 -2.15 2.53 5.37
CA SER A 19 -2.61 3.67 4.58
C SER A 19 -2.62 3.27 3.12
N TYR A 20 -3.24 4.10 2.29
CA TYR A 20 -3.37 3.79 0.88
C TYR A 20 -2.89 5.00 0.07
N ALA A 21 -2.57 4.76 -1.21
CA ALA A 21 -2.07 5.83 -2.05
C ALA A 21 -3.10 6.94 -2.23
N ARG A 22 -4.38 6.62 -2.15
CA ARG A 22 -5.42 7.61 -2.39
C ARG A 22 -6.53 7.47 -1.35
N ALA A 23 -7.40 8.49 -1.30
CA ALA A 23 -8.35 8.65 -0.21
C ALA A 23 -9.65 7.86 -0.42
N ASP A 24 -9.97 7.55 -1.67
CA ASP A 24 -11.18 6.82 -2.02
C ASP A 24 -11.05 6.34 -3.46
N VAL A 25 -12.04 5.60 -3.92
CA VAL A 25 -12.08 5.16 -5.31
C VAL A 25 -13.43 5.59 -5.88
N PRO A 26 -13.54 5.72 -7.20
CA PRO A 26 -14.82 6.13 -7.79
C PRO A 26 -15.92 5.12 -7.49
N LYS A 27 -17.14 5.63 -7.33
CA LYS A 27 -18.29 4.75 -7.10
C LYS A 27 -18.84 4.33 -8.46
N ILE A 28 -18.95 3.02 -8.68
CA ILE A 28 -19.42 2.47 -9.94
C ILE A 28 -20.87 2.07 -9.76
N ASP A 29 -21.77 2.75 -10.47
CA ASP A 29 -23.20 2.59 -10.29
C ASP A 29 -23.72 1.37 -11.04
N HIS A 30 -23.36 1.24 -12.31
CA HIS A 30 -23.79 0.13 -13.14
C HIS A 30 -22.67 -0.22 -14.11
N TYR A 31 -22.87 -1.27 -14.86
CA TYR A 31 -21.92 -1.71 -15.85
C TYR A 31 -22.43 -1.37 -17.25
N PRO A 32 -21.55 -1.30 -18.25
CA PRO A 32 -22.02 -1.05 -19.62
C PRO A 32 -23.02 -2.12 -20.05
N GLY A 33 -24.14 -1.67 -20.59
CA GLY A 33 -25.26 -2.53 -20.86
C GLY A 33 -26.36 -2.46 -19.82
N GLY A 34 -26.08 -1.88 -18.64
CA GLY A 34 -27.12 -1.57 -17.69
C GLY A 34 -27.22 -2.46 -16.47
N GLN A 35 -26.44 -3.55 -16.38
CA GLN A 35 -26.50 -4.38 -15.18
C GLN A 35 -26.04 -3.58 -13.97
N THR A 36 -26.81 -3.66 -12.89
CA THR A 36 -26.47 -2.89 -11.70
C THR A 36 -25.25 -3.48 -10.99
N ALA A 37 -24.51 -2.60 -10.31
CA ALA A 37 -23.47 -3.05 -9.40
C ALA A 37 -24.10 -3.87 -8.27
N PRO A 38 -23.31 -4.67 -7.56
CA PRO A 38 -23.87 -5.53 -6.50
C PRO A 38 -24.75 -4.74 -5.53
N THR A 39 -25.79 -5.41 -5.01
CA THR A 39 -26.79 -4.79 -4.15
C THR A 39 -26.93 -5.54 -2.81
N PRO A 40 -25.87 -5.59 -2.00
CA PRO A 40 -26.04 -6.08 -0.63
C PRO A 40 -26.75 -5.03 0.20
N LYS A 41 -27.42 -5.49 1.26
CA LYS A 41 -28.11 -4.56 2.15
C LYS A 41 -27.11 -3.63 2.83
N GLN A 42 -25.90 -4.11 3.06
CA GLN A 42 -24.87 -3.38 3.77
C GLN A 42 -23.50 -3.86 3.29
N ILE A 43 -22.50 -3.01 3.49
CA ILE A 43 -21.11 -3.44 3.36
C ILE A 43 -20.37 -2.96 4.59
N ASP A 44 -19.39 -3.74 5.03
CA ASP A 44 -18.64 -3.47 6.24
C ASP A 44 -17.20 -3.13 5.89
N PHE A 45 -17.04 -2.36 4.83
CA PHE A 45 -15.74 -1.89 4.37
C PHE A 45 -15.96 -0.57 3.64
N THR A 46 -14.91 0.23 3.57
CA THR A 46 -14.90 1.36 2.64
C THR A 46 -14.28 0.92 1.31
N PRO A 47 -14.93 1.15 0.17
CA PRO A 47 -14.32 0.80 -1.12
C PRO A 47 -12.94 1.42 -1.25
N GLY A 48 -11.96 0.58 -1.61
CA GLY A 48 -10.56 0.96 -1.65
C GLY A 48 -9.69 0.18 -0.68
N GLU A 49 -10.27 -0.42 0.35
CA GLU A 49 -9.50 -1.21 1.32
C GLU A 49 -9.10 -2.55 0.72
N LEU A 50 -8.04 -3.13 1.26
CA LEU A 50 -7.61 -4.47 0.86
C LEU A 50 -8.55 -5.50 1.47
N LEU A 51 -9.38 -6.14 0.63
CA LEU A 51 -10.40 -7.06 1.08
C LEU A 51 -10.11 -8.51 0.75
N GLY A 52 -9.35 -8.79 -0.30
CA GLY A 52 -9.06 -10.13 -0.73
C GLY A 52 -7.92 -10.83 -0.03
N SER A 53 -7.27 -10.20 0.93
CA SER A 53 -6.25 -10.89 1.69
C SER A 53 -6.84 -11.46 2.97
N VAL A 54 -6.05 -12.25 3.68
CA VAL A 54 -6.53 -12.98 4.85
C VAL A 54 -7.17 -12.02 5.84
N SER A 55 -6.52 -10.89 6.10
CA SER A 55 -7.03 -9.95 7.09
C SER A 55 -8.27 -9.21 6.58
N GLY A 56 -8.42 -9.10 5.25
CA GLY A 56 -9.58 -8.40 4.71
C GLY A 56 -10.88 -9.17 4.91
N GLU A 57 -10.83 -10.48 4.71
CA GLU A 57 -11.96 -11.39 4.92
C GLU A 57 -13.15 -11.04 4.04
N LEU A 58 -12.93 -10.33 2.93
CA LEU A 58 -13.99 -9.87 2.04
C LEU A 58 -15.07 -9.07 2.80
N GLY A 59 -14.71 -8.55 3.98
CA GLY A 59 -15.65 -7.79 4.81
C GLY A 59 -16.85 -8.58 5.29
N LEU A 60 -16.69 -9.88 5.52
CA LEU A 60 -17.83 -10.74 5.79
C LEU A 60 -18.03 -11.11 7.25
N ARG A 61 -17.03 -10.91 8.12
CA ARG A 61 -17.08 -11.56 9.43
C ARG A 61 -18.25 -11.06 10.29
N LYS A 62 -18.38 -9.74 10.45
CA LYS A 62 -19.43 -9.19 11.29
C LYS A 62 -20.81 -9.65 10.82
N TYR A 63 -21.06 -9.61 9.50
CA TYR A 63 -22.32 -10.06 8.94
C TYR A 63 -22.61 -11.51 9.28
N LEU A 64 -21.63 -12.39 9.01
CA LEU A 64 -21.88 -13.82 9.16
C LEU A 64 -22.02 -14.21 10.62
N GLU A 65 -21.18 -13.64 11.49
CA GLU A 65 -21.30 -13.94 12.92
C GLU A 65 -22.50 -13.26 13.55
N GLY A 66 -22.96 -12.14 12.99
CA GLY A 66 -24.20 -11.55 13.45
C GLY A 66 -25.37 -12.49 13.32
N LEU A 67 -25.35 -13.33 12.28
CA LEU A 67 -26.41 -14.31 12.04
C LEU A 67 -26.15 -15.63 12.75
N GLY A 68 -25.07 -15.76 13.52
CA GLY A 68 -24.79 -17.01 14.20
C GLY A 68 -24.01 -18.01 13.38
N HIS A 69 -23.49 -17.61 12.23
CA HIS A 69 -22.68 -18.52 11.42
C HIS A 69 -21.21 -18.38 11.82
N THR A 70 -20.44 -19.40 11.46
CA THR A 70 -18.99 -19.36 11.65
C THR A 70 -18.32 -19.07 10.32
N LEU A 71 -17.21 -18.34 10.37
CA LEU A 71 -16.44 -18.00 9.18
C LEU A 71 -14.98 -18.34 9.44
N VAL A 72 -14.46 -19.31 8.69
CA VAL A 72 -13.09 -19.78 8.80
C VAL A 72 -12.32 -19.28 7.58
N VAL A 73 -11.18 -18.63 7.82
CA VAL A 73 -10.41 -17.98 6.77
C VAL A 73 -8.98 -18.48 6.81
N THR A 74 -8.45 -18.87 5.66
CA THR A 74 -7.06 -19.30 5.57
C THR A 74 -6.55 -19.06 4.17
N SER A 75 -5.22 -19.08 4.03
CA SER A 75 -4.57 -19.11 2.73
C SER A 75 -4.02 -20.49 2.39
N ASP A 76 -4.00 -21.40 3.36
CA ASP A 76 -3.36 -22.70 3.24
C ASP A 76 -4.32 -23.64 2.51
N LYS A 77 -4.06 -23.90 1.22
CA LYS A 77 -5.08 -24.48 0.36
C LYS A 77 -4.64 -25.66 -0.49
N GLU A 78 -3.35 -25.99 -0.53
CA GLU A 78 -2.85 -27.00 -1.45
C GLU A 78 -2.68 -28.33 -0.72
N GLY A 79 -3.29 -29.39 -1.25
CA GLY A 79 -3.06 -30.73 -0.77
C GLY A 79 -4.02 -31.19 0.31
N GLU A 80 -3.96 -32.49 0.59
CA GLU A 80 -4.85 -33.09 1.58
C GLU A 80 -4.52 -32.61 2.99
N ASP A 81 -3.28 -32.20 3.22
CA ASP A 81 -2.87 -31.74 4.54
C ASP A 81 -2.72 -30.22 4.49
N SER A 82 -3.87 -29.57 4.51
CA SER A 82 -3.99 -28.13 4.47
C SER A 82 -5.16 -27.74 5.36
N VAL A 83 -5.12 -26.51 5.87
CA VAL A 83 -6.24 -26.04 6.68
C VAL A 83 -7.54 -26.15 5.91
N PHE A 84 -7.49 -25.82 4.61
CA PHE A 84 -8.68 -25.84 3.77
C PHE A 84 -9.31 -27.23 3.73
N GLU A 85 -8.53 -28.24 3.39
CA GLU A 85 -9.06 -29.60 3.31
C GLU A 85 -9.57 -30.07 4.66
N ARG A 86 -8.87 -29.68 5.74
CA ARG A 86 -9.29 -30.11 7.07
C ARG A 86 -10.62 -29.48 7.47
N GLU A 87 -10.87 -28.24 7.03
CA GLU A 87 -12.10 -27.55 7.40
C GLU A 87 -13.23 -27.83 6.43
N LEU A 88 -12.92 -28.42 5.28
CA LEU A 88 -13.91 -28.60 4.21
C LEU A 88 -15.05 -29.55 4.52
N PRO A 89 -14.87 -30.71 5.17
CA PRO A 89 -16.00 -31.66 5.31
C PRO A 89 -17.19 -31.02 5.99
N ASP A 90 -16.95 -29.96 6.77
CA ASP A 90 -17.91 -29.30 7.63
C ASP A 90 -18.65 -28.17 6.94
N ALA A 91 -18.11 -27.65 5.83
CA ALA A 91 -18.54 -26.36 5.30
C ALA A 91 -19.82 -26.48 4.48
N GLU A 92 -20.78 -25.60 4.77
CA GLU A 92 -21.93 -25.50 3.89
C GLU A 92 -21.62 -24.59 2.70
N ILE A 93 -20.73 -23.61 2.87
CA ILE A 93 -20.39 -22.64 1.83
C ILE A 93 -18.88 -22.55 1.74
N VAL A 94 -18.35 -22.61 0.51
CA VAL A 94 -16.94 -22.40 0.23
C VAL A 94 -16.81 -21.19 -0.69
N ILE A 95 -15.91 -20.29 -0.35
CA ILE A 95 -15.64 -19.09 -1.14
C ILE A 95 -14.15 -19.01 -1.40
N SER A 96 -13.76 -18.75 -2.65
CA SER A 96 -12.39 -18.37 -2.95
C SER A 96 -12.36 -17.46 -4.17
N GLN A 97 -11.20 -16.88 -4.41
CA GLN A 97 -10.93 -15.97 -5.50
C GLN A 97 -10.09 -16.68 -6.56
N PRO A 98 -10.31 -16.42 -7.85
CA PRO A 98 -9.47 -17.04 -8.88
C PRO A 98 -7.99 -16.72 -8.71
N PHE A 99 -7.66 -15.57 -8.11
CA PHE A 99 -6.27 -15.15 -7.96
C PHE A 99 -5.52 -16.01 -6.96
N TRP A 100 -6.25 -16.67 -6.07
CA TRP A 100 -5.66 -17.62 -5.12
C TRP A 100 -6.70 -18.71 -4.89
N PRO A 101 -6.82 -19.63 -5.85
CA PRO A 101 -8.06 -20.42 -5.93
C PRO A 101 -8.03 -21.70 -5.13
N ALA A 102 -9.07 -21.91 -4.33
CA ALA A 102 -9.28 -23.19 -3.66
C ALA A 102 -9.88 -24.15 -4.69
N TYR A 103 -9.03 -24.99 -5.27
CA TYR A 103 -9.46 -25.90 -6.31
C TYR A 103 -10.45 -26.93 -5.74
N LEU A 104 -11.66 -26.96 -6.31
CA LEU A 104 -12.69 -27.88 -5.88
C LEU A 104 -12.77 -29.03 -6.88
N THR A 105 -11.83 -29.96 -6.74
CA THR A 105 -11.77 -31.17 -7.55
C THR A 105 -12.98 -32.04 -7.26
N PRO A 106 -13.24 -33.08 -8.06
CA PRO A 106 -14.29 -34.03 -7.70
C PRO A 106 -14.05 -34.68 -6.35
N GLU A 107 -12.78 -35.01 -6.05
CA GLU A 107 -12.47 -35.65 -4.78
C GLU A 107 -12.82 -34.73 -3.60
N ARG A 108 -12.40 -33.47 -3.67
CA ARG A 108 -12.70 -32.53 -2.59
C ARG A 108 -14.20 -32.28 -2.47
N ILE A 109 -14.89 -32.13 -3.61
CA ILE A 109 -16.34 -31.95 -3.58
C ILE A 109 -17.02 -33.15 -2.93
N ALA A 110 -16.56 -34.36 -3.27
CA ALA A 110 -17.16 -35.56 -2.69
C ALA A 110 -16.93 -35.64 -1.18
N LYS A 111 -15.81 -35.09 -0.68
CA LYS A 111 -15.55 -35.08 0.76
C LYS A 111 -16.26 -33.94 1.47
N ALA A 112 -16.69 -32.91 0.76
CA ALA A 112 -17.42 -31.81 1.36
C ALA A 112 -18.87 -32.23 1.55
N LYS A 113 -19.10 -32.96 2.64
CA LYS A 113 -20.38 -33.63 2.84
C LYS A 113 -21.53 -32.65 2.99
N LYS A 114 -21.25 -31.43 3.47
CA LYS A 114 -22.29 -30.43 3.71
C LYS A 114 -22.31 -29.31 2.68
N LEU A 115 -21.42 -29.34 1.70
CA LEU A 115 -21.30 -28.23 0.75
C LEU A 115 -22.56 -28.09 -0.09
N LYS A 116 -23.15 -26.89 -0.08
CA LYS A 116 -24.28 -26.58 -0.93
C LYS A 116 -24.05 -25.39 -1.85
N LEU A 117 -23.08 -24.53 -1.56
CA LEU A 117 -22.85 -23.31 -2.33
C LEU A 117 -21.36 -23.06 -2.48
N ALA A 118 -20.89 -22.93 -3.71
CA ALA A 118 -19.52 -22.53 -4.01
C ALA A 118 -19.56 -21.18 -4.71
N VAL A 119 -18.99 -20.16 -4.07
CA VAL A 119 -18.99 -18.80 -4.59
C VAL A 119 -17.58 -18.45 -5.08
N THR A 120 -17.51 -17.89 -6.27
CA THR A 120 -16.28 -17.32 -6.80
C THR A 120 -16.26 -15.83 -6.47
N ALA A 121 -15.36 -15.43 -5.57
CA ALA A 121 -15.17 -14.02 -5.29
C ALA A 121 -14.37 -13.42 -6.45
N GLY A 122 -15.09 -13.09 -7.51
CA GLY A 122 -14.50 -12.70 -8.77
C GLY A 122 -15.28 -13.24 -9.95
N ILE A 123 -14.59 -13.52 -11.06
CA ILE A 123 -15.24 -14.05 -12.26
C ILE A 123 -14.41 -15.23 -12.78
N GLY A 124 -15.09 -16.34 -13.07
CA GLY A 124 -14.40 -17.51 -13.58
C GLY A 124 -14.38 -18.64 -12.58
N SER A 125 -15.17 -19.67 -12.85
CA SER A 125 -15.39 -20.76 -11.91
C SER A 125 -14.81 -22.08 -12.41
N ASP A 126 -13.78 -22.00 -13.25
CA ASP A 126 -13.10 -23.19 -13.76
C ASP A 126 -12.29 -23.90 -12.69
N HIS A 127 -12.05 -23.26 -11.54
CA HIS A 127 -11.38 -23.93 -10.42
C HIS A 127 -12.33 -24.86 -9.66
N VAL A 128 -13.62 -24.84 -10.00
CA VAL A 128 -14.59 -25.78 -9.47
C VAL A 128 -14.92 -26.78 -10.57
N ASP A 129 -14.80 -28.07 -10.26
CA ASP A 129 -15.24 -29.09 -11.22
C ASP A 129 -16.75 -29.01 -11.39
N LEU A 130 -17.20 -28.48 -12.53
CA LEU A 130 -18.61 -28.15 -12.70
C LEU A 130 -19.48 -29.40 -12.86
N GLU A 131 -18.93 -30.46 -13.44
CA GLU A 131 -19.71 -31.69 -13.61
C GLU A 131 -20.00 -32.33 -12.24
N ALA A 132 -19.02 -32.29 -11.34
CA ALA A 132 -19.22 -32.83 -10.00
C ALA A 132 -20.18 -31.96 -9.19
N ALA A 133 -20.09 -30.64 -9.35
CA ALA A 133 -21.07 -29.77 -8.71
C ALA A 133 -22.47 -30.08 -9.20
N ILE A 134 -22.63 -30.23 -10.52
CA ILE A 134 -23.91 -30.58 -11.11
C ILE A 134 -24.45 -31.87 -10.50
N LYS A 135 -23.60 -32.90 -10.44
CA LYS A 135 -24.05 -34.22 -10.01
C LYS A 135 -24.44 -34.23 -8.53
N ASN A 136 -23.81 -33.37 -7.74
CA ASN A 136 -24.04 -33.36 -6.29
C ASN A 136 -25.02 -32.28 -5.87
N GLY A 137 -25.64 -31.57 -6.82
CA GLY A 137 -26.64 -30.58 -6.48
C GLY A 137 -26.11 -29.31 -5.85
N ILE A 138 -24.89 -28.92 -6.18
CA ILE A 138 -24.24 -27.77 -5.55
C ILE A 138 -24.39 -26.55 -6.44
N THR A 139 -24.84 -25.44 -5.84
CA THR A 139 -24.93 -24.18 -6.56
C THR A 139 -23.54 -23.54 -6.68
N VAL A 140 -23.18 -23.15 -7.90
CA VAL A 140 -21.92 -22.46 -8.18
C VAL A 140 -22.25 -21.06 -8.67
N ALA A 141 -21.69 -20.04 -8.03
CA ALA A 141 -22.01 -18.65 -8.35
C ALA A 141 -20.75 -17.81 -8.37
N GLU A 142 -20.83 -16.72 -9.14
CA GLU A 142 -19.72 -15.78 -9.27
C GLU A 142 -20.28 -14.39 -9.51
N VAL A 143 -19.47 -13.38 -9.22
CA VAL A 143 -19.94 -11.98 -9.26
C VAL A 143 -19.69 -11.50 -10.69
N THR A 144 -20.58 -11.91 -11.60
CA THR A 144 -20.54 -11.51 -13.00
C THR A 144 -20.41 -10.00 -13.16
N TYR A 145 -19.49 -9.58 -14.03
CA TYR A 145 -19.19 -8.21 -14.46
C TYR A 145 -18.35 -7.45 -13.43
N SER A 146 -18.08 -8.01 -12.25
CA SER A 146 -17.51 -7.22 -11.16
C SER A 146 -16.12 -6.68 -11.50
N ASN A 147 -15.31 -7.46 -12.22
CA ASN A 147 -13.98 -6.99 -12.63
C ASN A 147 -13.74 -7.10 -14.13
N SER A 148 -14.78 -7.24 -14.95
CA SER A 148 -14.60 -7.32 -16.40
C SER A 148 -13.90 -6.07 -16.94
N ILE A 149 -14.30 -4.90 -16.45
CA ILE A 149 -13.70 -3.66 -16.92
C ILE A 149 -12.25 -3.58 -16.49
N SER A 150 -11.94 -4.03 -15.27
CA SER A 150 -10.56 -4.01 -14.79
C SER A 150 -9.66 -4.80 -15.72
N VAL A 151 -10.13 -5.98 -16.14
CA VAL A 151 -9.32 -6.82 -17.02
C VAL A 151 -9.16 -6.15 -18.38
N SER A 152 -10.21 -5.53 -18.90
CA SER A 152 -10.11 -4.87 -20.20
C SER A 152 -9.05 -3.78 -20.17
N GLU A 153 -8.85 -3.15 -19.02
CA GLU A 153 -7.78 -2.16 -18.87
C GLU A 153 -6.41 -2.83 -18.93
N HIS A 154 -6.24 -3.87 -18.12
CA HIS A 154 -5.00 -4.66 -18.12
C HIS A 154 -4.63 -5.12 -19.52
N VAL A 155 -5.63 -5.50 -20.33
CA VAL A 155 -5.37 -6.01 -21.67
C VAL A 155 -4.72 -4.95 -22.53
N VAL A 156 -5.33 -3.78 -22.60
CA VAL A 156 -4.78 -2.71 -23.43
C VAL A 156 -3.43 -2.26 -22.90
N MET A 157 -3.26 -2.26 -21.57
CA MET A 157 -1.95 -1.98 -21.00
C MET A 157 -0.91 -2.93 -21.55
N MET A 158 -1.25 -4.23 -21.63
CA MET A 158 -0.28 -5.25 -21.98
C MET A 158 0.00 -5.27 -23.47
N ILE A 159 -1.03 -5.11 -24.31
CA ILE A 159 -0.82 -4.97 -25.73
C ILE A 159 0.17 -3.84 -26.02
N LEU A 160 -0.09 -2.66 -25.43
CA LEU A 160 0.79 -1.52 -25.67
C LEU A 160 2.20 -1.78 -25.16
N SER A 161 2.33 -2.44 -24.00
CA SER A 161 3.64 -2.71 -23.43
C SER A 161 4.45 -3.64 -24.32
N LEU A 162 3.81 -4.72 -24.81
CA LEU A 162 4.51 -5.64 -25.70
C LEU A 162 4.93 -4.94 -26.99
N VAL A 163 3.98 -4.27 -27.64
CA VAL A 163 4.23 -3.70 -28.96
C VAL A 163 5.25 -2.58 -28.89
N ARG A 164 5.09 -1.68 -27.91
CA ARG A 164 5.98 -0.54 -27.75
C ARG A 164 7.28 -0.90 -27.02
N ASN A 165 7.36 -2.11 -26.44
CA ASN A 165 8.56 -2.62 -25.76
C ASN A 165 8.82 -1.85 -24.47
N TYR A 166 7.80 -1.80 -23.60
CA TYR A 166 7.85 -0.95 -22.41
C TYR A 166 8.85 -1.47 -21.39
N ILE A 167 8.75 -2.75 -21.03
CA ILE A 167 9.47 -3.28 -19.87
C ILE A 167 10.97 -3.31 -20.10
N PRO A 168 11.51 -3.83 -21.22
CA PRO A 168 12.97 -3.75 -21.41
C PRO A 168 13.49 -2.33 -21.38
N SER A 169 12.71 -1.37 -21.86
CA SER A 169 13.15 0.03 -21.83
C SER A 169 13.15 0.56 -20.41
N TYR A 170 12.19 0.13 -19.59
CA TYR A 170 12.22 0.50 -18.18
C TYR A 170 13.47 -0.04 -17.50
N GLN A 171 13.88 -1.25 -17.84
CA GLN A 171 15.05 -1.86 -17.19
C GLN A 171 16.33 -1.12 -17.59
N TRP A 172 16.38 -0.58 -18.80
CA TRP A 172 17.53 0.23 -19.19
C TRP A 172 17.64 1.48 -18.32
N VAL A 173 16.50 2.02 -17.88
CA VAL A 173 16.51 3.15 -16.96
C VAL A 173 17.12 2.74 -15.62
N ILE A 174 16.75 1.54 -15.14
CA ILE A 174 17.18 1.09 -13.83
C ILE A 174 18.65 0.68 -13.84
N LYS A 175 19.13 0.14 -14.97
CA LYS A 175 20.52 -0.25 -15.13
C LYS A 175 21.46 0.95 -15.27
N GLY A 176 20.92 2.17 -15.31
CA GLY A 176 21.74 3.37 -15.46
C GLY A 176 22.02 3.77 -16.89
N GLY A 177 21.26 3.26 -17.86
CA GLY A 177 21.58 3.44 -19.26
C GLY A 177 20.67 4.44 -19.96
N TRP A 178 20.74 4.41 -21.29
CA TRP A 178 19.92 5.24 -22.16
C TRP A 178 19.45 4.50 -23.41
N ASN A 179 20.43 4.07 -24.23
CA ASN A 179 20.33 2.92 -25.13
C ASN A 179 19.05 2.92 -25.97
N ILE A 180 18.87 4.00 -26.74
CA ILE A 180 17.64 4.18 -27.50
C ILE A 180 17.47 3.04 -28.50
N ALA A 181 18.51 2.75 -29.29
CA ALA A 181 18.38 1.74 -30.33
C ALA A 181 18.10 0.35 -29.76
N ASP A 182 18.67 0.04 -28.59
CA ASP A 182 18.36 -1.23 -27.94
C ASP A 182 16.89 -1.30 -27.53
N CYS A 183 16.33 -0.16 -27.11
CA CYS A 183 14.93 -0.13 -26.73
C CYS A 183 14.01 -0.29 -27.94
N VAL A 184 14.34 0.38 -29.05
CA VAL A 184 13.38 0.55 -30.13
C VAL A 184 13.62 -0.38 -31.31
N GLU A 185 14.68 -1.20 -31.28
CA GLU A 185 14.85 -2.14 -32.38
C GLU A 185 13.73 -3.18 -32.40
N ARG A 186 12.94 -3.28 -31.32
CA ARG A 186 11.69 -4.03 -31.30
C ARG A 186 10.53 -3.17 -30.80
N SER A 187 10.57 -1.86 -31.02
CA SER A 187 9.47 -0.98 -30.61
C SER A 187 8.66 -0.56 -31.82
N TYR A 188 7.34 -0.75 -31.72
CA TYR A 188 6.43 -0.41 -32.80
C TYR A 188 5.24 0.37 -32.23
N ASP A 189 4.56 1.09 -33.11
CA ASP A 189 3.26 1.66 -32.79
C ASP A 189 2.18 0.60 -32.94
N LEU A 190 1.10 0.76 -32.17
CA LEU A 190 -0.05 -0.13 -32.33
C LEU A 190 -0.94 0.32 -33.48
N GLU A 191 -0.96 1.61 -33.78
CA GLU A 191 -1.80 2.22 -34.81
C GLU A 191 -1.81 1.41 -36.11
N ALA A 192 -3.01 1.13 -36.61
CA ALA A 192 -3.31 0.47 -37.88
C ALA A 192 -2.92 -1.00 -37.91
N MET A 193 -2.48 -1.58 -36.79
CA MET A 193 -2.29 -3.02 -36.72
C MET A 193 -3.65 -3.72 -36.69
N HIS A 194 -3.66 -4.99 -37.11
CA HIS A 194 -4.86 -5.82 -36.99
C HIS A 194 -4.86 -6.48 -35.62
N VAL A 195 -5.92 -6.25 -34.84
CA VAL A 195 -6.06 -6.82 -33.51
C VAL A 195 -7.37 -7.58 -33.43
N GLY A 196 -7.30 -8.82 -32.95
CA GLY A 196 -8.48 -9.64 -32.79
C GLY A 196 -8.57 -10.19 -31.40
N THR A 197 -9.80 -10.38 -30.94
CA THR A 197 -10.07 -10.97 -29.63
C THR A 197 -10.79 -12.30 -29.80
N VAL A 198 -10.42 -13.27 -28.96
CA VAL A 198 -11.20 -14.49 -28.81
C VAL A 198 -12.20 -14.20 -27.71
N ALA A 199 -13.48 -14.04 -28.10
CA ALA A 199 -14.63 -13.66 -27.28
C ALA A 199 -14.82 -12.15 -27.38
N ALA A 200 -16.07 -11.71 -27.46
CA ALA A 200 -16.40 -10.31 -27.32
C ALA A 200 -17.53 -10.29 -26.29
N GLY A 201 -17.21 -10.73 -25.08
CA GLY A 201 -18.19 -10.73 -24.00
C GLY A 201 -18.04 -9.48 -23.16
N ARG A 202 -18.24 -9.61 -21.84
CA ARG A 202 -18.14 -8.43 -20.98
C ARG A 202 -16.72 -7.85 -20.99
N ILE A 203 -15.70 -8.71 -20.93
CA ILE A 203 -14.33 -8.23 -21.08
C ILE A 203 -14.04 -7.90 -22.54
N GLY A 204 -14.34 -8.84 -23.45
CA GLY A 204 -13.90 -8.72 -24.83
C GLY A 204 -14.47 -7.51 -25.55
N LEU A 205 -15.76 -7.24 -25.37
CA LEU A 205 -16.36 -6.02 -25.92
C LEU A 205 -15.69 -4.79 -25.33
N ALA A 206 -15.47 -4.79 -24.01
CA ALA A 206 -14.81 -3.66 -23.37
C ALA A 206 -13.42 -3.43 -23.94
N VAL A 207 -12.72 -4.52 -24.25
CA VAL A 207 -11.43 -4.41 -24.93
C VAL A 207 -11.60 -3.76 -26.30
N LEU A 208 -12.61 -4.20 -27.06
CA LEU A 208 -12.79 -3.68 -28.41
C LEU A 208 -13.16 -2.21 -28.39
N LYS A 209 -13.98 -1.78 -27.41
CA LYS A 209 -14.31 -0.36 -27.32
C LYS A 209 -13.08 0.46 -26.98
N ARG A 210 -12.21 -0.05 -26.09
CA ARG A 210 -11.03 0.71 -25.71
C ARG A 210 -9.98 0.74 -26.82
N LEU A 211 -9.94 -0.28 -27.67
CA LEU A 211 -8.93 -0.33 -28.73
C LEU A 211 -9.32 0.51 -29.95
N LYS A 212 -10.62 0.74 -30.15
CA LYS A 212 -11.10 1.38 -31.37
C LYS A 212 -10.44 2.74 -31.65
N PRO A 213 -10.33 3.68 -30.70
CA PRO A 213 -9.70 4.97 -31.03
C PRO A 213 -8.20 4.89 -31.23
N PHE A 214 -7.58 3.75 -30.97
CA PHE A 214 -6.17 3.58 -31.35
C PHE A 214 -6.02 3.35 -32.85
N ASP A 215 -7.13 3.34 -33.60
CA ASP A 215 -7.13 3.22 -35.07
C ASP A 215 -6.56 1.89 -35.53
N VAL A 216 -6.88 0.83 -34.79
CA VAL A 216 -6.55 -0.53 -35.20
C VAL A 216 -7.66 -1.05 -36.09
N LYS A 217 -7.41 -2.14 -36.81
CA LYS A 217 -8.45 -2.87 -37.51
C LYS A 217 -8.84 -4.07 -36.64
N LEU A 218 -10.12 -4.16 -36.31
CA LEU A 218 -10.60 -5.03 -35.25
C LEU A 218 -11.18 -6.34 -35.80
N HIS A 219 -10.87 -7.45 -35.12
CA HIS A 219 -11.40 -8.76 -35.47
C HIS A 219 -11.88 -9.46 -34.21
N TYR A 220 -12.80 -10.41 -34.39
CA TYR A 220 -13.21 -11.22 -33.25
C TYR A 220 -13.70 -12.57 -33.73
N PHE A 221 -13.67 -13.53 -32.81
CA PHE A 221 -14.31 -14.82 -32.99
C PHE A 221 -15.07 -15.17 -31.72
N GLN A 222 -16.35 -15.51 -31.88
CA GLN A 222 -17.12 -16.22 -30.86
C GLN A 222 -17.95 -17.25 -31.58
N ARG A 223 -18.64 -18.05 -30.79
CA ARG A 223 -19.60 -19.08 -31.23
C ARG A 223 -20.86 -18.40 -31.76
N HIS A 224 -21.26 -17.31 -31.13
CA HIS A 224 -22.45 -16.53 -31.46
C HIS A 224 -22.04 -15.18 -32.04
N ARG A 225 -22.32 -14.98 -33.32
CA ARG A 225 -21.93 -13.72 -34.00
C ARG A 225 -22.72 -12.56 -33.43
N LEU A 226 -22.10 -11.41 -33.32
CA LEU A 226 -22.81 -10.20 -32.86
C LEU A 226 -23.69 -9.68 -34.01
N PRO A 227 -24.65 -8.80 -33.75
CA PRO A 227 -25.50 -8.30 -34.83
C PRO A 227 -24.81 -7.29 -35.75
N GLU A 228 -25.51 -6.79 -36.75
CA GLU A 228 -24.86 -5.77 -37.62
C GLU A 228 -24.57 -4.49 -36.85
N SER A 229 -25.51 -4.04 -36.04
CA SER A 229 -25.43 -2.76 -35.32
C SER A 229 -24.07 -2.60 -34.63
N VAL A 230 -23.65 -3.61 -33.87
CA VAL A 230 -22.38 -3.43 -33.10
C VAL A 230 -21.16 -3.70 -33.97
N GLU A 231 -21.23 -4.67 -34.89
CA GLU A 231 -20.10 -4.97 -35.79
C GLU A 231 -19.79 -3.74 -36.65
N ASN A 232 -20.83 -3.07 -37.12
CA ASN A 232 -20.67 -1.87 -37.96
C ASN A 232 -20.27 -0.68 -37.10
N GLU A 233 -20.78 -0.60 -35.89
CA GLU A 233 -20.38 0.53 -35.02
C GLU A 233 -18.92 0.46 -34.56
N LEU A 234 -18.32 -0.72 -34.44
CA LEU A 234 -16.91 -0.71 -34.00
C LEU A 234 -15.97 -1.14 -35.12
N GLY A 235 -16.50 -1.42 -36.28
CA GLY A 235 -15.66 -1.88 -37.38
C GLY A 235 -15.11 -3.27 -37.10
N LEU A 236 -15.99 -4.21 -36.78
CA LEU A 236 -15.56 -5.55 -36.46
C LEU A 236 -15.69 -6.47 -37.66
N THR A 237 -14.63 -7.23 -37.94
CA THR A 237 -14.70 -8.35 -38.87
C THR A 237 -14.89 -9.65 -38.09
N TYR A 238 -15.98 -10.36 -38.39
CA TYR A 238 -16.22 -11.66 -37.78
C TYR A 238 -15.43 -12.73 -38.51
N HIS A 239 -14.94 -13.70 -37.77
CA HIS A 239 -14.36 -14.88 -38.38
C HIS A 239 -15.05 -16.12 -37.85
N PRO A 240 -15.39 -17.09 -38.70
CA PRO A 240 -16.14 -18.27 -38.22
C PRO A 240 -15.30 -19.22 -37.37
N SER A 241 -13.99 -19.03 -37.28
CA SER A 241 -13.16 -19.87 -36.43
C SER A 241 -11.95 -19.05 -35.96
N VAL A 242 -11.28 -19.57 -34.93
CA VAL A 242 -10.07 -18.91 -34.44
C VAL A 242 -8.97 -18.94 -35.49
N GLU A 243 -8.78 -20.10 -36.12
CA GLU A 243 -7.78 -20.23 -37.18
C GLU A 243 -7.88 -19.08 -38.17
N ASP A 244 -9.10 -18.78 -38.62
CA ASP A 244 -9.28 -17.76 -39.64
C ASP A 244 -8.90 -16.38 -39.11
N MET A 245 -9.19 -16.11 -37.83
CA MET A 245 -8.84 -14.81 -37.28
C MET A 245 -7.33 -14.63 -37.17
N VAL A 246 -6.66 -15.56 -36.48
CA VAL A 246 -5.28 -15.31 -36.07
C VAL A 246 -4.32 -15.21 -37.25
N LYS A 247 -4.69 -15.71 -38.42
CA LYS A 247 -3.74 -15.64 -39.54
C LYS A 247 -3.69 -14.26 -40.18
N VAL A 248 -4.59 -13.35 -39.81
CA VAL A 248 -4.53 -11.97 -40.29
C VAL A 248 -4.30 -10.98 -39.15
N CYS A 249 -3.96 -11.45 -37.95
CA CYS A 249 -3.89 -10.60 -36.79
C CYS A 249 -2.45 -10.32 -36.39
N ASP A 250 -2.12 -9.04 -36.21
CA ASP A 250 -0.86 -8.65 -35.60
C ASP A 250 -0.87 -8.89 -34.10
N VAL A 251 -2.04 -8.77 -33.47
CA VAL A 251 -2.21 -8.90 -32.03
C VAL A 251 -3.46 -9.75 -31.77
N VAL A 252 -3.38 -10.65 -30.81
CA VAL A 252 -4.50 -11.51 -30.44
C VAL A 252 -4.72 -11.41 -28.94
N THR A 253 -5.98 -11.19 -28.55
CA THR A 253 -6.39 -11.19 -27.16
C THR A 253 -7.33 -12.37 -26.91
N ILE A 254 -7.15 -13.02 -25.76
CA ILE A 254 -8.02 -14.13 -25.36
C ILE A 254 -8.87 -13.65 -24.19
N ASN A 255 -10.20 -13.79 -24.32
CA ASN A 255 -11.11 -13.28 -23.30
C ASN A 255 -12.32 -14.19 -23.10
N ALA A 256 -12.16 -15.49 -23.36
CA ALA A 256 -13.17 -16.51 -23.15
C ALA A 256 -12.93 -17.22 -21.83
N PRO A 257 -13.93 -17.93 -21.30
CA PRO A 257 -13.70 -18.73 -20.08
C PRO A 257 -12.97 -20.02 -20.40
N LEU A 258 -12.42 -20.63 -19.36
CA LEU A 258 -11.83 -21.96 -19.48
C LEU A 258 -12.93 -23.00 -19.34
N HIS A 259 -13.21 -23.72 -20.43
CA HIS A 259 -14.10 -24.88 -20.41
C HIS A 259 -13.63 -25.80 -21.54
N PRO A 260 -14.24 -26.98 -21.75
CA PRO A 260 -13.67 -27.90 -22.76
C PRO A 260 -13.54 -27.31 -24.16
N GLY A 261 -14.33 -26.31 -24.50
CA GLY A 261 -14.23 -25.70 -25.82
C GLY A 261 -13.05 -24.75 -25.98
N THR A 262 -12.38 -24.37 -24.89
CA THR A 262 -11.22 -23.49 -24.97
C THR A 262 -9.96 -24.08 -24.34
N LEU A 263 -10.05 -25.23 -23.67
CA LEU A 263 -8.88 -25.83 -23.07
C LEU A 263 -7.85 -26.19 -24.14
N ASP A 264 -6.60 -25.74 -23.93
CA ASP A 264 -5.50 -26.00 -24.86
C ASP A 264 -5.78 -25.47 -26.27
N LEU A 265 -6.61 -24.42 -26.37
CA LEU A 265 -6.96 -23.88 -27.67
C LEU A 265 -5.71 -23.44 -28.42
N PHE A 266 -4.87 -22.61 -27.80
CA PHE A 266 -3.65 -22.12 -28.43
C PHE A 266 -2.53 -23.11 -28.15
N ASN A 267 -2.54 -24.20 -28.93
CA ASN A 267 -1.48 -25.21 -28.92
C ASN A 267 -0.49 -24.89 -30.03
N ASP A 268 0.54 -25.74 -30.13
CA ASP A 268 1.59 -25.56 -31.15
C ASP A 268 0.99 -25.30 -32.53
N GLU A 269 -0.06 -26.06 -32.87
CA GLU A 269 -0.62 -26.02 -34.23
C GLU A 269 -1.35 -24.71 -34.49
N LEU A 270 -2.17 -24.26 -33.54
CA LEU A 270 -2.86 -22.99 -33.71
C LEU A 270 -1.89 -21.82 -33.67
N ILE A 271 -0.94 -21.84 -32.73
CA ILE A 271 0.06 -20.78 -32.65
C ILE A 271 0.88 -20.71 -33.93
N SER A 272 1.14 -21.87 -34.56
CA SER A 272 1.94 -21.88 -35.78
C SER A 272 1.20 -21.27 -36.97
N LYS A 273 -0.11 -21.11 -36.88
CA LYS A 273 -0.88 -20.48 -37.95
C LYS A 273 -0.99 -18.98 -37.78
N MET A 274 -0.57 -18.44 -36.64
CA MET A 274 -0.52 -17.00 -36.44
C MET A 274 0.56 -16.38 -37.32
N LYS A 275 0.53 -15.06 -37.43
CA LYS A 275 1.56 -14.35 -38.17
C LYS A 275 2.90 -14.40 -37.44
N ARG A 276 3.99 -14.52 -38.20
N ARG A 276 3.98 -14.49 -38.21
CA ARG A 276 5.33 -14.37 -37.65
CA ARG A 276 5.31 -14.35 -37.65
C ARG A 276 5.43 -13.02 -36.95
C ARG A 276 5.42 -13.01 -36.94
N GLY A 277 5.89 -13.02 -35.70
CA GLY A 277 5.96 -11.80 -34.92
C GLY A 277 4.65 -11.33 -34.32
N ALA A 278 3.65 -12.20 -34.21
CA ALA A 278 2.40 -11.82 -33.58
C ALA A 278 2.58 -11.66 -32.07
N TYR A 279 1.79 -10.78 -31.48
CA TYR A 279 1.75 -10.58 -30.04
C TYR A 279 0.50 -11.25 -29.48
N LEU A 280 0.66 -11.97 -28.37
CA LEU A 280 -0.42 -12.74 -27.77
C LEU A 280 -0.63 -12.29 -26.32
N VAL A 281 -1.86 -11.89 -26.01
CA VAL A 281 -2.22 -11.45 -24.66
C VAL A 281 -3.32 -12.35 -24.14
N ASN A 282 -3.12 -12.88 -22.93
CA ASN A 282 -4.07 -13.81 -22.30
C ASN A 282 -4.32 -13.37 -20.85
N THR A 283 -5.36 -12.57 -20.64
CA THR A 283 -5.87 -12.32 -19.30
C THR A 283 -7.04 -13.21 -18.95
N ALA A 284 -7.29 -14.25 -19.75
CA ALA A 284 -8.48 -15.08 -19.56
C ALA A 284 -8.43 -16.29 -18.64
N ARG A 285 -7.62 -17.28 -18.99
CA ARG A 285 -7.19 -18.37 -18.12
C ARG A 285 -5.94 -18.99 -18.72
N GLY A 286 -5.04 -19.43 -17.84
CA GLY A 286 -3.74 -19.91 -18.29
C GLY A 286 -3.83 -21.09 -19.24
N LYS A 287 -4.71 -22.04 -18.92
CA LYS A 287 -4.78 -23.30 -19.67
C LYS A 287 -5.35 -23.14 -21.07
N ILE A 288 -5.95 -22.00 -21.39
CA ILE A 288 -6.39 -21.78 -22.77
C ILE A 288 -5.20 -21.73 -23.71
N CYS A 289 -4.00 -21.42 -23.21
CA CYS A 289 -2.77 -21.51 -23.96
C CYS A 289 -1.98 -22.73 -23.48
N ASN A 290 -1.48 -23.53 -24.42
CA ASN A 290 -0.54 -24.58 -24.08
C ASN A 290 0.75 -23.98 -23.54
N ARG A 291 1.06 -24.30 -22.28
CA ARG A 291 2.16 -23.66 -21.56
C ARG A 291 3.46 -23.69 -22.36
N ASP A 292 3.83 -24.87 -22.87
CA ASP A 292 5.12 -25.02 -23.53
C ASP A 292 5.09 -24.52 -24.96
N ALA A 293 3.93 -24.59 -25.63
CA ALA A 293 3.83 -24.05 -26.98
C ALA A 293 4.12 -22.56 -27.01
N VAL A 294 3.67 -21.83 -25.99
CA VAL A 294 3.94 -20.39 -25.92
C VAL A 294 5.43 -20.14 -25.79
N VAL A 295 6.11 -20.91 -24.94
CA VAL A 295 7.55 -20.76 -24.76
C VAL A 295 8.28 -21.01 -26.08
N ARG A 296 7.91 -22.09 -26.78
CA ARG A 296 8.56 -22.44 -28.04
C ARG A 296 8.39 -21.33 -29.07
N ALA A 297 7.17 -20.80 -29.20
CA ALA A 297 6.92 -19.77 -30.20
C ALA A 297 7.67 -18.48 -29.89
N LEU A 298 7.88 -18.18 -28.61
CA LEU A 298 8.66 -17.00 -28.26
C LEU A 298 10.14 -17.24 -28.50
N GLU A 299 10.63 -18.45 -28.21
CA GLU A 299 12.03 -18.76 -28.48
C GLU A 299 12.34 -18.72 -29.96
N SER A 300 11.36 -19.07 -30.81
CA SER A 300 11.56 -19.13 -32.25
C SER A 300 11.22 -17.82 -32.96
N GLY A 301 10.64 -16.85 -32.28
CA GLY A 301 10.20 -15.64 -32.95
C GLY A 301 8.85 -15.72 -33.64
N GLN A 302 8.20 -16.89 -33.62
CA GLN A 302 6.83 -16.98 -34.13
C GLN A 302 5.92 -16.01 -33.38
N LEU A 303 6.07 -15.92 -32.05
CA LEU A 303 5.49 -14.85 -31.27
C LEU A 303 6.56 -13.83 -30.97
N ALA A 304 6.28 -12.56 -31.26
CA ALA A 304 7.19 -11.50 -30.85
C ALA A 304 7.05 -11.16 -29.38
N GLY A 305 5.90 -11.46 -28.78
CA GLY A 305 5.70 -11.16 -27.37
C GLY A 305 4.47 -11.85 -26.85
N TYR A 306 4.49 -12.17 -25.56
CA TYR A 306 3.35 -12.72 -24.84
C TYR A 306 3.20 -11.97 -23.52
N ALA A 307 1.96 -11.76 -23.09
CA ALA A 307 1.75 -11.11 -21.82
C ALA A 307 0.38 -11.49 -21.29
N GLY A 308 0.29 -11.62 -19.98
CA GLY A 308 -0.96 -11.94 -19.34
C GLY A 308 -0.75 -12.01 -17.85
N ASP A 309 -1.85 -12.24 -17.14
CA ASP A 309 -1.79 -12.34 -15.69
C ASP A 309 -2.25 -13.69 -15.16
N VAL A 310 -2.66 -14.63 -16.02
CA VAL A 310 -3.23 -15.90 -15.57
C VAL A 310 -2.27 -17.03 -15.91
N TRP A 311 -2.10 -17.95 -14.96
CA TRP A 311 -1.14 -19.04 -15.04
C TRP A 311 -1.85 -20.34 -14.72
N PHE A 312 -1.16 -21.46 -14.97
CA PHE A 312 -1.59 -22.72 -14.37
C PHE A 312 -0.36 -23.52 -13.96
N PRO A 313 -0.34 -24.06 -12.72
CA PRO A 313 -1.38 -23.81 -11.70
C PRO A 313 -1.22 -22.44 -11.03
N GLN A 314 -2.14 -22.09 -10.14
CA GLN A 314 -2.08 -20.84 -9.39
C GLN A 314 -2.09 -21.14 -7.91
N PRO A 315 -1.07 -20.74 -7.13
CA PRO A 315 0.07 -19.94 -7.61
C PRO A 315 0.99 -20.71 -8.57
N ALA A 316 1.59 -20.01 -9.52
CA ALA A 316 2.58 -20.62 -10.39
C ALA A 316 3.83 -20.93 -9.58
N PRO A 317 4.44 -22.12 -9.74
CA PRO A 317 5.66 -22.42 -9.00
C PRO A 317 6.83 -21.54 -9.44
N LYS A 318 7.87 -21.58 -8.60
CA LYS A 318 9.07 -20.77 -8.79
C LYS A 318 9.75 -21.05 -10.13
N ASP A 319 9.66 -22.28 -10.62
N ASP A 319 9.67 -22.28 -10.62
CA ASP A 319 10.32 -22.70 -11.84
CA ASP A 319 10.35 -22.68 -11.84
C ASP A 319 9.40 -22.73 -13.04
C ASP A 319 9.44 -22.65 -13.07
N HIS A 320 8.25 -22.07 -12.96
CA HIS A 320 7.28 -22.06 -14.06
C HIS A 320 7.87 -21.36 -15.28
N PRO A 321 7.89 -22.01 -16.45
CA PRO A 321 8.67 -21.46 -17.59
C PRO A 321 8.15 -20.14 -18.13
N TRP A 322 6.94 -19.70 -17.78
CA TRP A 322 6.47 -18.39 -18.26
C TRP A 322 7.19 -17.24 -17.55
N ARG A 323 7.81 -17.49 -16.39
CA ARG A 323 8.55 -16.47 -15.69
C ARG A 323 9.84 -16.09 -16.42
N THR A 324 10.39 -17.00 -17.23
CA THR A 324 11.72 -16.84 -17.80
C THR A 324 11.78 -16.88 -19.33
N MET A 325 10.69 -17.20 -20.00
CA MET A 325 10.67 -17.20 -21.46
C MET A 325 10.96 -15.79 -22.00
N PRO A 326 11.50 -15.69 -23.21
CA PRO A 326 11.88 -14.37 -23.73
C PRO A 326 10.66 -13.51 -24.08
N HIS A 327 10.83 -12.21 -23.94
CA HIS A 327 9.90 -11.22 -24.49
C HIS A 327 8.52 -11.32 -23.86
N HIS A 328 8.46 -11.55 -22.55
CA HIS A 328 7.17 -11.59 -21.88
C HIS A 328 6.97 -10.33 -21.04
N GLY A 329 5.70 -10.03 -20.77
CA GLY A 329 5.34 -8.90 -19.94
C GLY A 329 4.31 -9.35 -18.92
N MET A 330 4.61 -10.43 -18.23
CA MET A 330 3.68 -11.06 -17.31
C MET A 330 3.54 -10.25 -16.04
N THR A 331 2.40 -10.45 -15.33
CA THR A 331 2.20 -10.16 -13.99
C THR A 331 1.60 -11.39 -13.32
N PRO A 332 1.58 -11.49 -11.98
CA PRO A 332 0.77 -12.53 -11.35
C PRO A 332 -0.71 -12.24 -11.57
N HIS A 333 -1.59 -13.10 -11.07
CA HIS A 333 -3.02 -12.92 -11.32
C HIS A 333 -3.57 -11.75 -10.52
N ILE A 334 -3.63 -10.56 -11.11
CA ILE A 334 -3.89 -9.35 -10.33
C ILE A 334 -4.98 -8.47 -10.93
N SER A 335 -5.21 -8.57 -12.24
CA SER A 335 -6.04 -7.58 -12.92
C SER A 335 -7.44 -7.51 -12.29
N GLY A 336 -8.07 -8.66 -12.11
CA GLY A 336 -9.40 -8.69 -11.53
C GLY A 336 -9.46 -8.48 -10.04
N THR A 337 -8.32 -8.29 -9.37
CA THR A 337 -8.28 -8.00 -7.95
C THR A 337 -7.59 -6.68 -7.65
N SER A 338 -7.76 -5.71 -8.54
CA SER A 338 -7.46 -4.34 -8.17
C SER A 338 -8.34 -3.95 -6.99
N LEU A 339 -7.88 -2.96 -6.22
CA LEU A 339 -8.65 -2.49 -5.07
C LEU A 339 -10.07 -2.09 -5.50
N SER A 340 -10.20 -1.47 -6.68
CA SER A 340 -11.52 -1.07 -7.16
C SER A 340 -12.37 -2.29 -7.48
N ALA A 341 -11.78 -3.31 -8.10
CA ALA A 341 -12.52 -4.52 -8.40
C ALA A 341 -12.91 -5.25 -7.13
N GLN A 342 -12.05 -5.21 -6.11
CA GLN A 342 -12.32 -5.92 -4.87
C GLN A 342 -13.58 -5.38 -4.19
N ALA A 343 -13.76 -4.05 -4.18
CA ALA A 343 -14.95 -3.48 -3.60
C ALA A 343 -16.21 -4.06 -4.23
N ARG A 344 -16.17 -4.33 -5.53
CA ARG A 344 -17.38 -4.79 -6.21
C ARG A 344 -17.64 -6.27 -5.96
N TYR A 345 -16.62 -7.13 -6.08
CA TYR A 345 -16.92 -8.54 -5.91
C TYR A 345 -17.06 -8.91 -4.44
N ALA A 346 -16.48 -8.11 -3.53
CA ALA A 346 -16.75 -8.32 -2.11
C ALA A 346 -18.19 -7.96 -1.78
N ALA A 347 -18.69 -6.85 -2.33
CA ALA A 347 -20.10 -6.54 -2.19
C ALA A 347 -20.95 -7.60 -2.86
N GLY A 348 -20.47 -8.15 -3.98
CA GLY A 348 -21.23 -9.18 -4.68
C GLY A 348 -21.26 -10.49 -3.92
N THR A 349 -20.14 -10.84 -3.28
CA THR A 349 -20.13 -12.04 -2.44
C THR A 349 -21.15 -11.92 -1.33
N ARG A 350 -21.29 -10.73 -0.75
CA ARG A 350 -22.25 -10.55 0.34
C ARG A 350 -23.68 -10.59 -0.18
N GLU A 351 -23.95 -9.98 -1.34
CA GLU A 351 -25.28 -10.05 -1.92
C GLU A 351 -25.70 -11.51 -2.11
N ILE A 352 -24.78 -12.33 -2.61
CA ILE A 352 -25.08 -13.74 -2.86
C ILE A 352 -25.37 -14.46 -1.55
N LEU A 353 -24.55 -14.21 -0.52
CA LEU A 353 -24.77 -14.86 0.77
C LEU A 353 -26.07 -14.37 1.41
N GLU A 354 -26.37 -13.09 1.27
CA GLU A 354 -27.64 -12.57 1.78
C GLU A 354 -28.82 -13.26 1.09
N CYS A 355 -28.69 -13.51 -0.22
CA CYS A 355 -29.74 -14.23 -0.94
C CYS A 355 -29.82 -15.68 -0.48
N TRP A 356 -28.67 -16.34 -0.32
CA TRP A 356 -28.64 -17.72 0.13
C TRP A 356 -29.39 -17.89 1.44
N PHE A 357 -29.05 -17.09 2.45
CA PHE A 357 -29.54 -17.30 3.79
C PHE A 357 -30.95 -16.77 4.02
N GLU A 358 -31.42 -15.86 3.16
CA GLU A 358 -32.78 -15.36 3.27
C GLU A 358 -33.71 -16.03 2.28
N GLU A 359 -33.23 -17.07 1.58
CA GLU A 359 -34.04 -17.85 0.65
C GLU A 359 -34.69 -16.96 -0.41
N ARG A 360 -33.95 -15.97 -0.84
CA ARG A 360 -34.22 -15.20 -2.05
C ARG A 360 -33.41 -15.76 -3.21
N PRO A 361 -33.88 -15.61 -4.45
CA PRO A 361 -33.11 -16.12 -5.59
C PRO A 361 -31.82 -15.35 -5.78
N ILE A 362 -30.74 -16.09 -6.03
CA ILE A 362 -29.50 -15.48 -6.49
C ILE A 362 -29.71 -14.99 -7.91
N ARG A 363 -29.25 -13.76 -8.18
CA ARG A 363 -29.28 -13.16 -9.52
C ARG A 363 -28.98 -14.21 -10.58
N GLU A 364 -29.88 -14.36 -11.57
CA GLU A 364 -29.64 -15.33 -12.62
C GLU A 364 -28.27 -15.14 -13.25
N GLU A 365 -27.86 -13.87 -13.47
CA GLU A 365 -26.58 -13.64 -14.14
C GLU A 365 -25.38 -13.96 -13.25
N TYR A 366 -25.56 -14.06 -11.93
CA TYR A 366 -24.49 -14.58 -11.09
C TYR A 366 -24.34 -16.10 -11.17
N LEU A 367 -25.36 -16.81 -11.66
CA LEU A 367 -25.35 -18.26 -11.57
C LEU A 367 -24.46 -18.89 -12.64
N ILE A 368 -23.76 -19.96 -12.26
CA ILE A 368 -23.03 -20.81 -13.19
C ILE A 368 -23.68 -22.18 -13.30
N VAL A 369 -23.82 -22.88 -12.18
CA VAL A 369 -24.63 -24.10 -12.12
C VAL A 369 -25.60 -23.96 -10.95
N ASP A 370 -26.82 -24.44 -11.16
CA ASP A 370 -27.88 -24.37 -10.17
C ASP A 370 -28.93 -25.40 -10.56
N GLY A 371 -29.34 -26.24 -9.62
CA GLY A 371 -30.34 -27.25 -9.92
C GLY A 371 -29.87 -28.34 -10.86
N GLY A 372 -28.60 -28.72 -10.77
CA GLY A 372 -28.11 -29.84 -11.55
C GLY A 372 -27.91 -29.57 -13.02
N LYS A 373 -27.67 -28.32 -13.40
CA LYS A 373 -27.39 -28.00 -14.79
C LYS A 373 -26.69 -26.64 -14.84
N LEU A 374 -26.01 -26.38 -15.94
CA LEU A 374 -25.57 -25.02 -16.22
C LEU A 374 -26.78 -24.10 -16.25
N ALA A 375 -26.62 -22.91 -15.66
CA ALA A 375 -27.73 -21.97 -15.56
C ALA A 375 -27.17 -20.57 -15.65
N GLY A 376 -28.07 -19.62 -15.89
CA GLY A 376 -27.70 -18.22 -16.02
C GLY A 376 -26.52 -17.98 -16.94
N THR A 377 -25.49 -17.31 -16.42
CA THR A 377 -24.31 -17.00 -17.23
C THR A 377 -23.53 -18.25 -17.59
N GLY A 378 -23.56 -19.28 -16.72
CA GLY A 378 -22.87 -20.51 -17.04
C GLY A 378 -23.36 -21.14 -18.33
N ALA A 379 -24.69 -21.15 -18.52
CA ALA A 379 -25.25 -21.72 -19.74
C ALA A 379 -24.95 -20.86 -20.96
N HIS A 380 -24.73 -19.56 -20.75
CA HIS A 380 -24.41 -18.68 -21.88
C HIS A 380 -22.95 -18.78 -22.28
N SER A 381 -22.04 -19.00 -21.33
CA SER A 381 -20.62 -18.87 -21.59
C SER A 381 -19.83 -20.17 -21.46
N TYR A 382 -20.33 -21.15 -20.70
CA TYR A 382 -19.57 -22.37 -20.43
C TYR A 382 -20.16 -23.59 -21.15
N THR A 383 -19.32 -24.62 -21.24
CA THR A 383 -19.68 -25.94 -21.74
C THR A 383 -19.22 -26.97 -20.71
N VAL A 384 -19.91 -28.12 -20.67
CA VAL A 384 -19.51 -29.24 -19.83
C VAL A 384 -19.65 -30.57 -20.59
N ALA B 2 27.92 21.63 -50.14
CA ALA B 2 27.43 21.92 -48.80
C ALA B 2 27.60 20.71 -47.88
N LYS B 3 27.73 20.97 -46.59
CA LYS B 3 27.91 19.91 -45.61
C LYS B 3 26.69 19.84 -44.70
N ILE B 4 26.13 18.64 -44.55
CA ILE B 4 25.01 18.37 -43.67
C ILE B 4 25.54 17.63 -42.44
N LEU B 5 25.23 18.15 -41.26
CA LEU B 5 25.73 17.60 -40.00
C LEU B 5 24.56 16.93 -39.28
N CYS B 6 24.58 15.60 -39.23
CA CYS B 6 23.46 14.81 -38.73
C CYS B 6 23.89 14.01 -37.51
N VAL B 7 23.27 14.28 -36.36
CA VAL B 7 23.57 13.58 -35.11
C VAL B 7 22.45 12.58 -34.83
N LEU B 8 22.82 11.31 -34.66
CA LEU B 8 21.90 10.23 -34.39
C LEU B 8 22.43 9.42 -33.22
N TYR B 9 21.59 8.56 -32.65
CA TYR B 9 22.07 7.80 -31.50
C TYR B 9 22.83 6.56 -31.96
N ASP B 10 23.55 5.96 -31.01
CA ASP B 10 24.37 4.78 -31.29
C ASP B 10 23.52 3.65 -31.87
N ASP B 11 24.18 2.74 -32.58
CA ASP B 11 23.56 1.48 -32.92
C ASP B 11 23.29 0.69 -31.65
N PRO B 12 22.42 -0.33 -31.71
CA PRO B 12 22.26 -1.21 -30.56
C PRO B 12 23.60 -1.82 -30.20
N ILE B 13 23.81 -2.09 -28.91
CA ILE B 13 25.10 -2.63 -28.51
C ILE B 13 25.30 -4.04 -29.04
N THR B 14 24.23 -4.72 -29.43
CA THR B 14 24.31 -6.03 -30.05
C THR B 14 24.52 -5.95 -31.56
N GLY B 15 24.86 -4.78 -32.07
CA GLY B 15 25.04 -4.59 -33.50
C GLY B 15 23.78 -4.04 -34.16
N TYR B 16 23.98 -3.41 -35.30
CA TYR B 16 22.86 -2.96 -36.11
C TYR B 16 22.06 -4.17 -36.57
N PRO B 17 20.74 -4.18 -36.39
CA PRO B 17 19.98 -5.41 -36.60
C PRO B 17 20.02 -5.88 -38.04
N LYS B 18 20.16 -7.19 -38.22
CA LYS B 18 20.05 -7.81 -39.52
C LYS B 18 18.61 -8.23 -39.83
N SER B 19 17.80 -8.48 -38.80
CA SER B 19 16.41 -8.83 -38.96
C SER B 19 15.57 -8.13 -37.91
N TYR B 20 14.25 -8.29 -38.02
CA TYR B 20 13.31 -7.59 -37.17
C TYR B 20 12.22 -8.57 -36.73
N ALA B 21 11.46 -8.16 -35.71
CA ALA B 21 10.46 -9.06 -35.15
C ALA B 21 9.31 -9.30 -36.12
N ARG B 22 8.95 -8.30 -36.92
CA ARG B 22 7.85 -8.43 -37.87
C ARG B 22 8.33 -8.07 -39.26
N ALA B 23 7.51 -8.43 -40.26
CA ALA B 23 7.90 -8.34 -41.67
C ALA B 23 7.74 -6.95 -42.25
N ASP B 24 6.88 -6.12 -41.66
CA ASP B 24 6.60 -4.79 -42.19
C ASP B 24 5.86 -3.99 -41.13
N VAL B 25 5.54 -2.75 -41.44
CA VAL B 25 4.73 -1.93 -40.54
C VAL B 25 3.54 -1.42 -41.33
N PRO B 26 2.44 -1.08 -40.64
CA PRO B 26 1.26 -0.58 -41.33
C PRO B 26 1.56 0.69 -42.12
N LYS B 27 0.86 0.86 -43.24
CA LYS B 27 1.03 2.04 -44.07
C LYS B 27 0.14 3.16 -43.54
N ILE B 28 0.76 4.26 -43.12
CA ILE B 28 0.05 5.40 -42.55
C ILE B 28 0.01 6.50 -43.62
N ASP B 29 -1.20 6.74 -44.13
CA ASP B 29 -1.44 7.63 -45.26
C ASP B 29 -1.59 9.08 -44.84
N HIS B 30 -2.27 9.34 -43.73
CA HIS B 30 -2.55 10.69 -43.27
C HIS B 30 -2.74 10.67 -41.76
N TYR B 31 -2.84 11.85 -41.17
CA TYR B 31 -3.05 11.99 -39.74
C TYR B 31 -4.46 12.49 -39.46
N PRO B 32 -4.99 12.23 -38.26
CA PRO B 32 -6.30 12.80 -37.89
C PRO B 32 -6.31 14.32 -38.07
N GLY B 33 -7.39 14.82 -38.66
CA GLY B 33 -7.49 16.21 -39.02
C GLY B 33 -7.07 16.54 -40.44
N GLY B 34 -6.37 15.65 -41.11
CA GLY B 34 -6.16 15.75 -42.54
C GLY B 34 -4.74 15.98 -43.03
N GLN B 35 -3.79 16.37 -42.18
CA GLN B 35 -2.43 16.58 -42.66
C GLN B 35 -1.91 15.34 -43.34
N THR B 36 -1.34 15.52 -44.52
CA THR B 36 -0.76 14.40 -45.25
C THR B 36 0.52 13.94 -44.57
N ALA B 37 0.80 12.63 -44.69
CA ALA B 37 2.08 12.06 -44.32
C ALA B 37 3.17 12.77 -45.13
N PRO B 38 4.45 12.64 -44.77
CA PRO B 38 5.50 13.33 -45.52
C PRO B 38 5.51 12.92 -47.00
N THR B 39 5.92 13.87 -47.84
CA THR B 39 5.91 13.68 -49.30
C THR B 39 7.30 13.96 -49.88
N PRO B 40 8.31 13.18 -49.52
CA PRO B 40 9.56 13.23 -50.28
C PRO B 40 9.35 12.54 -51.62
N LYS B 41 10.12 12.96 -52.63
CA LYS B 41 10.02 12.33 -53.93
C LYS B 41 10.32 10.83 -53.85
N GLN B 42 11.16 10.44 -52.91
CA GLN B 42 11.59 9.06 -52.76
C GLN B 42 11.96 8.83 -51.30
N ILE B 43 11.94 7.57 -50.89
CA ILE B 43 12.54 7.16 -49.61
C ILE B 43 13.56 6.07 -49.90
N ASP B 44 14.75 6.23 -49.33
CA ASP B 44 15.81 5.24 -49.47
C ASP B 44 15.82 4.29 -48.27
N PHE B 45 14.65 3.80 -47.89
CA PHE B 45 14.55 2.80 -46.82
C PHE B 45 13.23 2.07 -46.96
N THR B 46 13.11 0.97 -46.21
CA THR B 46 11.84 0.29 -46.06
C THR B 46 11.28 0.59 -44.67
N PRO B 47 10.06 1.10 -44.56
CA PRO B 47 9.47 1.35 -43.22
C PRO B 47 9.55 0.10 -42.35
N GLY B 48 9.91 0.31 -41.09
CA GLY B 48 10.20 -0.76 -40.17
C GLY B 48 11.66 -0.94 -39.85
N GLU B 49 12.55 -0.35 -40.65
CA GLU B 49 13.98 -0.45 -40.40
C GLU B 49 14.43 0.57 -39.38
N LEU B 50 15.58 0.30 -38.76
CA LEU B 50 16.16 1.22 -37.79
C LEU B 50 16.83 2.37 -38.54
N LEU B 51 16.23 3.55 -38.46
CA LEU B 51 16.70 4.71 -39.21
C LEU B 51 17.38 5.74 -38.33
N GLY B 52 17.00 5.84 -37.06
CA GLY B 52 17.49 6.85 -36.15
C GLY B 52 18.85 6.61 -35.54
N SER B 53 19.49 5.48 -35.85
CA SER B 53 20.82 5.21 -35.34
C SER B 53 21.87 5.53 -36.41
N VAL B 54 23.13 5.50 -35.98
CA VAL B 54 24.25 5.91 -36.83
C VAL B 54 24.21 5.15 -38.16
N SER B 55 24.01 3.84 -38.10
CA SER B 55 24.02 3.05 -39.33
C SER B 55 22.79 3.31 -40.19
N GLY B 56 21.70 3.78 -39.59
CA GLY B 56 20.49 4.03 -40.35
C GLY B 56 20.56 5.31 -41.17
N GLU B 57 21.26 6.33 -40.66
CA GLU B 57 21.53 7.56 -41.38
C GLU B 57 20.26 8.27 -41.84
N LEU B 58 19.13 7.94 -41.22
CA LEU B 58 17.81 8.43 -41.65
C LEU B 58 17.56 8.19 -43.14
N GLY B 59 18.31 7.27 -43.74
CA GLY B 59 18.22 6.99 -45.17
C GLY B 59 18.63 8.16 -46.05
N LEU B 60 19.60 8.96 -45.62
CA LEU B 60 19.86 10.24 -46.27
C LEU B 60 21.12 10.27 -47.13
N ARG B 61 22.02 9.30 -47.02
CA ARG B 61 23.34 9.45 -47.63
C ARG B 61 23.28 9.53 -49.15
N LYS B 62 22.66 8.53 -49.79
CA LYS B 62 22.71 8.45 -51.24
C LYS B 62 21.98 9.63 -51.89
N TYR B 63 20.94 10.14 -51.24
CA TYR B 63 20.28 11.34 -51.75
C TYR B 63 21.17 12.57 -51.62
N LEU B 64 21.87 12.71 -50.50
CA LEU B 64 22.66 13.91 -50.28
C LEU B 64 23.95 13.86 -51.10
N GLU B 65 24.69 12.75 -51.01
CA GLU B 65 25.92 12.64 -51.79
C GLU B 65 25.64 12.69 -53.28
N GLY B 66 24.45 12.26 -53.71
CA GLY B 66 24.09 12.32 -55.11
C GLY B 66 23.87 13.72 -55.63
N LEU B 67 23.58 14.67 -54.73
CA LEU B 67 23.50 16.07 -55.09
C LEU B 67 24.86 16.76 -55.04
N GLY B 68 25.91 16.04 -54.65
CA GLY B 68 27.23 16.62 -54.49
C GLY B 68 27.55 17.14 -53.11
N HIS B 69 26.68 16.90 -52.14
CA HIS B 69 26.92 17.32 -50.77
C HIS B 69 27.65 16.23 -49.99
N THR B 70 28.22 16.62 -48.86
CA THR B 70 28.84 15.68 -47.94
C THR B 70 28.02 15.62 -46.65
N LEU B 71 27.82 14.40 -46.15
CA LEU B 71 26.97 14.16 -44.99
C LEU B 71 27.82 13.54 -43.89
N VAL B 72 27.87 14.19 -42.74
CA VAL B 72 28.58 13.68 -41.58
C VAL B 72 27.55 13.14 -40.59
N VAL B 73 27.60 11.85 -40.32
CA VAL B 73 26.72 11.20 -39.35
C VAL B 73 27.56 10.74 -38.16
N THR B 74 27.10 11.06 -36.95
CA THR B 74 27.83 10.72 -35.74
C THR B 74 26.88 10.71 -34.56
N SER B 75 27.26 9.96 -33.53
CA SER B 75 26.58 10.04 -32.24
C SER B 75 27.32 10.91 -31.24
N ASP B 76 28.52 11.38 -31.60
CA ASP B 76 29.42 12.08 -30.69
C ASP B 76 29.02 13.55 -30.63
N LYS B 77 28.24 13.90 -29.62
CA LYS B 77 27.66 15.26 -29.56
C LYS B 77 28.05 16.08 -28.33
N GLU B 78 28.82 15.52 -27.40
CA GLU B 78 29.14 16.22 -26.13
C GLU B 78 30.64 16.60 -26.09
N GLY B 79 30.94 17.85 -25.78
CA GLY B 79 32.32 18.34 -25.66
C GLY B 79 32.78 19.19 -26.81
N GLU B 80 33.87 19.81 -26.68
N GLU B 80 33.88 19.80 -26.68
CA GLU B 80 34.33 20.78 -27.71
CA GLU B 80 34.33 20.78 -27.71
C GLU B 80 35.24 20.05 -28.70
C GLU B 80 35.25 20.06 -28.71
N ASP B 81 35.86 18.96 -28.26
CA ASP B 81 36.77 18.16 -29.11
C ASP B 81 36.02 16.94 -29.67
N SER B 82 34.69 17.03 -29.75
CA SER B 82 33.85 15.92 -30.28
C SER B 82 33.70 16.08 -31.80
N VAL B 83 32.97 15.16 -32.44
CA VAL B 83 32.77 15.22 -33.89
C VAL B 83 31.75 16.30 -34.23
N PHE B 84 30.69 16.39 -33.42
CA PHE B 84 29.64 17.36 -33.68
C PHE B 84 30.15 18.80 -33.63
N GLU B 85 30.68 19.20 -32.47
CA GLU B 85 31.14 20.58 -32.31
C GLU B 85 32.36 20.90 -33.18
N ARG B 86 33.10 19.88 -33.62
CA ARG B 86 34.23 20.12 -34.50
C ARG B 86 33.77 20.40 -35.93
N GLU B 87 32.73 19.69 -36.40
CA GLU B 87 32.18 19.88 -37.74
C GLU B 87 31.21 21.04 -37.81
N LEU B 88 30.68 21.47 -36.66
CA LEU B 88 29.66 22.52 -36.61
C LEU B 88 30.02 23.78 -37.38
N PRO B 89 31.23 24.35 -37.29
CA PRO B 89 31.50 25.60 -38.02
C PRO B 89 31.36 25.48 -39.54
N ASP B 90 31.38 24.27 -40.09
CA ASP B 90 31.21 24.07 -41.53
C ASP B 90 29.80 23.74 -41.95
N ALA B 91 28.92 23.41 -41.01
CA ALA B 91 27.63 22.84 -41.36
C ALA B 91 26.69 23.93 -41.88
N GLU B 92 26.18 23.74 -43.09
CA GLU B 92 25.04 24.55 -43.51
C GLU B 92 23.77 24.06 -42.84
N ILE B 93 23.64 22.74 -42.70
CA ILE B 93 22.45 22.10 -42.13
C ILE B 93 22.88 21.23 -40.95
N VAL B 94 22.17 21.36 -39.83
CA VAL B 94 22.31 20.46 -38.70
C VAL B 94 21.00 19.69 -38.54
N ILE B 95 21.10 18.37 -38.38
CA ILE B 95 19.96 17.51 -38.08
C ILE B 95 20.26 16.77 -36.79
N SER B 96 19.24 16.65 -35.94
CA SER B 96 19.29 15.70 -34.83
C SER B 96 17.87 15.46 -34.35
N GLN B 97 17.72 14.38 -33.58
CA GLN B 97 16.53 13.84 -32.93
C GLN B 97 16.51 14.25 -31.46
N PRO B 98 15.33 14.56 -30.93
CA PRO B 98 15.24 14.94 -29.51
C PRO B 98 15.67 13.84 -28.56
N PHE B 99 15.60 12.57 -28.99
CA PHE B 99 15.98 11.44 -28.15
C PHE B 99 17.49 11.36 -27.92
N TRP B 100 18.28 11.97 -28.81
CA TRP B 100 19.73 12.08 -28.65
C TRP B 100 20.13 13.45 -29.21
N PRO B 101 19.79 14.52 -28.49
CA PRO B 101 19.73 15.84 -29.12
C PRO B 101 21.09 16.54 -29.14
N ALA B 102 21.44 17.07 -30.31
CA ALA B 102 22.59 17.96 -30.44
C ALA B 102 22.14 19.34 -29.98
N TYR B 103 22.47 19.68 -28.73
CA TYR B 103 22.01 20.95 -28.16
C TYR B 103 22.64 22.13 -28.91
N LEU B 104 21.80 22.97 -29.49
CA LEU B 104 22.28 24.16 -30.20
C LEU B 104 22.15 25.36 -29.26
N THR B 105 23.13 25.48 -28.37
CA THR B 105 23.21 26.60 -27.47
C THR B 105 23.58 27.88 -28.21
N PRO B 106 23.41 29.04 -27.57
CA PRO B 106 23.89 30.29 -28.19
C PRO B 106 25.38 30.27 -28.44
N GLU B 107 26.17 29.69 -27.54
CA GLU B 107 27.61 29.59 -27.75
C GLU B 107 27.94 28.73 -28.96
N ARG B 108 27.20 27.62 -29.15
CA ARG B 108 27.46 26.77 -30.30
C ARG B 108 26.95 27.43 -31.59
N ILE B 109 25.83 28.14 -31.51
CA ILE B 109 25.30 28.82 -32.69
C ILE B 109 26.23 29.94 -33.12
N ALA B 110 26.84 30.63 -32.15
CA ALA B 110 27.83 31.66 -32.49
C ALA B 110 29.00 31.08 -33.26
N LYS B 111 29.36 29.83 -32.97
CA LYS B 111 30.45 29.19 -33.70
C LYS B 111 30.01 28.68 -35.06
N ALA B 112 28.71 28.39 -35.24
CA ALA B 112 28.21 27.78 -36.47
C ALA B 112 28.01 28.83 -37.54
N LYS B 113 29.13 29.29 -38.11
CA LYS B 113 29.11 30.44 -39.00
C LYS B 113 28.30 30.17 -40.27
N LYS B 114 28.23 28.93 -40.73
CA LYS B 114 27.56 28.61 -41.97
C LYS B 114 26.14 28.09 -41.76
N LEU B 115 25.68 27.95 -40.52
CA LEU B 115 24.41 27.28 -40.25
C LEU B 115 23.23 28.13 -40.71
N LYS B 116 22.37 27.54 -41.54
CA LYS B 116 21.14 28.20 -41.97
C LYS B 116 19.88 27.39 -41.68
N LEU B 117 19.97 26.06 -41.58
CA LEU B 117 18.82 25.20 -41.35
C LEU B 117 19.13 24.20 -40.24
N ALA B 118 18.34 24.24 -39.17
CA ALA B 118 18.41 23.25 -38.09
C ALA B 118 17.13 22.43 -38.15
N VAL B 119 17.27 21.14 -38.46
CA VAL B 119 16.12 20.24 -38.60
C VAL B 119 16.02 19.37 -37.36
N THR B 120 14.83 19.33 -36.75
CA THR B 120 14.51 18.38 -35.70
C THR B 120 13.91 17.14 -36.37
N ALA B 121 14.67 16.06 -36.43
CA ALA B 121 14.17 14.79 -36.95
C ALA B 121 13.28 14.18 -35.87
N GLY B 122 12.04 14.65 -35.84
CA GLY B 122 11.10 14.33 -34.78
C GLY B 122 10.19 15.51 -34.52
N ILE B 123 9.72 15.68 -33.28
CA ILE B 123 8.88 16.80 -32.90
C ILE B 123 9.43 17.42 -31.62
N GLY B 124 9.55 18.74 -31.61
CA GLY B 124 10.03 19.45 -30.43
C GLY B 124 11.43 20.00 -30.59
N SER B 125 11.54 21.32 -30.73
CA SER B 125 12.79 21.95 -31.09
C SER B 125 13.40 22.75 -29.93
N ASP B 126 13.00 22.42 -28.70
CA ASP B 126 13.51 23.13 -27.53
C ASP B 126 15.00 22.92 -27.31
N HIS B 127 15.60 21.89 -27.93
CA HIS B 127 17.04 21.70 -27.81
C HIS B 127 17.82 22.70 -28.65
N VAL B 128 17.14 23.43 -29.54
CA VAL B 128 17.70 24.58 -30.25
C VAL B 128 17.35 25.83 -29.45
N ASP B 129 18.30 26.76 -29.34
CA ASP B 129 18.02 28.07 -28.77
C ASP B 129 17.28 28.90 -29.81
N LEU B 130 15.96 28.99 -29.66
CA LEU B 130 15.14 29.68 -30.66
C LEU B 130 15.49 31.17 -30.72
N GLU B 131 15.80 31.79 -29.58
CA GLU B 131 16.13 33.21 -29.56
C GLU B 131 17.39 33.47 -30.38
N ALA B 132 18.41 32.61 -30.23
CA ALA B 132 19.64 32.80 -31.00
C ALA B 132 19.45 32.47 -32.48
N ALA B 133 18.58 31.50 -32.78
CA ALA B 133 18.32 31.17 -34.18
C ALA B 133 17.59 32.31 -34.88
N ILE B 134 16.66 32.95 -34.17
CA ILE B 134 15.99 34.13 -34.71
C ILE B 134 17.01 35.23 -34.97
N LYS B 135 17.96 35.39 -34.05
CA LYS B 135 18.94 36.47 -34.14
C LYS B 135 19.85 36.28 -35.35
N ASN B 136 20.26 35.04 -35.64
CA ASN B 136 21.22 34.76 -36.69
C ASN B 136 20.57 34.36 -38.00
N GLY B 137 19.25 34.52 -38.13
CA GLY B 137 18.58 34.23 -39.39
C GLY B 137 18.58 32.76 -39.76
N ILE B 138 18.48 31.89 -38.76
CA ILE B 138 18.52 30.45 -38.97
C ILE B 138 17.10 29.91 -39.03
N THR B 139 16.83 29.06 -40.01
CA THR B 139 15.53 28.42 -40.13
C THR B 139 15.49 27.16 -39.28
N VAL B 140 14.38 26.95 -38.56
CA VAL B 140 14.21 25.80 -37.67
C VAL B 140 12.94 25.06 -38.05
N ALA B 141 13.08 23.77 -38.40
CA ALA B 141 11.96 22.95 -38.80
C ALA B 141 11.95 21.63 -38.03
N GLU B 142 10.76 21.05 -37.91
CA GLU B 142 10.55 19.73 -37.34
C GLU B 142 9.43 19.05 -38.10
N VAL B 143 9.32 17.72 -37.94
CA VAL B 143 8.34 16.95 -38.71
C VAL B 143 7.09 16.87 -37.85
N THR B 144 6.33 17.97 -37.84
CA THR B 144 5.05 18.05 -37.16
C THR B 144 4.17 16.84 -37.46
N TYR B 145 3.60 16.25 -36.41
CA TYR B 145 2.64 15.15 -36.40
C TYR B 145 3.29 13.79 -36.64
N SER B 146 4.59 13.72 -36.98
CA SER B 146 5.18 12.45 -37.39
C SER B 146 5.15 11.39 -36.29
N ASN B 147 5.23 11.78 -35.01
CA ASN B 147 5.17 10.80 -33.93
C ASN B 147 4.19 11.21 -32.83
N SER B 148 3.22 12.08 -33.13
CA SER B 148 2.25 12.49 -32.13
C SER B 148 1.40 11.31 -31.67
N ILE B 149 0.91 10.51 -32.62
CA ILE B 149 0.12 9.33 -32.27
C ILE B 149 0.95 8.37 -31.43
N SER B 150 2.21 8.14 -31.81
CA SER B 150 3.07 7.22 -31.07
C SER B 150 3.14 7.61 -29.59
N VAL B 151 3.26 8.90 -29.32
CA VAL B 151 3.38 9.36 -27.93
C VAL B 151 2.07 9.14 -27.18
N SER B 152 0.95 9.41 -27.84
CA SER B 152 -0.35 9.25 -27.19
C SER B 152 -0.58 7.80 -26.79
N GLU B 153 -0.04 6.85 -27.56
CA GLU B 153 -0.09 5.44 -27.15
C GLU B 153 0.75 5.21 -25.90
N HIS B 154 1.98 5.73 -25.89
CA HIS B 154 2.87 5.64 -24.75
C HIS B 154 2.23 6.21 -23.49
N VAL B 155 1.44 7.28 -23.65
CA VAL B 155 0.83 7.93 -22.49
C VAL B 155 -0.20 7.02 -21.86
N VAL B 156 -1.15 6.52 -22.67
CA VAL B 156 -2.19 5.65 -22.13
C VAL B 156 -1.56 4.42 -21.50
N MET B 157 -0.51 3.89 -22.13
CA MET B 157 0.25 2.79 -21.54
C MET B 157 0.75 3.16 -20.15
N MET B 158 1.35 4.33 -20.01
CA MET B 158 1.98 4.69 -18.73
C MET B 158 0.95 5.03 -17.67
N ILE B 159 -0.14 5.70 -18.06
CA ILE B 159 -1.24 5.94 -17.14
C ILE B 159 -1.73 4.62 -16.55
N LEU B 160 -2.00 3.65 -17.42
CA LEU B 160 -2.48 2.35 -16.96
C LEU B 160 -1.44 1.64 -16.09
N SER B 161 -0.16 1.78 -16.43
CA SER B 161 0.86 1.08 -15.66
C SER B 161 1.01 1.68 -14.27
N LEU B 162 0.94 3.00 -14.15
CA LEU B 162 1.00 3.64 -12.84
C LEU B 162 -0.21 3.24 -12.00
N VAL B 163 -1.41 3.45 -12.54
CA VAL B 163 -2.64 3.25 -11.77
C VAL B 163 -2.78 1.78 -11.38
N ARG B 164 -2.57 0.88 -12.34
CA ARG B 164 -2.76 -0.55 -12.07
C ARG B 164 -1.56 -1.20 -11.40
N ASN B 165 -0.42 -0.51 -11.31
CA ASN B 165 0.80 -1.00 -10.65
C ASN B 165 1.42 -2.20 -11.40
N TYR B 166 1.74 -1.95 -12.67
CA TYR B 166 2.22 -2.99 -13.58
C TYR B 166 3.64 -3.44 -13.24
N ILE B 167 4.57 -2.50 -13.13
CA ILE B 167 6.00 -2.81 -13.12
C ILE B 167 6.44 -3.52 -11.83
N PRO B 168 6.04 -3.07 -10.63
CA PRO B 168 6.38 -3.89 -9.44
C PRO B 168 5.75 -5.27 -9.50
N SER B 169 4.61 -5.41 -10.19
CA SER B 169 3.97 -6.71 -10.29
C SER B 169 4.72 -7.62 -11.26
N TYR B 170 5.19 -7.06 -12.37
CA TYR B 170 6.07 -7.83 -13.24
C TYR B 170 7.32 -8.27 -12.49
N GLN B 171 7.82 -7.42 -11.59
CA GLN B 171 9.05 -7.77 -10.89
C GLN B 171 8.86 -8.96 -9.96
N TRP B 172 7.66 -9.14 -9.41
CA TRP B 172 7.43 -10.33 -8.59
C TRP B 172 7.45 -11.60 -9.43
N VAL B 173 7.06 -11.51 -10.70
CA VAL B 173 7.12 -12.66 -11.59
C VAL B 173 8.57 -13.10 -11.76
N ILE B 174 9.47 -12.14 -11.99
CA ILE B 174 10.87 -12.43 -12.24
C ILE B 174 11.59 -12.86 -10.97
N LYS B 175 11.13 -12.39 -9.81
CA LYS B 175 11.68 -12.85 -8.54
C LYS B 175 11.19 -14.23 -8.14
N GLY B 176 10.27 -14.82 -8.90
CA GLY B 176 9.72 -16.12 -8.58
C GLY B 176 8.54 -16.12 -7.64
N GLY B 177 7.94 -14.96 -7.36
CA GLY B 177 6.89 -14.84 -6.38
C GLY B 177 5.50 -14.86 -6.98
N TRP B 178 4.52 -14.54 -6.14
CA TRP B 178 3.12 -14.44 -6.52
C TRP B 178 2.59 -13.15 -5.91
N ASN B 179 2.49 -13.13 -4.58
CA ASN B 179 2.45 -11.89 -3.82
C ASN B 179 1.33 -10.96 -4.30
N ILE B 180 0.12 -11.50 -4.38
CA ILE B 180 -1.01 -10.75 -4.91
C ILE B 180 -1.24 -9.48 -4.10
N ALA B 181 -1.24 -9.61 -2.77
CA ALA B 181 -1.50 -8.48 -1.90
C ALA B 181 -0.41 -7.41 -1.99
N ASP B 182 0.84 -7.82 -2.22
CA ASP B 182 1.90 -6.84 -2.43
C ASP B 182 1.72 -6.12 -3.76
N CYS B 183 1.15 -6.79 -4.76
CA CYS B 183 0.92 -6.15 -6.05
C CYS B 183 -0.24 -5.18 -6.00
N VAL B 184 -1.35 -5.58 -5.37
CA VAL B 184 -2.61 -4.84 -5.52
C VAL B 184 -2.89 -3.88 -4.38
N GLU B 185 -2.04 -3.85 -3.35
CA GLU B 185 -2.26 -2.84 -2.31
C GLU B 185 -2.07 -1.42 -2.83
N ARG B 186 -1.56 -1.27 -4.05
CA ARG B 186 -1.46 0.00 -4.75
C ARG B 186 -1.96 -0.13 -6.18
N SER B 187 -2.94 -0.99 -6.43
CA SER B 187 -3.48 -1.22 -7.76
C SER B 187 -4.94 -0.77 -7.81
N TYR B 188 -5.24 0.10 -8.77
CA TYR B 188 -6.58 0.64 -8.97
C TYR B 188 -6.99 0.49 -10.42
N ASP B 189 -8.30 0.60 -10.66
CA ASP B 189 -8.80 0.77 -12.01
C ASP B 189 -8.75 2.25 -12.41
N LEU B 190 -8.58 2.49 -13.71
CA LEU B 190 -8.67 3.84 -14.24
C LEU B 190 -10.11 4.30 -14.41
N GLU B 191 -11.04 3.36 -14.55
CA GLU B 191 -12.46 3.64 -14.82
C GLU B 191 -13.03 4.68 -13.86
N ALA B 192 -13.62 5.73 -14.43
CA ALA B 192 -14.31 6.81 -13.71
C ALA B 192 -13.36 7.70 -12.92
N MET B 193 -12.06 7.60 -13.12
CA MET B 193 -11.18 8.63 -12.59
C MET B 193 -11.30 9.89 -13.43
N HIS B 194 -10.88 11.01 -12.86
CA HIS B 194 -10.75 12.26 -13.59
C HIS B 194 -9.35 12.31 -14.19
N VAL B 195 -9.27 12.45 -15.50
CA VAL B 195 -7.99 12.61 -16.20
C VAL B 195 -7.98 13.96 -16.87
N GLY B 196 -6.85 14.65 -16.77
CA GLY B 196 -6.67 15.94 -17.43
C GLY B 196 -5.35 16.01 -18.15
N THR B 197 -5.37 16.66 -19.31
CA THR B 197 -4.17 16.87 -20.11
C THR B 197 -3.82 18.35 -20.14
N VAL B 198 -2.53 18.65 -19.95
CA VAL B 198 -1.97 19.97 -20.24
C VAL B 198 -1.66 19.96 -21.74
N ALA B 199 -2.47 20.70 -22.51
CA ALA B 199 -2.47 20.81 -23.97
C ALA B 199 -3.40 19.75 -24.55
N ALA B 200 -4.08 20.13 -25.61
CA ALA B 200 -4.96 19.24 -26.38
C ALA B 200 -4.57 19.40 -27.86
N GLY B 201 -3.29 19.32 -28.16
CA GLY B 201 -2.76 19.42 -29.54
C GLY B 201 -2.70 18.07 -30.23
N ARG B 202 -1.75 17.85 -31.13
CA ARG B 202 -1.65 16.56 -31.85
C ARG B 202 -1.54 15.39 -30.86
N ILE B 203 -0.73 15.53 -29.82
CA ILE B 203 -0.66 14.44 -28.83
C ILE B 203 -1.87 14.49 -27.89
N GLY B 204 -2.10 15.61 -27.25
CA GLY B 204 -3.18 15.78 -26.28
C GLY B 204 -4.53 15.31 -26.75
N LEU B 205 -4.96 15.77 -27.93
CA LEU B 205 -6.25 15.35 -28.51
C LEU B 205 -6.23 13.83 -28.69
N ALA B 206 -5.14 13.29 -29.21
CA ALA B 206 -4.99 11.85 -29.45
C ALA B 206 -5.09 11.06 -28.14
N VAL B 207 -4.55 11.60 -27.04
CA VAL B 207 -4.65 10.96 -25.69
C VAL B 207 -6.11 11.00 -25.23
N LEU B 208 -6.79 12.13 -25.42
CA LEU B 208 -8.20 12.31 -25.01
C LEU B 208 -9.11 11.34 -25.74
N LYS B 209 -8.91 11.16 -27.04
CA LYS B 209 -9.73 10.23 -27.84
C LYS B 209 -9.54 8.79 -27.35
N ARG B 210 -8.31 8.43 -27.03
CA ARG B 210 -7.95 7.08 -26.56
C ARG B 210 -8.49 6.85 -25.15
N LEU B 211 -8.49 7.88 -24.31
CA LEU B 211 -8.95 7.78 -22.91
C LEU B 211 -10.47 7.63 -22.80
N LYS B 212 -11.19 8.17 -23.77
CA LYS B 212 -12.66 8.27 -23.75
C LYS B 212 -13.37 6.94 -23.50
N PRO B 213 -13.09 5.83 -24.20
CA PRO B 213 -13.74 4.56 -23.94
C PRO B 213 -13.38 3.85 -22.62
N PHE B 214 -12.44 4.38 -21.84
CA PHE B 214 -12.09 3.91 -20.47
C PHE B 214 -13.10 4.49 -19.44
N ASP B 215 -14.03 5.34 -19.88
CA ASP B 215 -15.11 5.97 -19.10
C ASP B 215 -14.49 6.84 -18.02
N VAL B 216 -13.45 7.56 -18.37
CA VAL B 216 -12.87 8.55 -17.42
C VAL B 216 -13.59 9.88 -17.62
N LYS B 217 -13.40 10.81 -16.69
CA LYS B 217 -13.95 12.17 -16.78
C LYS B 217 -12.82 13.01 -17.36
N LEU B 218 -12.99 13.51 -18.58
CA LEU B 218 -11.88 14.22 -19.27
C LEU B 218 -11.82 15.72 -18.96
N HIS B 219 -10.61 16.22 -18.80
CA HIS B 219 -10.30 17.63 -18.49
C HIS B 219 -9.13 18.07 -19.37
N TYR B 220 -9.06 19.35 -19.68
CA TYR B 220 -7.95 19.88 -20.49
C TYR B 220 -7.70 21.34 -20.13
N PHE B 221 -6.46 21.72 -20.24
CA PHE B 221 -6.05 23.12 -20.04
C PHE B 221 -5.06 23.46 -21.16
N GLN B 222 -5.34 24.54 -21.88
CA GLN B 222 -4.48 25.14 -22.91
C GLN B 222 -4.83 26.63 -23.04
N ARG B 223 -4.01 27.40 -23.72
CA ARG B 223 -4.25 28.84 -23.86
C ARG B 223 -5.47 29.09 -24.74
N HIS B 224 -5.73 28.23 -25.70
CA HIS B 224 -6.92 28.45 -26.57
C HIS B 224 -7.82 27.23 -26.52
N ARG B 225 -9.11 27.46 -26.35
CA ARG B 225 -10.04 26.32 -26.32
C ARG B 225 -10.10 25.63 -27.68
N LEU B 226 -10.44 24.35 -27.63
CA LEU B 226 -10.79 23.56 -28.83
C LEU B 226 -12.19 23.99 -29.28
N PRO B 227 -12.65 23.65 -30.49
CA PRO B 227 -14.02 23.93 -30.91
C PRO B 227 -15.02 23.30 -29.92
N GLU B 228 -16.07 24.04 -29.61
CA GLU B 228 -17.07 23.55 -28.64
C GLU B 228 -17.63 22.20 -29.10
N SER B 229 -17.82 22.04 -30.39
CA SER B 229 -18.31 20.78 -30.91
C SER B 229 -17.38 19.63 -30.58
N VAL B 230 -16.07 19.88 -30.64
CA VAL B 230 -15.11 18.86 -30.27
C VAL B 230 -15.19 18.54 -28.78
N GLU B 231 -15.40 19.57 -27.95
CA GLU B 231 -15.48 19.37 -26.51
C GLU B 231 -16.66 18.48 -26.13
N ASN B 232 -17.82 18.74 -26.73
N ASN B 232 -17.82 18.74 -26.73
CA ASN B 232 -19.07 17.99 -26.41
CA ASN B 232 -19.07 17.99 -26.41
C ASN B 232 -19.00 16.55 -26.93
C ASN B 232 -19.02 16.55 -26.93
N GLU B 233 -18.27 16.32 -28.03
CA GLU B 233 -18.19 14.99 -28.62
C GLU B 233 -17.34 14.06 -27.75
N LEU B 234 -16.36 14.61 -27.04
CA LEU B 234 -15.50 13.85 -26.16
C LEU B 234 -15.85 13.99 -24.67
N GLY B 235 -16.74 14.92 -24.32
CA GLY B 235 -17.10 15.11 -22.92
C GLY B 235 -16.03 15.83 -22.14
N LEU B 236 -15.45 16.87 -22.73
CA LEU B 236 -14.34 17.59 -22.11
C LEU B 236 -14.84 18.75 -21.26
N THR B 237 -14.23 18.90 -20.09
CA THR B 237 -14.30 20.15 -19.34
C THR B 237 -12.99 20.92 -19.52
N TYR B 238 -13.10 22.16 -19.98
CA TYR B 238 -11.96 23.03 -20.14
C TYR B 238 -11.70 23.79 -18.85
N HIS B 239 -10.42 24.13 -18.62
CA HIS B 239 -10.03 24.85 -17.41
C HIS B 239 -9.17 26.05 -17.80
N PRO B 240 -9.41 27.22 -17.20
CA PRO B 240 -8.65 28.41 -17.61
C PRO B 240 -7.21 28.42 -17.13
N SER B 241 -6.85 27.60 -16.15
CA SER B 241 -5.49 27.55 -15.65
C SER B 241 -5.12 26.11 -15.33
N VAL B 242 -3.80 25.85 -15.33
CA VAL B 242 -3.31 24.55 -14.87
C VAL B 242 -3.83 24.27 -13.47
N GLU B 243 -3.71 25.27 -12.58
CA GLU B 243 -4.10 25.09 -11.18
C GLU B 243 -5.54 24.60 -11.07
N ASP B 244 -6.44 25.24 -11.82
CA ASP B 244 -7.86 24.89 -11.74
C ASP B 244 -8.09 23.46 -12.22
N MET B 245 -7.28 22.98 -13.17
CA MET B 245 -7.47 21.62 -13.66
C MET B 245 -6.91 20.59 -12.67
N VAL B 246 -5.67 20.77 -12.22
CA VAL B 246 -5.00 19.71 -11.48
C VAL B 246 -5.66 19.46 -10.12
N LYS B 247 -6.44 20.42 -9.60
CA LYS B 247 -6.99 20.23 -8.26
C LYS B 247 -8.14 19.22 -8.25
N VAL B 248 -8.68 18.84 -9.41
CA VAL B 248 -9.74 17.83 -9.45
C VAL B 248 -9.33 16.60 -10.25
N CYS B 249 -8.05 16.46 -10.56
CA CYS B 249 -7.60 15.35 -11.38
C CYS B 249 -6.97 14.24 -10.55
N ASP B 250 -7.35 13.00 -10.85
CA ASP B 250 -6.64 11.85 -10.31
C ASP B 250 -5.40 11.54 -11.13
N VAL B 251 -5.42 11.89 -12.42
CA VAL B 251 -4.31 11.65 -13.35
C VAL B 251 -4.12 12.91 -14.17
N VAL B 252 -2.86 13.31 -14.35
CA VAL B 252 -2.52 14.47 -15.18
C VAL B 252 -1.49 14.05 -16.21
N THR B 253 -1.71 14.43 -17.47
CA THR B 253 -0.77 14.23 -18.55
C THR B 253 -0.29 15.57 -19.08
N ILE B 254 1.02 15.71 -19.27
CA ILE B 254 1.60 16.91 -19.85
C ILE B 254 1.92 16.63 -21.30
N ASN B 255 1.33 17.41 -22.21
CA ASN B 255 1.54 17.24 -23.63
C ASN B 255 1.77 18.59 -24.34
N ALA B 256 2.41 19.51 -23.66
CA ALA B 256 2.77 20.83 -24.15
C ALA B 256 4.24 20.87 -24.55
N PRO B 257 4.63 21.77 -25.45
CA PRO B 257 6.05 21.93 -25.76
C PRO B 257 6.76 22.68 -24.64
N LEU B 258 8.09 22.60 -24.69
CA LEU B 258 8.94 23.31 -23.74
C LEU B 258 9.23 24.71 -24.29
N HIS B 259 8.74 25.74 -23.59
CA HIS B 259 9.06 27.13 -23.89
C HIS B 259 8.85 27.91 -22.59
N PRO B 260 9.13 29.23 -22.54
CA PRO B 260 9.01 29.94 -21.25
C PRO B 260 7.67 29.77 -20.53
N GLY B 261 6.58 29.55 -21.26
CA GLY B 261 5.29 29.37 -20.60
C GLY B 261 5.22 28.09 -19.80
N THR B 262 5.97 27.06 -20.22
CA THR B 262 5.89 25.75 -19.60
C THR B 262 7.14 25.35 -18.82
N LEU B 263 8.22 26.13 -18.87
CA LEU B 263 9.43 25.79 -18.13
C LEU B 263 9.16 25.81 -16.62
N ASP B 264 9.57 24.74 -15.93
CA ASP B 264 9.45 24.64 -14.49
C ASP B 264 8.00 24.82 -14.03
N LEU B 265 7.06 24.41 -14.89
CA LEU B 265 5.64 24.60 -14.59
C LEU B 265 5.20 23.75 -13.41
N PHE B 266 5.50 22.46 -13.45
CA PHE B 266 5.15 21.56 -12.35
C PHE B 266 6.28 21.58 -11.34
N ASN B 267 6.21 22.56 -10.45
CA ASN B 267 7.16 22.74 -9.36
C ASN B 267 6.51 22.34 -8.05
N ASP B 268 7.20 22.61 -6.93
CA ASP B 268 6.66 22.29 -5.60
C ASP B 268 5.26 22.86 -5.43
N GLU B 269 5.07 24.12 -5.80
CA GLU B 269 3.80 24.80 -5.56
C GLU B 269 2.67 24.12 -6.33
N LEU B 270 2.81 23.98 -7.64
CA LEU B 270 1.74 23.41 -8.45
C LEU B 270 1.46 21.96 -8.06
N ILE B 271 2.53 21.18 -7.82
CA ILE B 271 2.35 19.78 -7.47
C ILE B 271 1.63 19.64 -6.13
N SER B 272 1.88 20.57 -5.20
CA SER B 272 1.19 20.52 -3.93
C SER B 272 -0.31 20.81 -4.07
N LYS B 273 -0.74 21.41 -5.18
CA LYS B 273 -2.14 21.69 -5.40
C LYS B 273 -2.87 20.53 -6.07
N MET B 274 -2.12 19.54 -6.58
CA MET B 274 -2.72 18.32 -7.10
C MET B 274 -3.35 17.51 -5.97
N LYS B 275 -4.20 16.56 -6.34
CA LYS B 275 -4.77 15.65 -5.35
C LYS B 275 -3.68 14.80 -4.70
N ARG B 276 -3.81 14.57 -3.39
CA ARG B 276 -2.96 13.61 -2.71
C ARG B 276 -3.06 12.26 -3.42
N GLY B 277 -1.92 11.68 -3.78
CA GLY B 277 -1.95 10.42 -4.50
C GLY B 277 -2.31 10.51 -5.97
N ALA B 278 -2.22 11.70 -6.57
CA ALA B 278 -2.43 11.83 -8.00
C ALA B 278 -1.28 11.19 -8.76
N TYR B 279 -1.55 10.78 -10.00
CA TYR B 279 -0.53 10.23 -10.89
C TYR B 279 -0.18 11.28 -11.94
N LEU B 280 1.12 11.39 -12.23
CA LEU B 280 1.61 12.37 -13.20
C LEU B 280 2.35 11.63 -14.30
N VAL B 281 1.97 11.91 -15.55
CA VAL B 281 2.61 11.36 -16.73
C VAL B 281 3.16 12.51 -17.55
N ASN B 282 4.42 12.40 -17.96
CA ASN B 282 5.09 13.49 -18.69
C ASN B 282 5.88 12.90 -19.85
N THR B 283 5.27 12.88 -21.03
CA THR B 283 5.96 12.52 -22.26
C THR B 283 6.30 13.74 -23.10
N ALA B 284 6.13 14.95 -22.55
CA ALA B 284 6.35 16.18 -23.30
C ALA B 284 7.77 16.70 -23.41
N ARG B 285 8.31 17.22 -22.31
CA ARG B 285 9.73 17.51 -22.14
C ARG B 285 10.04 17.47 -20.65
N GLY B 286 11.26 17.06 -20.34
CA GLY B 286 11.64 16.84 -18.96
C GLY B 286 11.51 18.08 -18.10
N LYS B 287 12.06 19.20 -18.58
CA LYS B 287 12.15 20.44 -17.81
C LYS B 287 10.80 21.08 -17.53
N ILE B 288 9.69 20.55 -18.06
CA ILE B 288 8.40 21.10 -17.69
C ILE B 288 8.08 20.74 -16.24
N CYS B 289 8.68 19.68 -15.73
CA CYS B 289 8.58 19.31 -14.31
C CYS B 289 9.92 19.56 -13.62
N ASN B 290 9.87 20.28 -12.50
CA ASN B 290 11.07 20.46 -11.69
C ASN B 290 11.57 19.10 -11.23
N ARG B 291 12.83 18.80 -11.54
CA ARG B 291 13.40 17.49 -11.29
C ARG B 291 13.24 17.09 -9.82
N ASP B 292 13.67 17.95 -8.90
CA ASP B 292 13.65 17.58 -7.49
C ASP B 292 12.27 17.66 -6.88
N ALA B 293 11.37 18.49 -7.44
CA ALA B 293 10.02 18.56 -6.93
C ALA B 293 9.24 17.27 -7.23
N VAL B 294 9.58 16.59 -8.32
CA VAL B 294 8.91 15.32 -8.64
C VAL B 294 9.36 14.23 -7.68
N VAL B 295 10.68 14.08 -7.53
CA VAL B 295 11.26 13.12 -6.60
C VAL B 295 10.59 13.23 -5.24
N ARG B 296 10.42 14.45 -4.80
CA ARG B 296 10.13 14.84 -3.44
C ARG B 296 8.67 14.62 -3.09
N ALA B 297 7.79 14.83 -4.07
CA ALA B 297 6.38 14.50 -3.92
C ALA B 297 6.13 13.00 -4.00
N LEU B 298 7.04 12.27 -4.66
CA LEU B 298 6.90 10.82 -4.71
C LEU B 298 7.28 10.20 -3.37
N GLU B 299 8.35 10.71 -2.76
CA GLU B 299 8.77 10.18 -1.46
C GLU B 299 7.72 10.44 -0.39
N SER B 300 7.00 11.55 -0.50
CA SER B 300 6.01 11.91 0.51
C SER B 300 4.66 11.25 0.26
N GLY B 301 4.38 10.83 -0.97
CA GLY B 301 3.07 10.30 -1.32
C GLY B 301 2.11 11.32 -1.90
N GLN B 302 2.51 12.59 -1.99
CA GLN B 302 1.68 13.58 -2.69
C GLN B 302 1.43 13.14 -4.14
N LEU B 303 2.46 12.60 -4.78
CA LEU B 303 2.30 11.89 -6.04
C LEU B 303 2.32 10.38 -5.75
N ALA B 304 1.28 9.67 -6.23
CA ALA B 304 1.28 8.22 -6.06
C ALA B 304 2.19 7.55 -7.07
N GLY B 305 2.43 8.19 -8.21
CA GLY B 305 3.32 7.64 -9.22
C GLY B 305 3.61 8.68 -10.27
N TYR B 306 4.74 8.49 -10.95
CA TYR B 306 5.18 9.36 -12.02
C TYR B 306 5.74 8.50 -13.14
N ALA B 307 5.51 8.91 -14.38
CA ALA B 307 6.06 8.16 -15.50
C ALA B 307 6.21 9.08 -16.69
N GLY B 308 7.19 8.78 -17.53
CA GLY B 308 7.42 9.55 -18.74
C GLY B 308 8.66 9.00 -19.41
N ASP B 309 8.92 9.53 -20.61
CA ASP B 309 10.11 9.10 -21.35
C ASP B 309 11.13 10.23 -21.53
N VAL B 310 10.84 11.45 -21.10
CA VAL B 310 11.69 12.60 -21.39
C VAL B 310 12.42 13.03 -20.12
N TRP B 311 13.67 13.46 -20.28
CA TRP B 311 14.53 13.82 -19.16
C TRP B 311 15.27 15.11 -19.49
N PHE B 312 15.93 15.67 -18.47
CA PHE B 312 16.97 16.66 -18.71
C PHE B 312 18.17 16.40 -17.79
N PRO B 313 19.39 16.49 -18.34
CA PRO B 313 19.63 16.60 -19.78
C PRO B 313 19.46 15.25 -20.47
N GLN B 314 19.68 15.19 -21.78
CA GLN B 314 19.63 13.91 -22.47
C GLN B 314 20.92 13.69 -23.24
N PRO B 315 21.61 12.55 -23.01
CA PRO B 315 21.11 11.46 -22.16
C PRO B 315 21.18 11.76 -20.67
N ALA B 316 20.25 11.19 -19.92
CA ALA B 316 20.24 11.37 -18.48
C ALA B 316 21.51 10.78 -17.89
N PRO B 317 22.20 11.50 -16.99
CA PRO B 317 23.36 10.91 -16.32
C PRO B 317 22.98 9.67 -15.51
N LYS B 318 23.97 8.81 -15.31
CA LYS B 318 23.84 7.56 -14.56
C LYS B 318 23.21 7.80 -13.19
N ASP B 319 23.47 8.97 -12.58
CA ASP B 319 23.00 9.26 -11.23
C ASP B 319 21.78 10.18 -11.22
N HIS B 320 21.12 10.34 -12.37
CA HIS B 320 19.92 11.18 -12.42
C HIS B 320 18.87 10.63 -11.46
N PRO B 321 18.35 11.43 -10.54
CA PRO B 321 17.53 10.86 -9.45
C PRO B 321 16.19 10.31 -9.90
N TRP B 322 15.70 10.68 -11.10
CA TRP B 322 14.47 10.07 -11.60
C TRP B 322 14.64 8.58 -11.86
N ARG B 323 15.89 8.09 -11.92
CA ARG B 323 16.11 6.66 -12.07
C ARG B 323 15.76 5.90 -10.80
N THR B 324 15.92 6.52 -9.63
CA THR B 324 15.81 5.82 -8.36
C THR B 324 14.65 6.30 -7.49
N MET B 325 13.92 7.33 -7.89
CA MET B 325 12.81 7.81 -7.08
C MET B 325 11.73 6.74 -6.99
N PRO B 326 10.96 6.73 -5.90
CA PRO B 326 9.98 5.65 -5.72
C PRO B 326 8.77 5.82 -6.63
N HIS B 327 8.21 4.68 -7.06
CA HIS B 327 6.92 4.61 -7.73
C HIS B 327 6.96 5.26 -9.12
N HIS B 328 8.04 5.02 -9.86
CA HIS B 328 8.11 5.52 -11.23
C HIS B 328 7.97 4.38 -12.24
N GLY B 329 7.65 4.76 -13.47
CA GLY B 329 7.58 3.83 -14.57
C GLY B 329 8.28 4.38 -15.80
N MET B 330 9.45 4.98 -15.58
CA MET B 330 10.15 5.71 -16.63
C MET B 330 10.62 4.77 -17.73
N THR B 331 10.80 5.34 -18.91
CA THR B 331 11.64 4.78 -19.98
C THR B 331 12.63 5.86 -20.37
N PRO B 332 13.67 5.51 -21.16
CA PRO B 332 14.44 6.56 -21.82
C PRO B 332 13.59 7.18 -22.91
N HIS B 333 14.09 8.20 -23.61
CA HIS B 333 13.29 8.96 -24.56
C HIS B 333 13.10 8.11 -25.81
N ILE B 334 12.01 7.33 -25.84
CA ILE B 334 11.82 6.33 -26.89
C ILE B 334 10.50 6.44 -27.64
N SER B 335 9.47 7.03 -27.02
CA SER B 335 8.11 6.87 -27.57
C SER B 335 8.00 7.42 -28.99
N GLY B 336 8.68 8.53 -29.27
CA GLY B 336 8.67 9.12 -30.59
C GLY B 336 9.66 8.53 -31.57
N THR B 337 10.44 7.53 -31.16
CA THR B 337 11.38 6.89 -32.07
C THR B 337 11.13 5.39 -32.16
N SER B 338 9.87 4.99 -32.00
CA SER B 338 9.44 3.66 -32.43
C SER B 338 9.80 3.49 -33.90
N LEU B 339 9.98 2.25 -34.35
CA LEU B 339 10.31 2.01 -35.75
C LEU B 339 9.23 2.60 -36.66
N SER B 340 7.97 2.46 -36.26
CA SER B 340 6.88 3.04 -37.03
C SER B 340 7.04 4.55 -37.17
N ALA B 341 7.34 5.23 -36.06
CA ALA B 341 7.46 6.68 -36.11
C ALA B 341 8.70 7.11 -36.88
N GLN B 342 9.82 6.37 -36.75
CA GLN B 342 11.03 6.71 -37.49
C GLN B 342 10.77 6.76 -38.99
N ALA B 343 9.98 5.81 -39.51
CA ALA B 343 9.64 5.82 -40.93
C ALA B 343 9.02 7.16 -41.34
N ARG B 344 8.22 7.76 -40.46
CA ARG B 344 7.54 8.99 -40.81
C ARG B 344 8.46 10.21 -40.69
N TYR B 345 9.21 10.33 -39.58
CA TYR B 345 10.03 11.53 -39.45
C TYR B 345 11.30 11.45 -40.29
N ALA B 346 11.74 10.26 -40.70
CA ALA B 346 12.82 10.16 -41.68
C ALA B 346 12.35 10.66 -43.05
N ALA B 347 11.16 10.24 -43.46
CA ALA B 347 10.59 10.75 -44.72
C ALA B 347 10.41 12.25 -44.64
N GLY B 348 9.94 12.77 -43.50
CA GLY B 348 9.73 14.19 -43.38
C GLY B 348 11.02 14.99 -43.38
N THR B 349 12.06 14.44 -42.74
CA THR B 349 13.38 15.07 -42.80
C THR B 349 13.85 15.22 -44.24
N ARG B 350 13.68 14.17 -45.04
CA ARG B 350 14.11 14.23 -46.44
C ARG B 350 13.27 15.23 -47.24
N GLU B 351 11.95 15.26 -46.98
CA GLU B 351 11.09 16.25 -47.62
C GLU B 351 11.60 17.66 -47.37
N ILE B 352 12.01 17.95 -46.14
CA ILE B 352 12.50 19.29 -45.80
C ILE B 352 13.79 19.60 -46.55
N LEU B 353 14.71 18.64 -46.56
CA LEU B 353 15.96 18.82 -47.29
C LEU B 353 15.71 19.07 -48.78
N GLU B 354 14.87 18.23 -49.41
CA GLU B 354 14.52 18.42 -50.81
C GLU B 354 13.98 19.82 -51.04
N CYS B 355 13.08 20.27 -50.17
CA CYS B 355 12.56 21.63 -50.28
C CYS B 355 13.68 22.66 -50.15
N TRP B 356 14.62 22.42 -49.22
CA TRP B 356 15.69 23.38 -49.00
C TRP B 356 16.60 23.47 -50.23
N PHE B 357 17.02 22.33 -50.77
CA PHE B 357 17.99 22.30 -51.85
C PHE B 357 17.38 22.57 -53.23
N GLU B 358 16.10 22.27 -53.41
CA GLU B 358 15.39 22.64 -54.63
C GLU B 358 14.82 24.04 -54.57
N GLU B 359 15.03 24.76 -53.46
CA GLU B 359 14.55 26.12 -53.27
C GLU B 359 13.05 26.23 -53.50
N ARG B 360 12.32 25.24 -52.99
CA ARG B 360 10.90 25.21 -52.70
C ARG B 360 10.67 25.55 -51.24
N PRO B 361 9.56 26.18 -50.86
CA PRO B 361 9.35 26.48 -49.45
C PRO B 361 8.96 25.24 -48.65
N ILE B 362 9.41 25.23 -47.40
CA ILE B 362 9.13 24.14 -46.47
C ILE B 362 7.70 24.27 -46.00
N ARG B 363 7.00 23.12 -45.90
CA ARG B 363 5.63 23.09 -45.39
C ARG B 363 5.45 24.01 -44.20
N GLU B 364 4.38 24.81 -44.26
CA GLU B 364 4.17 25.80 -43.20
C GLU B 364 4.02 25.13 -41.84
N GLU B 365 3.42 23.94 -41.81
CA GLU B 365 3.22 23.25 -40.54
C GLU B 365 4.53 22.69 -39.98
N TYR B 366 5.55 22.49 -40.81
CA TYR B 366 6.84 22.05 -40.30
C TYR B 366 7.63 23.17 -39.64
N LEU B 367 7.31 24.43 -39.93
CA LEU B 367 8.16 25.54 -39.55
C LEU B 367 8.02 25.88 -38.07
N ILE B 368 9.14 26.26 -37.45
CA ILE B 368 9.15 26.76 -36.07
C ILE B 368 9.65 28.20 -36.02
N VAL B 369 10.81 28.46 -36.60
CA VAL B 369 11.26 29.83 -36.87
C VAL B 369 11.76 29.90 -38.31
N ASP B 370 11.56 31.07 -38.91
CA ASP B 370 11.94 31.36 -40.29
C ASP B 370 11.91 32.86 -40.49
N GLY B 371 12.90 33.39 -41.19
CA GLY B 371 12.92 34.81 -41.48
C GLY B 371 12.95 35.68 -40.25
N GLY B 372 13.62 35.21 -39.19
CA GLY B 372 13.81 36.01 -37.99
C GLY B 372 12.61 36.11 -37.09
N LYS B 373 11.73 35.10 -37.10
CA LYS B 373 10.56 35.13 -36.25
C LYS B 373 10.06 33.70 -36.06
N LEU B 374 9.28 33.51 -35.00
CA LEU B 374 8.46 32.32 -34.90
C LEU B 374 7.49 32.30 -36.07
N ALA B 375 7.42 31.16 -36.75
CA ALA B 375 6.57 31.03 -37.92
C ALA B 375 5.92 29.65 -37.95
N GLY B 376 4.80 29.56 -38.66
CA GLY B 376 4.12 28.29 -38.85
C GLY B 376 3.65 27.73 -37.54
N THR B 377 3.91 26.43 -37.33
CA THR B 377 3.56 25.79 -36.06
C THR B 377 4.28 26.45 -34.89
N GLY B 378 5.45 27.04 -35.14
CA GLY B 378 6.18 27.69 -34.07
C GLY B 378 5.41 28.87 -33.46
N ALA B 379 4.75 29.67 -34.31
CA ALA B 379 4.01 30.81 -33.80
C ALA B 379 2.74 30.37 -33.09
N HIS B 380 2.26 29.19 -33.42
CA HIS B 380 1.01 28.67 -32.82
C HIS B 380 1.26 28.00 -31.46
N SER B 381 2.37 27.31 -31.30
CA SER B 381 2.60 26.45 -30.14
C SER B 381 3.69 26.95 -29.20
N TYR B 382 4.57 27.85 -29.65
CA TYR B 382 5.72 28.24 -28.85
C TYR B 382 5.64 29.70 -28.44
N THR B 383 6.54 30.06 -27.51
CA THR B 383 6.74 31.42 -27.05
C THR B 383 8.25 31.65 -26.95
N VAL B 384 8.67 32.90 -27.15
CA VAL B 384 10.08 33.25 -27.00
C VAL B 384 10.26 34.58 -26.27
N ALA C 2 -36.70 29.94 8.01
CA ALA C 2 -35.98 28.80 8.58
C ALA C 2 -35.66 29.07 10.04
N LYS C 3 -35.22 28.02 10.75
CA LYS C 3 -34.85 28.13 12.16
C LYS C 3 -33.35 27.88 12.29
N ILE C 4 -32.65 28.85 12.87
CA ILE C 4 -31.23 28.72 13.15
C ILE C 4 -31.06 28.46 14.64
N LEU C 5 -30.37 27.37 14.97
CA LEU C 5 -30.16 26.96 16.35
C LEU C 5 -28.69 27.19 16.68
N CYS C 6 -28.41 28.16 17.55
CA CYS C 6 -27.06 28.62 17.81
C CYS C 6 -26.69 28.38 19.27
N VAL C 7 -25.70 27.53 19.50
CA VAL C 7 -25.24 27.19 20.84
C VAL C 7 -23.96 27.97 21.14
N LEU C 8 -23.98 28.72 22.24
CA LEU C 8 -22.87 29.57 22.65
C LEU C 8 -22.61 29.33 24.13
N TYR C 9 -21.44 29.74 24.60
CA TYR C 9 -21.16 29.50 26.02
C TYR C 9 -21.84 30.55 26.89
N ASP C 10 -21.82 30.30 28.19
CA ASP C 10 -22.47 31.18 29.15
C ASP C 10 -21.80 32.56 29.17
N ASP C 11 -22.56 33.56 29.60
CA ASP C 11 -21.98 34.84 29.94
C ASP C 11 -21.04 34.67 31.12
N PRO C 12 -20.15 35.64 31.36
CA PRO C 12 -19.35 35.62 32.59
C PRO C 12 -20.27 35.58 33.81
N ILE C 13 -19.81 34.90 34.86
CA ILE C 13 -20.64 34.80 36.05
C ILE C 13 -20.77 36.16 36.73
N THR C 14 -19.91 37.12 36.39
CA THR C 14 -20.10 38.50 36.78
C THR C 14 -21.02 39.25 35.83
N GLY C 15 -21.67 38.56 34.91
CA GLY C 15 -22.55 39.18 33.94
C GLY C 15 -21.84 39.52 32.64
N TYR C 16 -22.64 39.78 31.61
CA TYR C 16 -22.11 40.26 30.36
C TYR C 16 -21.38 41.59 30.59
N PRO C 17 -20.17 41.76 30.09
CA PRO C 17 -19.38 42.94 30.47
C PRO C 17 -19.97 44.23 29.95
N LYS C 18 -19.79 45.29 30.75
CA LYS C 18 -20.17 46.65 30.40
C LYS C 18 -19.01 47.43 29.79
N SER C 19 -17.80 47.18 30.29
CA SER C 19 -16.59 47.78 29.75
C SER C 19 -15.60 46.67 29.39
N TYR C 20 -14.58 47.02 28.63
CA TYR C 20 -13.49 46.13 28.32
C TYR C 20 -12.18 46.80 28.71
N ALA C 21 -11.13 46.00 28.85
CA ALA C 21 -9.84 46.56 29.25
C ALA C 21 -9.31 47.53 28.20
N ARG C 22 -9.63 47.32 26.93
CA ARG C 22 -9.07 48.10 25.85
C ARG C 22 -10.19 48.66 24.99
N ALA C 23 -9.85 49.62 24.13
CA ALA C 23 -10.86 50.43 23.44
C ALA C 23 -11.24 49.87 22.07
N ASP C 24 -10.34 49.13 21.42
CA ASP C 24 -10.62 48.52 20.14
C ASP C 24 -9.62 47.38 19.96
N VAL C 25 -9.71 46.70 18.83
CA VAL C 25 -8.72 45.66 18.52
C VAL C 25 -8.17 45.98 17.12
N PRO C 26 -6.95 45.53 16.83
CA PRO C 26 -6.41 45.78 15.48
C PRO C 26 -7.32 45.20 14.41
N LYS C 27 -7.38 45.89 13.29
CA LYS C 27 -8.16 45.42 12.16
C LYS C 27 -7.34 44.37 11.41
N ILE C 28 -7.86 43.15 11.35
CA ILE C 28 -7.21 42.07 10.62
C ILE C 28 -7.92 41.90 9.29
N ASP C 29 -7.12 41.89 8.24
CA ASP C 29 -7.43 42.25 6.87
C ASP C 29 -7.33 41.07 5.94
N HIS C 30 -6.42 40.16 6.28
CA HIS C 30 -6.02 39.03 5.47
C HIS C 30 -5.18 38.14 6.36
N TYR C 31 -4.85 36.97 5.83
CA TYR C 31 -4.04 35.99 6.50
C TYR C 31 -2.80 35.72 5.66
N PRO C 32 -1.71 35.25 6.26
CA PRO C 32 -0.56 34.81 5.45
C PRO C 32 -1.01 33.84 4.35
N GLY C 33 -0.53 34.08 3.13
CA GLY C 33 -0.89 33.28 1.99
C GLY C 33 -1.93 33.90 1.10
N GLY C 34 -2.67 34.90 1.59
CA GLY C 34 -3.57 35.66 0.75
C GLY C 34 -5.06 35.48 1.01
N GLN C 35 -5.47 34.57 1.89
CA GLN C 35 -6.89 34.44 2.18
C GLN C 35 -7.40 35.73 2.82
N THR C 36 -8.48 36.26 2.28
CA THR C 36 -9.07 37.47 2.83
C THR C 36 -9.77 37.16 4.14
N ALA C 37 -9.85 38.17 5.01
CA ALA C 37 -10.68 38.13 6.20
C ALA C 37 -12.12 37.85 5.76
N PRO C 38 -13.01 37.43 6.66
CA PRO C 38 -14.39 37.14 6.25
C PRO C 38 -15.07 38.35 5.65
N THR C 39 -15.98 38.10 4.71
CA THR C 39 -16.60 39.15 3.90
C THR C 39 -18.12 39.07 3.98
N PRO C 40 -18.72 39.24 5.16
CA PRO C 40 -20.16 39.44 5.21
C PRO C 40 -20.51 40.78 4.60
N LYS C 41 -21.77 40.92 4.17
CA LYS C 41 -22.25 42.22 3.71
C LYS C 41 -22.01 43.28 4.77
N GLN C 42 -22.10 42.88 6.03
CA GLN C 42 -22.25 43.80 7.15
C GLN C 42 -21.94 43.03 8.43
N ILE C 43 -21.54 43.74 9.47
CA ILE C 43 -21.45 43.19 10.82
C ILE C 43 -22.20 44.10 11.77
N ASP C 44 -22.91 43.49 12.72
CA ASP C 44 -23.73 44.20 13.68
C ASP C 44 -23.08 44.19 15.05
N PHE C 45 -21.75 44.34 15.07
CA PHE C 45 -20.99 44.41 16.31
C PHE C 45 -19.75 45.25 16.04
N THR C 46 -19.09 45.64 17.13
CA THR C 46 -17.77 46.24 17.05
C THR C 46 -16.72 45.23 17.44
N PRO C 47 -15.70 45.01 16.63
CA PRO C 47 -14.64 44.06 17.01
C PRO C 47 -14.05 44.40 18.38
N GLY C 48 -13.89 43.38 19.22
CA GLY C 48 -13.50 43.54 20.60
C GLY C 48 -14.59 43.18 21.60
N GLU C 49 -15.84 43.15 21.16
CA GLU C 49 -16.95 42.81 22.04
C GLU C 49 -17.04 41.30 22.22
N LEU C 50 -17.64 40.89 23.34
CA LEU C 50 -17.85 39.47 23.62
C LEU C 50 -18.98 38.96 22.73
N LEU C 51 -18.63 38.15 21.72
CA LEU C 51 -19.58 37.64 20.75
C LEU C 51 -19.92 36.18 20.96
N GLY C 52 -19.06 35.41 21.63
CA GLY C 52 -19.25 33.98 21.78
C GLY C 52 -20.12 33.54 22.92
N SER C 53 -20.58 34.47 23.76
CA SER C 53 -21.48 34.11 24.84
C SER C 53 -22.94 34.35 24.44
N VAL C 54 -23.85 33.80 25.25
CA VAL C 54 -25.28 33.81 24.93
C VAL C 54 -25.75 35.22 24.61
N SER C 55 -25.28 36.21 25.36
CA SER C 55 -25.76 37.57 25.14
C SER C 55 -25.16 38.19 23.88
N GLY C 56 -24.00 37.68 23.42
CA GLY C 56 -23.39 38.23 22.22
C GLY C 56 -24.05 37.76 20.93
N GLU C 57 -24.50 36.50 20.90
CA GLU C 57 -25.29 35.93 19.81
C GLU C 57 -24.53 35.95 18.48
N LEU C 58 -23.19 35.98 18.53
CA LEU C 58 -22.35 36.09 17.35
C LEU C 58 -22.77 37.26 16.46
N GLY C 59 -23.51 38.22 17.02
CA GLY C 59 -23.99 39.37 16.28
C GLY C 59 -25.03 39.06 15.22
N LEU C 60 -25.84 38.03 15.42
CA LEU C 60 -26.63 37.46 14.32
C LEU C 60 -28.12 37.83 14.34
N ARG C 61 -28.65 38.36 15.45
CA ARG C 61 -30.11 38.42 15.59
C ARG C 61 -30.74 39.38 14.58
N LYS C 62 -30.28 40.64 14.55
CA LYS C 62 -30.87 41.62 13.65
C LYS C 62 -30.84 41.13 12.21
N TYR C 63 -29.74 40.50 11.80
CA TYR C 63 -29.63 40.03 10.41
C TYR C 63 -30.59 38.90 10.12
N LEU C 64 -30.69 37.92 11.04
CA LEU C 64 -31.51 36.74 10.78
C LEU C 64 -32.99 37.08 10.85
N GLU C 65 -33.39 37.82 11.88
CA GLU C 65 -34.81 38.15 12.03
C GLU C 65 -35.28 39.13 10.98
N GLY C 66 -34.38 39.97 10.47
CA GLY C 66 -34.76 40.88 9.40
C GLY C 66 -35.12 40.17 8.11
N LEU C 67 -34.55 38.98 7.89
CA LEU C 67 -34.86 38.20 6.70
C LEU C 67 -36.13 37.37 6.87
N GLY C 68 -36.68 37.28 8.08
CA GLY C 68 -37.84 36.45 8.35
C GLY C 68 -37.54 35.11 8.97
N HIS C 69 -36.29 34.83 9.32
CA HIS C 69 -35.91 33.62 10.01
C HIS C 69 -36.12 33.79 11.50
N THR C 70 -36.04 32.68 12.23
CA THR C 70 -36.04 32.71 13.69
C THR C 70 -34.72 32.17 14.21
N LEU C 71 -34.22 32.78 15.28
CA LEU C 71 -32.95 32.42 15.88
C LEU C 71 -33.17 32.01 17.34
N VAL C 72 -32.67 30.84 17.70
CA VAL C 72 -32.66 30.41 19.10
C VAL C 72 -31.21 30.33 19.54
N VAL C 73 -30.85 31.13 20.54
CA VAL C 73 -29.52 31.13 21.13
C VAL C 73 -29.61 30.53 22.52
N THR C 74 -28.72 29.58 22.83
CA THR C 74 -28.72 28.92 24.13
C THR C 74 -27.34 28.37 24.41
N SER C 75 -27.05 28.19 25.70
CA SER C 75 -25.88 27.45 26.16
C SER C 75 -26.24 26.06 26.66
N ASP C 76 -27.53 25.77 26.69
CA ASP C 76 -28.05 24.51 27.26
C ASP C 76 -27.90 23.41 26.20
N LYS C 77 -26.81 22.67 26.25
CA LYS C 77 -26.51 21.69 25.19
C LYS C 77 -26.38 20.27 25.71
N GLU C 78 -26.63 20.05 26.97
CA GLU C 78 -26.44 18.69 27.48
C GLU C 78 -27.78 18.10 27.93
N GLY C 79 -28.08 16.92 27.43
CA GLY C 79 -29.28 16.22 27.86
C GLY C 79 -30.43 16.30 26.88
N GLU C 80 -31.29 15.31 26.95
CA GLU C 80 -32.50 15.19 26.10
C GLU C 80 -33.50 16.32 26.34
N ASP C 81 -33.53 16.93 27.53
N ASP C 81 -33.53 16.93 27.53
CA ASP C 81 -34.47 18.02 27.86
CA ASP C 81 -34.47 18.02 27.86
C ASP C 81 -33.76 19.38 27.82
C ASP C 81 -33.76 19.38 27.82
N SER C 82 -32.58 19.43 27.20
CA SER C 82 -31.83 20.69 27.05
C SER C 82 -32.51 21.50 25.93
N VAL C 83 -32.33 22.80 25.96
CA VAL C 83 -32.89 23.67 24.90
C VAL C 83 -32.40 23.18 23.53
N PHE C 84 -31.12 22.87 23.40
CA PHE C 84 -30.48 22.37 22.16
C PHE C 84 -31.23 21.18 21.59
N GLU C 85 -31.32 20.11 22.35
CA GLU C 85 -31.94 18.86 21.89
C GLU C 85 -33.41 19.06 21.55
N ARG C 86 -34.11 19.77 22.41
CA ARG C 86 -35.53 20.02 22.18
C ARG C 86 -35.75 20.71 20.83
N GLU C 87 -34.93 21.71 20.52
CA GLU C 87 -35.10 22.51 19.32
C GLU C 87 -34.50 21.87 18.08
N LEU C 88 -33.59 20.90 18.27
CA LEU C 88 -32.85 20.33 17.14
C LEU C 88 -33.72 19.76 16.03
N PRO C 89 -34.84 19.06 16.29
CA PRO C 89 -35.61 18.49 15.16
C PRO C 89 -36.14 19.54 14.19
N ASP C 90 -36.22 20.80 14.61
CA ASP C 90 -36.83 21.85 13.80
C ASP C 90 -35.83 22.71 13.05
N ALA C 91 -34.54 22.60 13.38
CA ALA C 91 -33.56 23.55 12.88
C ALA C 91 -33.05 23.15 11.49
N GLU C 92 -33.07 24.10 10.56
CA GLU C 92 -32.40 23.87 9.28
C GLU C 92 -30.89 24.05 9.44
N ILE C 93 -30.46 24.96 10.33
CA ILE C 93 -29.05 25.25 10.55
C ILE C 93 -28.73 25.11 12.03
N VAL C 94 -27.61 24.48 12.34
CA VAL C 94 -27.10 24.42 13.70
C VAL C 94 -25.71 25.04 13.72
N ILE C 95 -25.50 26.02 14.59
CA ILE C 95 -24.21 26.67 14.80
C ILE C 95 -23.73 26.36 16.21
N SER C 96 -22.45 26.04 16.36
CA SER C 96 -21.83 26.05 17.68
C SER C 96 -20.34 26.27 17.51
N GLN C 97 -19.68 26.62 18.62
CA GLN C 97 -18.24 26.83 18.70
C GLN C 97 -17.58 25.62 19.33
N PRO C 98 -16.35 25.29 18.94
CA PRO C 98 -15.66 24.15 19.56
C PRO C 98 -15.41 24.32 21.05
N PHE C 99 -15.37 25.57 21.54
CA PHE C 99 -15.07 25.81 22.95
C PHE C 99 -16.22 25.41 23.86
N TRP C 100 -17.43 25.33 23.30
CA TRP C 100 -18.63 24.90 24.01
C TRP C 100 -19.48 24.15 22.98
N PRO C 101 -19.06 22.95 22.60
CA PRO C 101 -19.54 22.36 21.33
C PRO C 101 -20.85 21.62 21.49
N ALA C 102 -21.77 21.87 20.56
CA ALA C 102 -23.01 21.09 20.47
C ALA C 102 -22.68 19.87 19.61
N TYR C 103 -22.33 18.76 20.29
CA TYR C 103 -21.94 17.53 19.60
C TYR C 103 -23.08 17.02 18.73
N LEU C 104 -22.80 16.84 17.43
CA LEU C 104 -23.79 16.29 16.50
C LEU C 104 -23.43 14.82 16.25
N THR C 105 -23.80 13.98 17.21
CA THR C 105 -23.61 12.54 17.12
C THR C 105 -24.51 11.96 16.03
N PRO C 106 -24.28 10.70 15.63
CA PRO C 106 -25.22 10.08 14.67
C PRO C 106 -26.65 10.10 15.16
N GLU C 107 -26.85 9.90 16.47
CA GLU C 107 -28.21 9.82 17.01
C GLU C 107 -28.88 11.20 17.02
N ARG C 108 -28.11 12.26 17.30
CA ARG C 108 -28.69 13.59 17.23
C ARG C 108 -28.98 14.00 15.79
N ILE C 109 -28.17 13.54 14.84
CA ILE C 109 -28.40 13.85 13.44
C ILE C 109 -29.63 13.12 12.92
N ALA C 110 -29.86 11.89 13.40
CA ALA C 110 -31.07 11.17 13.01
C ALA C 110 -32.32 11.89 13.49
N LYS C 111 -32.24 12.56 14.64
CA LYS C 111 -33.36 13.33 15.13
C LYS C 111 -33.50 14.69 14.45
N ALA C 112 -32.44 15.18 13.80
CA ALA C 112 -32.45 16.52 13.20
C ALA C 112 -33.01 16.45 11.78
N LYS C 113 -34.32 16.25 11.71
CA LYS C 113 -34.97 15.96 10.43
C LYS C 113 -34.85 17.10 9.43
N LYS C 114 -34.70 18.33 9.91
CA LYS C 114 -34.63 19.49 9.04
C LYS C 114 -33.21 19.98 8.82
N LEU C 115 -32.22 19.36 9.47
CA LEU C 115 -30.86 19.88 9.44
C LEU C 115 -30.25 19.75 8.05
N LYS C 116 -29.70 20.84 7.55
CA LYS C 116 -29.02 20.84 6.27
C LYS C 116 -27.64 21.48 6.32
N LEU C 117 -27.39 22.40 7.26
CA LEU C 117 -26.12 23.09 7.37
C LEU C 117 -25.67 23.11 8.83
N ALA C 118 -24.47 22.58 9.09
CA ALA C 118 -23.84 22.64 10.41
C ALA C 118 -22.61 23.54 10.31
N VAL C 119 -22.65 24.68 10.99
CA VAL C 119 -21.60 25.67 10.94
C VAL C 119 -20.77 25.57 12.22
N THR C 120 -19.46 25.39 12.07
CA THR C 120 -18.54 25.54 13.20
C THR C 120 -18.12 27.01 13.28
N ALA C 121 -18.59 27.71 14.31
CA ALA C 121 -18.14 29.09 14.55
C ALA C 121 -16.75 29.02 15.16
N GLY C 122 -15.74 28.95 14.30
CA GLY C 122 -14.38 28.67 14.71
C GLY C 122 -13.74 27.71 13.72
N ILE C 123 -12.77 26.91 14.17
CA ILE C 123 -12.04 25.98 13.32
C ILE C 123 -12.02 24.60 13.98
N GLY C 124 -12.35 23.57 13.21
CA GLY C 124 -12.39 22.22 13.72
C GLY C 124 -13.80 21.71 13.89
N SER C 125 -14.21 20.79 13.01
CA SER C 125 -15.59 20.30 12.96
C SER C 125 -15.71 18.87 13.45
N ASP C 126 -14.70 18.39 14.17
CA ASP C 126 -14.72 17.02 14.70
C ASP C 126 -15.86 16.78 15.68
N HIS C 127 -16.43 17.84 16.26
CA HIS C 127 -17.57 17.66 17.14
C HIS C 127 -18.81 17.24 16.37
N VAL C 128 -18.80 17.40 15.05
CA VAL C 128 -19.83 16.90 14.16
C VAL C 128 -19.39 15.53 13.66
N ASP C 129 -20.35 14.60 13.56
CA ASP C 129 -20.08 13.28 12.99
C ASP C 129 -20.09 13.40 11.47
N LEU C 130 -18.89 13.41 10.86
CA LEU C 130 -18.78 13.68 9.43
C LEU C 130 -19.34 12.52 8.59
N GLU C 131 -19.18 11.29 9.07
CA GLU C 131 -19.77 10.15 8.36
C GLU C 131 -21.29 10.32 8.24
N ALA C 132 -21.95 10.67 9.34
CA ALA C 132 -23.40 10.82 9.32
C ALA C 132 -23.84 12.05 8.54
N ALA C 133 -23.00 13.09 8.50
CA ALA C 133 -23.34 14.28 7.71
C ALA C 133 -23.26 13.97 6.22
N ILE C 134 -22.18 13.28 5.80
CA ILE C 134 -22.07 12.82 4.42
C ILE C 134 -23.27 11.96 4.05
N LYS C 135 -23.63 11.04 4.96
CA LYS C 135 -24.69 10.07 4.67
C LYS C 135 -26.03 10.78 4.46
N ASN C 136 -26.29 11.84 5.23
CA ASN C 136 -27.58 12.53 5.17
C ASN C 136 -27.52 13.81 4.35
N GLY C 137 -26.47 14.01 3.56
CA GLY C 137 -26.39 15.16 2.68
C GLY C 137 -26.37 16.49 3.41
N ILE C 138 -25.73 16.54 4.58
CA ILE C 138 -25.64 17.76 5.38
C ILE C 138 -24.36 18.49 5.03
N THR C 139 -24.45 19.80 4.80
CA THR C 139 -23.27 20.61 4.55
C THR C 139 -22.60 20.99 5.87
N VAL C 140 -21.29 20.84 5.95
CA VAL C 140 -20.51 21.19 7.13
C VAL C 140 -19.45 22.21 6.74
N ALA C 141 -19.52 23.40 7.34
CA ALA C 141 -18.55 24.46 7.07
C ALA C 141 -17.97 24.97 8.38
N GLU C 142 -16.78 25.57 8.28
CA GLU C 142 -16.10 26.22 9.39
C GLU C 142 -15.38 27.44 8.87
N VAL C 143 -15.01 28.33 9.79
CA VAL C 143 -14.43 29.63 9.43
C VAL C 143 -12.92 29.45 9.41
N THR C 144 -12.43 28.86 8.32
CA THR C 144 -11.02 28.56 8.15
C THR C 144 -10.16 29.81 8.35
N TYR C 145 -9.04 29.63 9.07
CA TYR C 145 -8.03 30.66 9.32
C TYR C 145 -8.45 31.72 10.35
N SER C 146 -9.72 31.73 10.75
CA SER C 146 -10.22 32.84 11.56
C SER C 146 -9.51 32.96 12.91
N ASN C 147 -9.01 31.85 13.47
CA ASN C 147 -8.29 31.92 14.73
C ASN C 147 -7.00 31.11 14.71
N SER C 148 -6.43 30.86 13.52
CA SER C 148 -5.21 30.06 13.44
C SER C 148 -4.01 30.81 13.99
N ILE C 149 -3.97 32.14 13.78
CA ILE C 149 -2.90 32.93 14.38
C ILE C 149 -3.06 32.95 15.90
N SER C 150 -4.29 33.10 16.40
CA SER C 150 -4.52 33.13 17.83
C SER C 150 -3.96 31.89 18.52
N VAL C 151 -4.10 30.73 17.86
CA VAL C 151 -3.63 29.49 18.46
C VAL C 151 -2.11 29.42 18.41
N SER C 152 -1.48 29.95 17.37
CA SER C 152 -0.03 29.92 17.30
C SER C 152 0.59 30.78 18.40
N GLU C 153 -0.07 31.87 18.77
CA GLU C 153 0.37 32.67 19.90
C GLU C 153 0.28 31.87 21.20
N HIS C 154 -0.86 31.19 21.40
CA HIS C 154 -1.06 30.35 22.58
C HIS C 154 0.03 29.27 22.66
N VAL C 155 0.40 28.69 21.52
CA VAL C 155 1.37 27.59 21.51
C VAL C 155 2.74 28.07 21.99
N VAL C 156 3.24 29.14 21.38
CA VAL C 156 4.54 29.69 21.80
C VAL C 156 4.50 30.07 23.27
N MET C 157 3.40 30.67 23.71
CA MET C 157 3.21 30.99 25.12
C MET C 157 3.35 29.76 26.00
N MET C 158 2.73 28.65 25.61
CA MET C 158 2.72 27.47 26.47
C MET C 158 4.04 26.72 26.44
N ILE C 159 4.72 26.69 25.28
CA ILE C 159 6.06 26.13 25.21
C ILE C 159 6.97 26.86 26.19
N LEU C 160 6.99 28.18 26.10
CA LEU C 160 7.84 28.97 26.99
C LEU C 160 7.45 28.77 28.45
N SER C 161 6.15 28.67 28.73
CA SER C 161 5.71 28.49 30.10
C SER C 161 6.19 27.15 30.66
N LEU C 162 6.01 26.08 29.88
CA LEU C 162 6.45 24.76 30.31
C LEU C 162 7.95 24.73 30.50
N VAL C 163 8.70 25.20 29.50
CA VAL C 163 10.15 25.07 29.49
C VAL C 163 10.77 25.94 30.58
N ARG C 164 10.26 27.16 30.76
CA ARG C 164 10.85 28.08 31.71
C ARG C 164 10.29 27.93 33.12
N ASN C 165 9.22 27.14 33.30
CA ASN C 165 8.60 26.85 34.60
C ASN C 165 7.93 28.12 35.13
N TYR C 166 6.98 28.63 34.34
CA TYR C 166 6.32 29.91 34.64
C TYR C 166 5.36 29.73 35.81
N ILE C 167 4.47 28.75 35.73
CA ILE C 167 3.30 28.69 36.60
C ILE C 167 3.68 28.35 38.04
N PRO C 168 4.52 27.34 38.32
CA PRO C 168 4.94 27.15 39.72
C PRO C 168 5.63 28.37 40.30
N SER C 169 6.35 29.15 39.47
CA SER C 169 7.04 30.33 39.98
C SER C 169 6.04 31.44 40.30
N TYR C 170 5.02 31.62 39.46
CA TYR C 170 3.94 32.53 39.79
C TYR C 170 3.31 32.15 41.13
N GLN C 171 3.15 30.85 41.39
CA GLN C 171 2.48 30.44 42.62
C GLN C 171 3.34 30.70 43.84
N TRP C 172 4.66 30.77 43.67
CA TRP C 172 5.50 31.18 44.80
C TRP C 172 5.32 32.65 45.12
N VAL C 173 5.03 33.48 44.11
CA VAL C 173 4.74 34.89 44.35
C VAL C 173 3.48 35.02 45.20
N ILE C 174 2.44 34.27 44.85
CA ILE C 174 1.18 34.36 45.57
C ILE C 174 1.32 33.81 46.98
N LYS C 175 2.10 32.76 47.15
CA LYS C 175 2.33 32.18 48.47
C LYS C 175 3.11 33.10 49.41
N GLY C 176 3.67 34.20 48.90
CA GLY C 176 4.51 35.07 49.69
C GLY C 176 5.98 34.73 49.66
N GLY C 177 6.40 33.82 48.79
CA GLY C 177 7.75 33.30 48.80
C GLY C 177 8.65 33.96 47.77
N TRP C 178 9.83 33.38 47.61
CA TRP C 178 10.85 33.81 46.67
C TRP C 178 11.40 32.56 45.99
N ASN C 179 12.10 31.74 46.78
CA ASN C 179 12.34 30.34 46.46
C ASN C 179 12.87 30.15 45.05
N ILE C 180 13.95 30.88 44.76
CA ILE C 180 14.52 30.88 43.42
C ILE C 180 14.94 29.48 43.01
N ALA C 181 15.59 28.76 43.93
CA ALA C 181 16.06 27.41 43.62
C ALA C 181 14.90 26.47 43.32
N ASP C 182 13.77 26.63 44.02
CA ASP C 182 12.62 25.80 43.74
C ASP C 182 12.01 26.14 42.37
N CYS C 183 12.11 27.39 41.95
CA CYS C 183 11.60 27.76 40.63
C CYS C 183 12.47 27.19 39.51
N VAL C 184 13.79 27.39 39.61
CA VAL C 184 14.66 27.18 38.45
C VAL C 184 15.29 25.79 38.42
N GLU C 185 15.07 24.95 39.44
CA GLU C 185 15.58 23.58 39.35
C GLU C 185 14.89 22.79 38.24
N ARG C 186 13.80 23.31 37.66
CA ARG C 186 13.22 22.77 36.44
C ARG C 186 13.02 23.87 35.40
N SER C 187 13.87 24.90 35.40
CA SER C 187 13.74 26.01 34.46
C SER C 187 14.87 25.96 33.46
N TYR C 188 14.52 25.95 32.17
CA TYR C 188 15.46 25.90 31.08
C TYR C 188 15.14 27.00 30.08
N ASP C 189 16.14 27.35 29.28
CA ASP C 189 15.92 28.22 28.13
C ASP C 189 15.41 27.41 26.94
N LEU C 190 14.57 28.03 26.11
CA LEU C 190 14.15 27.36 24.89
C LEU C 190 15.25 27.39 23.83
N GLU C 191 16.13 28.39 23.87
CA GLU C 191 17.18 28.59 22.86
C GLU C 191 17.94 27.29 22.56
N ALA C 192 18.03 26.97 21.27
CA ALA C 192 18.80 25.86 20.70
C ALA C 192 18.21 24.49 21.00
N MET C 193 17.01 24.42 21.57
CA MET C 193 16.32 23.14 21.68
C MET C 193 15.80 22.70 20.31
N HIS C 194 15.41 21.43 20.21
CA HIS C 194 14.74 20.90 19.03
C HIS C 194 13.24 20.96 19.26
N VAL C 195 12.53 21.70 18.42
CA VAL C 195 11.08 21.80 18.48
C VAL C 195 10.50 21.29 17.17
N GLY C 196 9.49 20.44 17.27
CA GLY C 196 8.81 19.91 16.10
C GLY C 196 7.32 20.06 16.24
N THR C 197 6.66 20.26 15.10
CA THR C 197 5.21 20.38 15.06
C THR C 197 4.60 19.25 14.22
N VAL C 198 3.54 18.67 14.76
CA VAL C 198 2.68 17.76 14.00
C VAL C 198 1.71 18.65 13.21
N ALA C 199 1.93 18.70 11.88
CA ALA C 199 1.21 19.52 10.91
C ALA C 199 1.92 20.86 10.81
N ALA C 200 1.97 21.40 9.59
CA ALA C 200 2.48 22.74 9.30
C ALA C 200 1.41 23.41 8.45
N GLY C 201 0.17 23.36 8.89
CA GLY C 201 -0.93 24.04 8.25
C GLY C 201 -0.97 25.49 8.63
N ARG C 202 -2.19 26.04 8.70
CA ARG C 202 -2.34 27.45 9.02
C ARG C 202 -1.84 27.78 10.43
N ILE C 203 -2.14 26.91 11.41
CA ILE C 203 -1.57 27.09 12.75
C ILE C 203 -0.09 26.71 12.74
N GLY C 204 0.22 25.52 12.24
CA GLY C 204 1.55 24.96 12.43
C GLY C 204 2.66 25.82 11.83
N LEU C 205 2.45 26.29 10.60
CA LEU C 205 3.45 27.15 9.96
C LEU C 205 3.58 28.46 10.72
N ALA C 206 2.47 28.99 11.22
CA ALA C 206 2.50 30.20 12.01
C ALA C 206 3.30 29.99 13.30
N VAL C 207 3.21 28.81 13.89
CA VAL C 207 4.04 28.48 15.05
C VAL C 207 5.51 28.47 14.65
N LEU C 208 5.83 27.79 13.55
CA LEU C 208 7.22 27.67 13.11
C LEU C 208 7.83 29.02 12.83
N LYS C 209 7.11 29.89 12.11
CA LYS C 209 7.59 31.24 11.85
C LYS C 209 7.85 31.98 13.16
N ARG C 210 6.96 31.82 14.13
CA ARG C 210 7.13 32.53 15.40
C ARG C 210 8.27 31.92 16.21
N LEU C 211 8.55 30.64 16.02
CA LEU C 211 9.61 29.98 16.78
C LEU C 211 11.01 30.25 16.23
N LYS C 212 11.13 30.50 14.92
CA LYS C 212 12.44 30.64 14.28
C LYS C 212 13.38 31.62 14.95
N PRO C 213 13.00 32.86 15.29
CA PRO C 213 13.95 33.78 15.91
C PRO C 213 14.31 33.44 17.36
N PHE C 214 13.68 32.42 17.96
CA PHE C 214 14.18 31.89 19.22
C PHE C 214 15.41 31.01 19.03
N ASP C 215 15.85 30.81 17.78
CA ASP C 215 17.07 30.06 17.47
C ASP C 215 16.94 28.59 17.90
N VAL C 216 15.75 28.02 17.71
CA VAL C 216 15.57 26.58 17.94
C VAL C 216 15.89 25.85 16.63
N LYS C 217 16.05 24.54 16.71
CA LYS C 217 16.13 23.70 15.52
C LYS C 217 14.72 23.19 15.21
N LEU C 218 14.26 23.43 13.98
CA LEU C 218 12.86 23.28 13.63
C LEU C 218 12.59 21.97 12.90
N HIS C 219 11.49 21.31 13.26
CA HIS C 219 11.09 20.02 12.72
C HIS C 219 9.60 20.05 12.44
N TYR C 220 9.16 19.25 11.45
CA TYR C 220 7.73 19.07 11.28
C TYR C 220 7.46 17.71 10.63
N PHE C 221 6.29 17.16 10.94
CA PHE C 221 5.74 16.02 10.25
C PHE C 221 4.39 16.38 9.68
N GLN C 222 4.19 16.04 8.41
CA GLN C 222 2.95 16.24 7.64
C GLN C 222 2.90 15.19 6.53
N ARG C 223 1.72 14.93 6.00
CA ARG C 223 1.59 13.98 4.87
C ARG C 223 2.24 14.59 3.62
N HIS C 224 2.15 15.89 3.45
CA HIS C 224 2.76 16.52 2.28
C HIS C 224 3.79 17.55 2.74
N ARG C 225 4.81 17.73 1.94
CA ARG C 225 5.90 18.62 2.30
C ARG C 225 5.62 20.04 1.86
N LEU C 226 6.14 20.93 2.67
CA LEU C 226 6.19 22.34 2.32
C LEU C 226 7.23 22.55 1.22
N PRO C 227 7.07 23.59 0.40
CA PRO C 227 8.05 23.82 -0.68
C PRO C 227 9.48 23.89 -0.14
N GLU C 228 10.42 23.42 -0.97
CA GLU C 228 11.84 23.42 -0.60
C GLU C 228 12.28 24.81 -0.17
N SER C 229 11.79 25.84 -0.86
CA SER C 229 12.19 27.21 -0.51
C SER C 229 11.73 27.59 0.87
N VAL C 230 10.48 27.27 1.22
CA VAL C 230 9.95 27.63 2.53
C VAL C 230 10.70 26.86 3.61
N GLU C 231 10.93 25.57 3.40
CA GLU C 231 11.71 24.77 4.34
C GLU C 231 13.10 25.38 4.54
N ASN C 232 13.74 25.80 3.45
CA ASN C 232 15.12 26.27 3.54
C ASN C 232 15.19 27.62 4.25
N GLU C 233 14.27 28.42 4.04
CA GLU C 233 14.30 29.75 4.66
C GLU C 233 14.00 29.67 6.15
N LEU C 234 13.23 28.72 6.54
CA LEU C 234 12.95 28.51 7.95
C LEU C 234 13.93 27.56 8.62
N GLY C 235 14.79 26.89 7.85
CA GLY C 235 15.67 25.89 8.43
C GLY C 235 14.94 24.66 8.92
N LEU C 236 13.94 24.22 8.16
CA LEU C 236 13.08 23.12 8.58
C LEU C 236 13.69 21.78 8.22
N THR C 237 13.49 20.80 9.10
CA THR C 237 13.75 19.39 8.79
C THR C 237 12.42 18.66 8.69
N TYR C 238 12.23 17.92 7.60
CA TYR C 238 11.01 17.17 7.36
C TYR C 238 11.18 15.73 7.84
N HIS C 239 10.11 15.18 8.40
CA HIS C 239 10.15 13.80 8.86
C HIS C 239 9.00 13.01 8.23
N PRO C 240 9.27 11.81 7.71
CA PRO C 240 8.20 11.03 7.07
C PRO C 240 7.17 10.47 8.04
N SER C 241 7.43 10.48 9.35
CA SER C 241 6.52 9.91 10.32
C SER C 241 6.60 10.68 11.62
N VAL C 242 5.52 10.63 12.41
CA VAL C 242 5.56 11.18 13.76
C VAL C 242 6.73 10.56 14.53
N GLU C 243 6.84 9.23 14.44
CA GLU C 243 7.88 8.51 15.18
C GLU C 243 9.26 9.08 14.90
N ASP C 244 9.55 9.34 13.63
CA ASP C 244 10.88 9.79 13.26
C ASP C 244 11.15 11.19 13.80
N MET C 245 10.09 12.00 14.01
CA MET C 245 10.29 13.37 14.47
C MET C 245 10.42 13.43 16.00
N VAL C 246 9.51 12.79 16.73
CA VAL C 246 9.51 12.97 18.17
C VAL C 246 10.76 12.37 18.80
N LYS C 247 11.41 11.43 18.11
CA LYS C 247 12.63 10.82 18.64
C LYS C 247 13.73 11.84 18.90
N VAL C 248 13.70 12.98 18.19
CA VAL C 248 14.77 13.97 18.30
C VAL C 248 14.32 15.26 18.94
N CYS C 249 13.06 15.37 19.36
CA CYS C 249 12.51 16.65 19.78
C CYS C 249 12.56 16.83 21.29
N ASP C 250 12.99 18.03 21.71
CA ASP C 250 12.83 18.45 23.10
C ASP C 250 11.42 18.94 23.38
N VAL C 251 10.76 19.50 22.36
CA VAL C 251 9.41 20.04 22.47
C VAL C 251 8.62 19.60 21.24
N VAL C 252 7.36 19.21 21.45
CA VAL C 252 6.48 18.77 20.37
C VAL C 252 5.17 19.53 20.48
N THR C 253 4.75 20.17 19.39
CA THR C 253 3.44 20.81 19.29
C THR C 253 2.58 20.02 18.33
N ILE C 254 1.32 19.78 18.72
CA ILE C 254 0.34 19.11 17.87
C ILE C 254 -0.57 20.18 17.28
N ASN C 255 -0.66 20.22 15.95
CA ASN C 255 -1.49 21.21 15.28
C ASN C 255 -2.25 20.61 14.10
N ALA C 256 -2.64 19.35 14.21
CA ALA C 256 -3.40 18.64 13.18
C ALA C 256 -4.86 18.55 13.57
N PRO C 257 -5.76 18.36 12.61
CA PRO C 257 -7.18 18.19 12.95
C PRO C 257 -7.42 16.83 13.57
N LEU C 258 -8.60 16.66 14.17
CA LEU C 258 -9.00 15.38 14.73
C LEU C 258 -9.80 14.61 13.67
N HIS C 259 -9.23 13.51 13.21
CA HIS C 259 -9.88 12.58 12.31
C HIS C 259 -9.23 11.22 12.54
N PRO C 260 -9.78 10.15 11.94
CA PRO C 260 -9.25 8.80 12.28
C PRO C 260 -7.74 8.66 12.19
N GLY C 261 -7.07 9.43 11.33
CA GLY C 261 -5.62 9.34 11.25
C GLY C 261 -4.87 10.03 12.38
N THR C 262 -5.55 10.84 13.18
CA THR C 262 -4.93 11.48 14.32
C THR C 262 -5.56 11.09 15.65
N LEU C 263 -6.67 10.35 15.63
CA LEU C 263 -7.32 9.92 16.87
C LEU C 263 -6.41 9.01 17.68
N ASP C 264 -6.17 9.40 18.93
CA ASP C 264 -5.36 8.60 19.87
C ASP C 264 -3.93 8.43 19.35
N LEU C 265 -3.47 9.40 18.54
CA LEU C 265 -2.13 9.35 17.98
C LEU C 265 -1.07 9.24 19.07
N PHE C 266 -1.13 10.13 20.06
CA PHE C 266 -0.15 10.15 21.14
C PHE C 266 -0.67 9.26 22.27
N ASN C 267 -0.48 7.96 22.08
CA ASN C 267 -0.85 6.96 23.08
C ASN C 267 0.40 6.61 23.89
N ASP C 268 0.27 5.61 24.77
CA ASP C 268 1.41 5.16 25.56
C ASP C 268 2.60 4.82 24.66
N GLU C 269 2.33 4.18 23.52
CA GLU C 269 3.42 3.71 22.67
C GLU C 269 4.18 4.88 22.04
N LEU C 270 3.46 5.84 21.46
CA LEU C 270 4.13 6.95 20.79
C LEU C 270 4.85 7.85 21.81
N ILE C 271 4.21 8.10 22.94
CA ILE C 271 4.79 8.99 23.94
C ILE C 271 6.09 8.41 24.48
N SER C 272 6.19 7.07 24.55
CA SER C 272 7.42 6.44 25.03
C SER C 272 8.57 6.57 24.04
N LYS C 273 8.32 6.95 22.80
CA LYS C 273 9.39 7.17 21.84
C LYS C 273 9.96 8.58 21.90
N MET C 274 9.32 9.47 22.64
CA MET C 274 9.83 10.83 22.82
C MET C 274 11.05 10.82 23.73
N LYS C 275 11.76 11.95 23.73
CA LYS C 275 12.90 12.10 24.62
C LYS C 275 12.43 12.11 26.07
N ARG C 276 13.22 11.47 26.94
CA ARG C 276 12.98 11.61 28.38
C ARG C 276 12.98 13.09 28.73
N GLY C 277 11.92 13.54 29.39
CA GLY C 277 11.82 14.95 29.74
C GLY C 277 11.36 15.85 28.62
N ALA C 278 10.72 15.32 27.59
CA ALA C 278 10.17 16.16 26.53
C ALA C 278 8.97 16.94 27.04
N TYR C 279 8.69 18.05 26.36
CA TYR C 279 7.50 18.84 26.61
C TYR C 279 6.53 18.66 25.44
N LEU C 280 5.25 18.50 25.76
CA LEU C 280 4.22 18.29 24.76
C LEU C 280 3.16 19.37 24.90
N VAL C 281 2.92 20.09 23.80
CA VAL C 281 1.89 21.13 23.74
C VAL C 281 0.84 20.69 22.73
N ASN C 282 -0.43 20.69 23.14
CA ASN C 282 -1.53 20.21 22.31
C ASN C 282 -2.67 21.22 22.40
N THR C 283 -2.72 22.14 21.45
CA THR C 283 -3.84 23.05 21.30
C THR C 283 -4.75 22.64 20.15
N ALA C 284 -4.62 21.41 19.68
CA ALA C 284 -5.40 20.94 18.53
C ALA C 284 -6.76 20.31 18.79
N ARG C 285 -6.77 19.10 19.35
CA ARG C 285 -7.95 18.48 19.94
C ARG C 285 -7.48 17.50 21.01
N GLY C 286 -8.28 17.40 22.08
CA GLY C 286 -7.87 16.58 23.21
C GLY C 286 -7.66 15.12 22.84
N LYS C 287 -8.53 14.59 21.99
CA LYS C 287 -8.53 13.17 21.68
C LYS C 287 -7.36 12.74 20.80
N ILE C 288 -6.55 13.68 20.29
CA ILE C 288 -5.32 13.29 19.62
C ILE C 288 -4.29 12.74 20.62
N CYS C 289 -4.46 13.04 21.91
CA CYS C 289 -3.65 12.48 22.98
C CYS C 289 -4.49 11.54 23.83
N ASN C 290 -3.98 10.35 24.08
CA ASN C 290 -4.67 9.46 25.01
C ASN C 290 -4.64 10.10 26.39
N ARG C 291 -5.84 10.30 26.95
CA ARG C 291 -5.98 11.06 28.20
C ARG C 291 -5.12 10.48 29.32
N ASP C 292 -5.21 9.16 29.54
CA ASP C 292 -4.52 8.55 30.65
C ASP C 292 -3.05 8.30 30.36
N ALA C 293 -2.69 8.18 29.08
CA ALA C 293 -1.29 8.03 28.73
C ALA C 293 -0.50 9.29 29.10
N VAL C 294 -1.05 10.46 28.79
CA VAL C 294 -0.40 11.72 29.13
C VAL C 294 -0.18 11.80 30.63
N VAL C 295 -1.19 11.40 31.41
CA VAL C 295 -1.08 11.44 32.87
C VAL C 295 0.07 10.56 33.33
N ARG C 296 0.09 9.30 32.85
CA ARG C 296 1.13 8.35 33.24
C ARG C 296 2.52 8.89 32.90
N ALA C 297 2.67 9.49 31.71
CA ALA C 297 3.97 9.98 31.28
C ALA C 297 4.47 11.14 32.13
N LEU C 298 3.55 11.94 32.68
CA LEU C 298 3.96 13.04 33.54
C LEU C 298 4.32 12.55 34.94
N GLU C 299 3.58 11.55 35.45
CA GLU C 299 3.92 10.99 36.76
C GLU C 299 5.25 10.25 36.72
N SER C 300 5.64 9.75 35.55
CA SER C 300 6.88 8.99 35.43
C SER C 300 8.09 9.87 35.10
N GLY C 301 7.87 11.14 34.78
CA GLY C 301 8.93 12.00 34.28
C GLY C 301 9.23 11.83 32.81
N GLN C 302 8.60 10.86 32.14
CA GLN C 302 8.84 10.69 30.71
C GLN C 302 8.50 11.96 29.94
N LEU C 303 7.43 12.64 30.34
CA LEU C 303 7.14 14.00 29.89
C LEU C 303 7.49 14.96 31.03
N ALA C 304 8.31 15.96 30.73
CA ALA C 304 8.62 16.96 31.75
C ALA C 304 7.44 17.90 31.97
N GLY C 305 6.57 18.07 30.98
CA GLY C 305 5.42 18.93 31.12
C GLY C 305 4.47 18.75 29.95
N TYR C 306 3.21 19.11 30.19
CA TYR C 306 2.16 19.08 29.18
C TYR C 306 1.32 20.33 29.30
N ALA C 307 0.94 20.90 28.16
CA ALA C 307 0.08 22.08 28.19
C ALA C 307 -0.82 22.08 26.96
N GLY C 308 -1.98 22.70 27.11
CA GLY C 308 -2.91 22.82 26.01
C GLY C 308 -4.20 23.42 26.52
N ASP C 309 -5.06 23.80 25.58
CA ASP C 309 -6.37 24.31 25.94
C ASP C 309 -7.51 23.36 25.57
N VAL C 310 -7.24 22.20 24.98
CA VAL C 310 -8.30 21.35 24.44
C VAL C 310 -8.41 20.06 25.25
N TRP C 311 -9.65 19.63 25.46
CA TRP C 311 -10.00 18.54 26.38
C TRP C 311 -11.02 17.63 25.72
N PHE C 312 -11.24 16.46 26.33
CA PHE C 312 -12.43 15.65 25.99
C PHE C 312 -12.98 15.01 27.26
N PRO C 313 -14.30 15.13 27.50
CA PRO C 313 -15.22 15.90 26.65
C PRO C 313 -15.16 17.39 26.96
N GLN C 314 -15.91 18.21 26.24
CA GLN C 314 -15.99 19.63 26.55
C GLN C 314 -17.43 20.01 26.85
N PRO C 315 -17.73 20.57 28.03
CA PRO C 315 -16.73 20.92 29.05
C PRO C 315 -16.13 19.71 29.79
N ALA C 316 -14.85 19.82 30.13
CA ALA C 316 -14.20 18.77 30.90
C ALA C 316 -14.88 18.65 32.26
N PRO C 317 -15.26 17.45 32.68
CA PRO C 317 -15.87 17.29 34.01
C PRO C 317 -14.89 17.67 35.11
N LYS C 318 -15.45 17.91 36.30
CA LYS C 318 -14.66 18.42 37.42
C LYS C 318 -13.54 17.45 37.79
N ASP C 319 -13.78 16.15 37.61
CA ASP C 319 -12.83 15.12 38.03
C ASP C 319 -11.85 14.75 36.91
N HIS C 320 -11.89 15.45 35.78
CA HIS C 320 -11.03 15.14 34.64
C HIS C 320 -9.57 15.18 35.07
N PRO C 321 -8.81 14.09 34.88
CA PRO C 321 -7.46 14.01 35.46
C PRO C 321 -6.45 14.98 34.88
N TRP C 322 -6.71 15.60 33.73
CA TRP C 322 -5.77 16.62 33.25
C TRP C 322 -5.76 17.84 34.15
N ARG C 323 -6.76 17.98 35.03
CA ARG C 323 -6.80 19.11 35.95
C ARG C 323 -5.74 18.98 37.05
N THR C 324 -5.46 17.75 37.49
CA THR C 324 -4.63 17.52 38.66
C THR C 324 -3.34 16.77 38.37
N MET C 325 -3.07 16.43 37.11
CA MET C 325 -1.83 15.74 36.79
C MET C 325 -0.63 16.68 37.01
N PRO C 326 0.55 16.14 37.26
CA PRO C 326 1.70 16.99 37.60
C PRO C 326 2.28 17.69 36.39
N HIS C 327 2.84 18.88 36.63
CA HIS C 327 3.68 19.60 35.67
C HIS C 327 2.90 19.99 34.42
N HIS C 328 1.69 20.49 34.60
CA HIS C 328 0.89 20.95 33.47
C HIS C 328 0.68 22.45 33.53
N GLY C 329 0.36 23.03 32.38
CA GLY C 329 -0.02 24.42 32.28
C GLY C 329 -1.29 24.61 31.46
N MET C 330 -2.33 23.83 31.80
CA MET C 330 -3.57 23.81 31.03
C MET C 330 -4.31 25.14 31.14
N THR C 331 -5.09 25.46 30.10
CA THR C 331 -6.19 26.40 30.24
C THR C 331 -7.47 25.69 29.79
N PRO C 332 -8.67 26.26 30.00
CA PRO C 332 -9.83 25.75 29.28
C PRO C 332 -9.71 26.12 27.80
N HIS C 333 -10.67 25.68 26.98
CA HIS C 333 -10.56 25.86 25.54
C HIS C 333 -10.83 27.31 25.19
N ILE C 334 -9.77 28.12 25.15
CA ILE C 334 -9.93 29.57 25.02
C ILE C 334 -9.13 30.16 23.86
N SER C 335 -8.05 29.53 23.38
CA SER C 335 -7.14 30.24 22.48
C SER C 335 -7.85 30.72 21.23
N GLY C 336 -8.73 29.90 20.68
CA GLY C 336 -9.47 30.29 19.49
C GLY C 336 -10.67 31.16 19.73
N THR C 337 -10.96 31.52 20.98
CA THR C 337 -12.10 32.40 21.26
C THR C 337 -11.65 33.64 22.04
N SER C 338 -10.42 34.08 21.83
CA SER C 338 -10.04 35.42 22.21
C SER C 338 -10.98 36.43 21.56
N LEU C 339 -11.07 37.61 22.16
CA LEU C 339 -11.94 38.65 21.61
C LEU C 339 -11.57 38.96 20.15
N SER C 340 -10.27 39.05 19.87
CA SER C 340 -9.83 39.33 18.50
C SER C 340 -10.25 38.21 17.54
N ALA C 341 -10.18 36.96 18.00
CA ALA C 341 -10.58 35.85 17.13
C ALA C 341 -12.09 35.84 16.92
N GLN C 342 -12.86 36.13 17.97
CA GLN C 342 -14.31 36.13 17.87
C GLN C 342 -14.80 37.07 16.78
N ALA C 343 -14.18 38.25 16.67
CA ALA C 343 -14.58 39.21 15.64
C ALA C 343 -14.49 38.60 14.25
N ARG C 344 -13.46 37.78 14.01
CA ARG C 344 -13.30 37.17 12.69
C ARG C 344 -14.26 36.01 12.49
N TYR C 345 -14.40 35.10 13.46
CA TYR C 345 -15.26 33.96 13.19
C TYR C 345 -16.74 34.28 13.35
N ALA C 346 -17.09 35.39 14.02
CA ALA C 346 -18.47 35.86 13.96
C ALA C 346 -18.78 36.47 12.60
N ALA C 347 -17.83 37.22 12.02
CA ALA C 347 -18.00 37.71 10.66
C ALA C 347 -18.10 36.56 9.67
N GLY C 348 -17.29 35.52 9.86
CA GLY C 348 -17.30 34.39 8.95
C GLY C 348 -18.58 33.59 9.04
N THR C 349 -19.11 33.43 10.25
CA THR C 349 -20.39 32.74 10.42
C THR C 349 -21.49 33.46 9.63
N ARG C 350 -21.55 34.78 9.77
CA ARG C 350 -22.56 35.55 9.04
C ARG C 350 -22.35 35.46 7.53
N GLU C 351 -21.09 35.49 7.08
CA GLU C 351 -20.81 35.32 5.65
C GLU C 351 -21.35 33.97 5.15
N ILE C 352 -21.12 32.91 5.93
CA ILE C 352 -21.56 31.58 5.51
C ILE C 352 -23.07 31.52 5.43
N LEU C 353 -23.76 32.14 6.39
CA LEU C 353 -25.21 32.17 6.36
C LEU C 353 -25.74 32.98 5.17
N GLU C 354 -25.11 34.13 4.91
CA GLU C 354 -25.50 34.95 3.76
C GLU C 354 -25.35 34.15 2.47
N CYS C 355 -24.23 33.46 2.30
CA CYS C 355 -24.06 32.59 1.14
C CYS C 355 -25.10 31.48 1.12
N TRP C 356 -25.37 30.86 2.27
CA TRP C 356 -26.34 29.77 2.32
C TRP C 356 -27.72 30.23 1.88
N PHE C 357 -28.22 31.33 2.45
CA PHE C 357 -29.58 31.76 2.17
C PHE C 357 -29.70 32.37 0.77
N GLU C 358 -28.66 33.06 0.30
CA GLU C 358 -28.66 33.60 -1.06
C GLU C 358 -28.28 32.56 -2.10
N GLU C 359 -28.03 31.33 -1.67
CA GLU C 359 -27.63 30.22 -2.56
C GLU C 359 -26.49 30.62 -3.49
N ARG C 360 -25.49 31.28 -2.89
CA ARG C 360 -24.12 31.42 -3.36
C ARG C 360 -23.31 30.27 -2.80
N PRO C 361 -22.27 29.79 -3.50
CA PRO C 361 -21.41 28.77 -2.89
C PRO C 361 -20.70 29.32 -1.66
N ILE C 362 -20.64 28.51 -0.61
CA ILE C 362 -19.78 28.82 0.51
C ILE C 362 -18.34 28.72 0.04
N ARG C 363 -17.48 29.63 0.54
CA ARG C 363 -16.06 29.63 0.19
C ARG C 363 -15.50 28.22 0.23
N GLU C 364 -14.74 27.87 -0.80
CA GLU C 364 -14.11 26.55 -0.87
C GLU C 364 -13.33 26.25 0.42
N GLU C 365 -12.58 27.24 0.92
CA GLU C 365 -11.73 27.01 2.10
C GLU C 365 -12.56 26.76 3.35
N TYR C 366 -13.79 27.27 3.41
CA TYR C 366 -14.66 27.02 4.56
C TYR C 366 -15.27 25.62 4.58
N LEU C 367 -15.36 24.94 3.44
CA LEU C 367 -16.13 23.72 3.34
C LEU C 367 -15.39 22.53 3.93
N ILE C 368 -16.10 21.72 4.71
CA ILE C 368 -15.59 20.44 5.21
C ILE C 368 -16.26 19.27 4.49
N VAL C 369 -17.59 19.21 4.52
CA VAL C 369 -18.34 18.29 3.68
C VAL C 369 -19.46 19.04 2.96
N ASP C 370 -19.73 18.61 1.74
CA ASP C 370 -20.73 19.23 0.89
C ASP C 370 -21.13 18.21 -0.16
N GLY C 371 -22.42 18.14 -0.45
CA GLY C 371 -22.92 17.23 -1.48
C GLY C 371 -22.46 15.78 -1.34
N GLY C 372 -22.43 15.27 -0.11
CA GLY C 372 -22.17 13.85 0.09
C GLY C 372 -20.73 13.43 0.05
N LYS C 373 -19.80 14.33 0.34
CA LYS C 373 -18.39 13.97 0.37
C LYS C 373 -17.60 15.05 1.09
N LEU C 374 -16.43 14.68 1.59
CA LEU C 374 -15.45 15.67 2.01
C LEU C 374 -15.15 16.61 0.84
N ALA C 375 -15.13 17.91 1.13
CA ALA C 375 -14.95 18.90 0.09
C ALA C 375 -14.14 20.06 0.66
N GLY C 376 -13.54 20.82 -0.24
CA GLY C 376 -12.81 22.00 0.16
C GLY C 376 -11.68 21.64 1.09
N THR C 377 -11.59 22.40 2.20
CA THR C 377 -10.55 22.12 3.19
C THR C 377 -10.71 20.73 3.79
N GLY C 378 -11.94 20.22 3.83
CA GLY C 378 -12.15 18.88 4.36
C GLY C 378 -11.38 17.81 3.61
N ALA C 379 -11.31 17.93 2.28
CA ALA C 379 -10.59 16.96 1.48
C ALA C 379 -9.08 17.09 1.64
N HIS C 380 -8.59 18.30 1.96
CA HIS C 380 -7.16 18.48 2.11
C HIS C 380 -6.69 18.07 3.50
N SER C 381 -7.50 18.33 4.52
CA SER C 381 -7.08 18.22 5.91
C SER C 381 -7.68 17.04 6.66
N TYR C 382 -8.83 16.52 6.23
CA TYR C 382 -9.54 15.51 7.00
C TYR C 382 -9.54 14.17 6.27
N THR C 383 -9.80 13.13 7.05
CA THR C 383 -9.99 11.77 6.59
C THR C 383 -11.34 11.29 7.12
N VAL C 384 -11.91 10.27 6.49
CA VAL C 384 -13.13 9.66 7.02
C VAL C 384 -13.15 8.16 6.76
N ALA D 2 19.07 -2.88 5.61
CA ALA D 2 19.12 -4.28 6.03
C ALA D 2 17.73 -4.91 5.99
N LYS D 3 17.66 -6.17 5.57
CA LYS D 3 16.41 -6.90 5.48
C LYS D 3 16.30 -7.87 6.65
N ILE D 4 15.18 -7.79 7.37
CA ILE D 4 14.88 -8.73 8.46
C ILE D 4 13.76 -9.66 8.00
N LEU D 5 14.06 -10.95 7.98
CA LEU D 5 13.12 -11.97 7.53
C LEU D 5 12.53 -12.68 8.75
N CYS D 6 11.22 -12.57 8.93
CA CYS D 6 10.54 -13.01 10.15
C CYS D 6 9.41 -13.96 9.79
N VAL D 7 9.48 -15.17 10.32
CA VAL D 7 8.50 -16.22 10.04
C VAL D 7 7.64 -16.42 11.29
N LEU D 8 6.33 -16.34 11.12
CA LEU D 8 5.36 -16.41 12.20
C LEU D 8 4.20 -17.30 11.77
N TYR D 9 3.49 -17.86 12.75
CA TYR D 9 2.34 -18.70 12.41
C TYR D 9 1.15 -17.84 11.98
N ASP D 10 0.20 -18.47 11.29
CA ASP D 10 -0.96 -17.76 10.76
C ASP D 10 -1.79 -17.15 11.88
N ASP D 11 -2.57 -16.12 11.52
CA ASP D 11 -3.60 -15.63 12.41
C ASP D 11 -4.61 -16.75 12.68
N PRO D 12 -5.42 -16.62 13.73
CA PRO D 12 -6.49 -17.60 13.95
C PRO D 12 -7.39 -17.68 12.72
N ILE D 13 -7.87 -18.89 12.42
CA ILE D 13 -8.78 -19.04 11.29
C ILE D 13 -10.09 -18.32 11.55
N THR D 14 -10.43 -18.05 12.82
CA THR D 14 -11.59 -17.25 13.16
C THR D 14 -11.29 -15.76 13.16
N GLY D 15 -10.13 -15.36 12.64
CA GLY D 15 -9.78 -13.96 12.51
C GLY D 15 -8.87 -13.50 13.62
N TYR D 16 -8.03 -12.53 13.32
CA TYR D 16 -7.19 -11.92 14.33
C TYR D 16 -8.07 -11.31 15.42
N PRO D 17 -7.80 -11.60 16.69
CA PRO D 17 -8.77 -11.25 17.74
C PRO D 17 -8.97 -9.75 17.86
N LYS D 18 -10.23 -9.35 18.06
CA LYS D 18 -10.58 -7.97 18.36
C LYS D 18 -10.87 -7.75 19.83
N SER D 19 -10.96 -8.83 20.61
CA SER D 19 -11.07 -8.74 22.06
C SER D 19 -10.40 -9.96 22.65
N TYR D 20 -10.18 -9.94 23.96
CA TYR D 20 -9.51 -11.03 24.65
C TYR D 20 -10.32 -11.41 25.89
N ALA D 21 -10.12 -12.65 26.36
CA ALA D 21 -10.94 -13.16 27.45
C ALA D 21 -10.76 -12.36 28.72
N ARG D 22 -9.60 -11.75 28.91
CA ARG D 22 -9.29 -10.99 30.12
C ARG D 22 -8.75 -9.63 29.72
N ALA D 23 -8.64 -8.73 30.71
CA ALA D 23 -8.33 -7.34 30.42
C ALA D 23 -6.83 -7.06 30.34
N ASP D 24 -6.01 -7.84 31.02
CA ASP D 24 -4.56 -7.65 31.04
C ASP D 24 -3.90 -8.94 31.52
N VAL D 25 -2.58 -8.94 31.56
CA VAL D 25 -1.81 -10.06 32.12
C VAL D 25 -0.92 -9.50 33.22
N PRO D 26 -0.48 -10.34 34.14
CA PRO D 26 0.40 -9.86 35.21
C PRO D 26 1.70 -9.29 34.65
N LYS D 27 2.30 -8.36 35.39
CA LYS D 27 3.57 -7.78 34.97
C LYS D 27 4.69 -8.54 35.68
N ILE D 28 5.60 -9.10 34.89
CA ILE D 28 6.63 -10.00 35.38
C ILE D 28 7.93 -9.20 35.44
N ASP D 29 8.29 -8.81 36.66
CA ASP D 29 9.48 -8.00 36.90
C ASP D 29 10.75 -8.76 36.53
N HIS D 30 10.91 -9.96 37.07
CA HIS D 30 12.13 -10.72 36.95
C HIS D 30 11.78 -12.20 37.05
N TYR D 31 12.76 -13.01 36.82
CA TYR D 31 12.60 -14.44 36.87
C TYR D 31 13.21 -14.99 38.16
N PRO D 32 12.78 -16.16 38.62
CA PRO D 32 13.46 -16.80 39.75
C PRO D 32 14.95 -16.96 39.49
N GLY D 33 15.76 -16.50 40.45
CA GLY D 33 17.20 -16.43 40.30
C GLY D 33 17.71 -15.03 40.19
N GLY D 34 16.90 -14.10 39.68
CA GLY D 34 17.23 -12.69 39.60
C GLY D 34 17.35 -12.13 38.19
N GLN D 35 17.38 -12.94 37.14
CA GLN D 35 17.50 -12.40 35.79
C GLN D 35 16.35 -11.44 35.50
N THR D 36 16.71 -10.25 35.02
CA THR D 36 15.69 -9.24 34.72
C THR D 36 14.87 -9.66 33.51
N ALA D 37 13.60 -9.25 33.51
CA ALA D 37 12.78 -9.37 32.32
C ALA D 37 13.42 -8.58 31.18
N PRO D 38 13.06 -8.88 29.93
CA PRO D 38 13.70 -8.19 28.79
C PRO D 38 13.64 -6.67 28.94
N THR D 39 14.66 -6.01 28.40
CA THR D 39 14.80 -4.56 28.59
C THR D 39 14.91 -3.80 27.27
N PRO D 40 13.96 -3.91 26.34
CA PRO D 40 13.96 -3.01 25.18
C PRO D 40 13.66 -1.60 25.63
N LYS D 41 14.07 -0.63 24.83
CA LYS D 41 13.84 0.76 25.21
C LYS D 41 12.36 1.12 25.05
N GLN D 42 11.69 0.57 24.02
CA GLN D 42 10.25 0.70 23.84
C GLN D 42 9.65 -0.63 23.42
N ILE D 43 8.33 -0.71 23.51
CA ILE D 43 7.56 -1.78 22.91
C ILE D 43 6.38 -1.18 22.17
N ASP D 44 6.02 -1.82 21.07
CA ASP D 44 4.91 -1.37 20.22
C ASP D 44 3.72 -2.31 20.33
N PHE D 45 3.47 -2.78 21.55
CA PHE D 45 2.34 -3.64 21.84
C PHE D 45 1.96 -3.45 23.31
N THR D 46 0.78 -3.93 23.66
CA THR D 46 0.37 -4.12 25.05
C THR D 46 0.51 -5.57 25.43
N PRO D 47 1.17 -5.89 26.54
CA PRO D 47 1.23 -7.29 26.99
C PRO D 47 -0.16 -7.91 27.06
N GLY D 48 -0.30 -9.09 26.46
CA GLY D 48 -1.58 -9.76 26.34
C GLY D 48 -2.11 -9.85 24.93
N GLU D 49 -1.62 -9.02 24.01
CA GLU D 49 -2.04 -9.10 22.62
C GLU D 49 -1.36 -10.29 21.94
N LEU D 50 -1.98 -10.76 20.85
CA LEU D 50 -1.43 -11.85 20.06
C LEU D 50 -0.31 -11.31 19.17
N LEU D 51 0.93 -11.67 19.50
CA LEU D 51 2.11 -11.10 18.84
C LEU D 51 2.82 -12.08 17.93
N GLY D 52 2.70 -13.39 18.19
CA GLY D 52 3.41 -14.39 17.45
C GLY D 52 2.79 -14.83 16.15
N SER D 53 1.70 -14.20 15.73
CA SER D 53 1.08 -14.52 14.47
C SER D 53 1.41 -13.44 13.43
N VAL D 54 1.13 -13.78 12.17
CA VAL D 54 1.49 -12.91 11.04
C VAL D 54 1.08 -11.47 11.31
N SER D 55 -0.15 -11.26 11.79
CA SER D 55 -0.61 -9.90 12.02
C SER D 55 0.07 -9.25 13.23
N GLY D 56 0.53 -10.05 14.19
CA GLY D 56 1.16 -9.49 15.36
C GLY D 56 2.54 -8.91 15.07
N GLU D 57 3.34 -9.64 14.28
CA GLU D 57 4.64 -9.20 13.81
C GLU D 57 5.64 -9.02 14.95
N LEU D 58 5.39 -9.66 16.10
CA LEU D 58 6.21 -9.50 17.29
C LEU D 58 6.36 -8.03 17.67
N GLY D 59 5.41 -7.20 17.21
CA GLY D 59 5.49 -5.76 17.39
C GLY D 59 6.79 -5.14 16.92
N LEU D 60 7.27 -5.52 15.74
CA LEU D 60 8.59 -5.12 15.29
C LEU D 60 8.59 -4.11 14.14
N ARG D 61 7.44 -3.84 13.50
CA ARG D 61 7.48 -3.18 12.19
C ARG D 61 7.93 -1.72 12.29
N LYS D 62 7.27 -0.92 13.14
CA LYS D 62 7.62 0.50 13.24
C LYS D 62 9.09 0.68 13.58
N TYR D 63 9.58 -0.04 14.60
CA TYR D 63 10.97 0.10 15.01
C TYR D 63 11.92 -0.19 13.87
N LEU D 64 11.72 -1.33 13.18
CA LEU D 64 12.63 -1.70 12.11
C LEU D 64 12.52 -0.73 10.93
N GLU D 65 11.30 -0.32 10.60
CA GLU D 65 11.13 0.60 9.49
C GLU D 65 11.55 2.02 9.87
N GLY D 66 11.44 2.37 11.16
CA GLY D 66 11.92 3.66 11.63
C GLY D 66 13.42 3.80 11.57
N LEU D 67 14.14 2.68 11.51
CA LEU D 67 15.57 2.67 11.27
C LEU D 67 15.90 2.53 9.79
N GLY D 68 14.90 2.54 8.91
CA GLY D 68 15.15 2.41 7.49
C GLY D 68 15.38 1.00 7.01
N HIS D 69 15.10 0.01 7.84
CA HIS D 69 15.21 -1.39 7.43
C HIS D 69 13.86 -1.88 6.90
N THR D 70 13.90 -2.98 6.16
CA THR D 70 12.69 -3.63 5.68
C THR D 70 12.45 -4.90 6.48
N LEU D 71 11.17 -5.17 6.79
CA LEU D 71 10.77 -6.34 7.57
C LEU D 71 9.80 -7.15 6.71
N VAL D 72 10.21 -8.36 6.36
CA VAL D 72 9.37 -9.29 5.60
C VAL D 72 8.77 -10.28 6.59
N VAL D 73 7.43 -10.41 6.57
CA VAL D 73 6.72 -11.31 7.47
C VAL D 73 5.91 -12.29 6.65
N THR D 74 6.07 -13.58 6.94
CA THR D 74 5.33 -14.62 6.24
C THR D 74 5.23 -15.84 7.15
N SER D 75 4.26 -16.70 6.84
CA SER D 75 4.18 -18.02 7.45
C SER D 75 4.60 -19.13 6.48
N ASP D 76 4.68 -18.83 5.19
CA ASP D 76 5.04 -19.78 4.15
C ASP D 76 6.52 -20.08 4.25
N LYS D 77 6.85 -21.25 4.82
CA LYS D 77 8.22 -21.54 5.22
C LYS D 77 8.73 -22.90 4.78
N GLU D 78 7.92 -23.70 4.09
CA GLU D 78 8.28 -25.09 3.79
C GLU D 78 8.80 -25.21 2.36
N GLY D 79 9.95 -25.86 2.20
CA GLY D 79 10.47 -26.17 0.88
C GLY D 79 11.17 -25.00 0.23
N GLU D 80 11.82 -25.30 -0.91
CA GLU D 80 12.54 -24.28 -1.64
C GLU D 80 11.62 -23.26 -2.31
N ASP D 81 10.37 -23.63 -2.56
CA ASP D 81 9.42 -22.68 -3.12
C ASP D 81 8.45 -22.21 -2.04
N SER D 82 9.00 -21.36 -1.19
CA SER D 82 8.27 -20.70 -0.13
C SER D 82 8.70 -19.24 -0.12
N VAL D 83 7.82 -18.38 0.40
CA VAL D 83 8.21 -16.98 0.58
C VAL D 83 9.50 -16.89 1.37
N PHE D 84 9.65 -17.78 2.37
CA PHE D 84 10.81 -17.71 3.26
C PHE D 84 12.12 -17.91 2.50
N GLU D 85 12.23 -19.05 1.80
CA GLU D 85 13.48 -19.36 1.10
C GLU D 85 13.74 -18.45 -0.08
N ARG D 86 12.70 -17.84 -0.67
CA ARG D 86 12.93 -16.89 -1.76
C ARG D 86 13.40 -15.54 -1.25
N GLU D 87 13.09 -15.17 0.00
CA GLU D 87 13.54 -13.91 0.55
C GLU D 87 14.86 -14.03 1.30
N LEU D 88 15.31 -15.26 1.57
CA LEU D 88 16.45 -15.61 2.41
C LEU D 88 17.83 -15.18 1.88
N PRO D 89 18.11 -15.22 0.57
CA PRO D 89 19.47 -14.83 0.12
C PRO D 89 19.79 -13.39 0.45
N ASP D 90 18.77 -12.57 0.68
CA ASP D 90 18.87 -11.13 0.81
C ASP D 90 18.86 -10.68 2.27
N ALA D 91 18.61 -11.59 3.20
CA ALA D 91 18.28 -11.24 4.57
C ALA D 91 19.54 -11.18 5.44
N GLU D 92 19.71 -10.06 6.16
CA GLU D 92 20.78 -9.96 7.14
C GLU D 92 20.39 -10.65 8.45
N ILE D 93 19.10 -10.64 8.80
CA ILE D 93 18.59 -11.19 10.05
C ILE D 93 17.40 -12.08 9.75
N VAL D 94 17.35 -13.24 10.41
CA VAL D 94 16.22 -14.16 10.32
C VAL D 94 15.69 -14.40 11.72
N ILE D 95 14.39 -14.18 11.91
CA ILE D 95 13.71 -14.42 13.18
C ILE D 95 12.63 -15.45 12.97
N SER D 96 12.52 -16.42 13.89
CA SER D 96 11.35 -17.28 13.90
C SER D 96 11.16 -17.87 15.29
N GLN D 97 9.99 -18.42 15.50
CA GLN D 97 9.52 -19.04 16.72
C GLN D 97 9.61 -20.55 16.62
N PRO D 98 10.03 -21.23 17.69
CA PRO D 98 10.08 -22.70 17.65
C PRO D 98 8.73 -23.34 17.37
N PHE D 99 7.63 -22.66 17.69
CA PHE D 99 6.28 -23.19 17.49
C PHE D 99 5.90 -23.24 16.03
N TRP D 100 6.52 -22.40 15.20
CA TRP D 100 6.36 -22.45 13.74
C TRP D 100 7.73 -22.11 13.16
N PRO D 101 8.61 -23.09 13.08
CA PRO D 101 10.04 -22.77 12.99
C PRO D 101 10.58 -22.73 11.58
N ALA D 102 11.29 -21.66 11.24
CA ALA D 102 11.98 -21.56 9.96
C ALA D 102 13.30 -22.31 10.09
N TYR D 103 13.30 -23.57 9.65
CA TYR D 103 14.48 -24.40 9.75
C TYR D 103 15.62 -23.83 8.92
N LEU D 104 16.77 -23.63 9.56
CA LEU D 104 17.97 -23.11 8.91
C LEU D 104 18.97 -24.26 8.75
N THR D 105 18.70 -25.13 7.78
CA THR D 105 19.55 -26.25 7.43
C THR D 105 20.88 -25.74 6.88
N PRO D 106 21.88 -26.63 6.73
CA PRO D 106 23.14 -26.18 6.11
C PRO D 106 22.94 -25.67 4.70
N GLU D 107 22.03 -26.30 3.95
CA GLU D 107 21.75 -25.86 2.58
C GLU D 107 21.25 -24.43 2.57
N ARG D 108 20.27 -24.14 3.44
CA ARG D 108 19.66 -22.82 3.47
C ARG D 108 20.65 -21.76 3.93
N ILE D 109 21.50 -22.11 4.91
CA ILE D 109 22.49 -21.16 5.41
C ILE D 109 23.50 -20.82 4.32
N ALA D 110 23.89 -21.81 3.51
CA ALA D 110 24.84 -21.57 2.43
C ALA D 110 24.24 -20.67 1.35
N LYS D 111 22.92 -20.70 1.17
CA LYS D 111 22.28 -19.78 0.24
C LYS D 111 21.99 -18.42 0.87
N ALA D 112 22.04 -18.32 2.20
CA ALA D 112 21.74 -17.07 2.90
C ALA D 112 23.01 -16.24 3.00
N LYS D 113 23.32 -15.54 1.90
CA LYS D 113 24.65 -14.95 1.74
C LYS D 113 24.83 -13.70 2.59
N LYS D 114 23.75 -13.05 3.01
CA LYS D 114 23.85 -11.86 3.85
C LYS D 114 23.57 -12.13 5.32
N LEU D 115 23.26 -13.37 5.68
CA LEU D 115 22.81 -13.69 7.04
C LEU D 115 23.94 -13.49 8.04
N LYS D 116 23.69 -12.65 9.05
CA LYS D 116 24.63 -12.41 10.12
C LYS D 116 24.07 -12.76 11.50
N LEU D 117 22.75 -12.83 11.64
CA LEU D 117 22.12 -13.03 12.96
C LEU D 117 20.85 -13.84 12.81
N ALA D 118 20.73 -14.90 13.60
CA ALA D 118 19.53 -15.76 13.64
C ALA D 118 18.95 -15.70 15.04
N VAL D 119 17.76 -15.12 15.17
CA VAL D 119 17.12 -14.88 16.45
C VAL D 119 16.00 -15.89 16.65
N THR D 120 16.03 -16.59 17.78
CA THR D 120 14.95 -17.48 18.18
C THR D 120 13.97 -16.70 19.06
N ALA D 121 12.76 -16.49 18.55
CA ALA D 121 11.73 -15.79 19.31
C ALA D 121 11.08 -16.79 20.25
N GLY D 122 11.68 -16.95 21.42
CA GLY D 122 11.35 -18.04 22.32
C GLY D 122 12.62 -18.67 22.85
N ILE D 123 12.59 -19.98 23.12
CA ILE D 123 13.74 -20.67 23.69
C ILE D 123 13.95 -21.98 22.94
N GLY D 124 15.20 -22.22 22.52
CA GLY D 124 15.55 -23.45 21.82
C GLY D 124 15.87 -23.20 20.37
N SER D 125 17.14 -23.31 20.01
CA SER D 125 17.64 -22.90 18.71
C SER D 125 18.06 -24.09 17.85
N ASP D 126 17.53 -25.27 18.15
CA ASP D 126 17.87 -26.50 17.43
C ASP D 126 17.33 -26.52 16.02
N HIS D 127 16.34 -25.69 15.70
CA HIS D 127 15.90 -25.53 14.32
C HIS D 127 16.95 -24.81 13.48
N VAL D 128 17.97 -24.25 14.11
CA VAL D 128 19.12 -23.66 13.43
C VAL D 128 20.27 -24.66 13.51
N ASP D 129 20.89 -24.94 12.37
CA ASP D 129 22.08 -25.78 12.36
C ASP D 129 23.23 -25.02 13.00
N LEU D 130 23.49 -25.32 14.28
CA LEU D 130 24.51 -24.58 15.02
C LEU D 130 25.91 -24.79 14.43
N GLU D 131 26.18 -26.00 13.92
CA GLU D 131 27.46 -26.27 13.29
C GLU D 131 27.71 -25.34 12.11
N ALA D 132 26.72 -25.17 11.25
CA ALA D 132 26.90 -24.30 10.09
C ALA D 132 26.97 -22.83 10.50
N ALA D 133 26.26 -22.44 11.57
CA ALA D 133 26.31 -21.06 12.01
C ALA D 133 27.69 -20.71 12.56
N ILE D 134 28.30 -21.66 13.29
CA ILE D 134 29.67 -21.47 13.76
C ILE D 134 30.61 -21.29 12.58
N LYS D 135 30.46 -22.13 11.56
CA LYS D 135 31.38 -22.14 10.43
C LYS D 135 31.32 -20.83 9.65
N ASN D 136 30.14 -20.24 9.54
CA ASN D 136 29.92 -19.05 8.73
C ASN D 136 29.90 -17.76 9.55
N GLY D 137 30.27 -17.83 10.83
CA GLY D 137 30.35 -16.64 11.66
C GLY D 137 29.03 -15.99 11.98
N ILE D 138 27.94 -16.77 11.99
CA ILE D 138 26.59 -16.26 12.26
C ILE D 138 26.30 -16.33 13.75
N THR D 139 25.76 -15.24 14.29
CA THR D 139 25.37 -15.21 15.70
C THR D 139 23.96 -15.79 15.88
N VAL D 140 23.81 -16.68 16.87
CA VAL D 140 22.52 -17.29 17.21
C VAL D 140 22.14 -16.87 18.63
N ALA D 141 20.98 -16.23 18.77
CA ALA D 141 20.51 -15.74 20.06
C ALA D 141 19.05 -16.10 20.26
N GLU D 142 18.68 -16.34 21.52
CA GLU D 142 17.32 -16.64 21.90
C GLU D 142 16.98 -15.85 23.16
N VAL D 143 15.69 -15.83 23.52
CA VAL D 143 15.26 -15.03 24.67
C VAL D 143 15.19 -15.95 25.90
N THR D 144 16.34 -16.13 26.54
CA THR D 144 16.49 -17.03 27.68
C THR D 144 15.54 -16.68 28.81
N TYR D 145 14.90 -17.71 29.37
CA TYR D 145 14.00 -17.65 30.52
C TYR D 145 12.64 -17.07 30.18
N SER D 146 12.43 -16.63 28.93
CA SER D 146 11.25 -15.85 28.62
C SER D 146 9.96 -16.66 28.78
N ASN D 147 10.01 -17.97 28.48
CA ASN D 147 8.83 -18.82 28.66
C ASN D 147 9.12 -20.09 29.45
N SER D 148 10.26 -20.15 30.15
CA SER D 148 10.59 -21.34 30.95
C SER D 148 9.51 -21.63 31.98
N ILE D 149 9.00 -20.58 32.64
CA ILE D 149 7.96 -20.77 33.64
C ILE D 149 6.69 -21.29 33.00
N SER D 150 6.34 -20.76 31.81
CA SER D 150 5.13 -21.19 31.12
C SER D 150 5.14 -22.68 30.87
N VAL D 151 6.31 -23.22 30.50
CA VAL D 151 6.42 -24.64 30.21
C VAL D 151 6.27 -25.46 31.48
N SER D 152 6.87 -25.01 32.58
CA SER D 152 6.77 -25.77 33.83
C SER D 152 5.32 -25.92 34.25
N GLU D 153 4.49 -24.91 33.96
CA GLU D 153 3.06 -25.01 34.22
C GLU D 153 2.44 -26.10 33.36
N HIS D 154 2.73 -26.06 32.04
CA HIS D 154 2.24 -27.07 31.11
C HIS D 154 2.65 -28.47 31.56
N VAL D 155 3.86 -28.60 32.09
CA VAL D 155 4.38 -29.91 32.47
C VAL D 155 3.55 -30.51 33.58
N VAL D 156 3.34 -29.74 34.65
CA VAL D 156 2.57 -30.24 35.79
C VAL D 156 1.13 -30.50 35.37
N MET D 157 0.58 -29.64 34.50
CA MET D 157 -0.75 -29.88 33.96
C MET D 157 -0.81 -31.22 33.24
N MET D 158 0.23 -31.54 32.46
CA MET D 158 0.20 -32.75 31.66
C MET D 158 0.47 -33.99 32.51
N ILE D 159 1.35 -33.88 33.52
CA ILE D 159 1.56 -35.01 34.42
C ILE D 159 0.26 -35.38 35.11
N LEU D 160 -0.42 -34.39 35.69
CA LEU D 160 -1.69 -34.65 36.36
C LEU D 160 -2.72 -35.23 35.40
N SER D 161 -2.79 -34.72 34.17
CA SER D 161 -3.79 -35.20 33.21
C SER D 161 -3.58 -36.66 32.87
N LEU D 162 -2.34 -37.05 32.55
CA LEU D 162 -2.02 -38.44 32.28
C LEU D 162 -2.38 -39.32 33.48
N VAL D 163 -1.84 -38.98 34.64
CA VAL D 163 -1.95 -39.85 35.82
C VAL D 163 -3.40 -39.97 36.25
N ARG D 164 -4.13 -38.86 36.30
CA ARG D 164 -5.51 -38.86 36.76
C ARG D 164 -6.51 -39.24 35.68
N ASN D 165 -6.07 -39.27 34.41
CA ASN D 165 -6.88 -39.66 33.24
C ASN D 165 -7.92 -38.58 32.92
N TYR D 166 -7.42 -37.36 32.70
CA TYR D 166 -8.29 -36.20 32.51
C TYR D 166 -9.04 -36.28 31.18
N ILE D 167 -8.32 -36.53 30.10
CA ILE D 167 -8.87 -36.29 28.76
C ILE D 167 -9.91 -37.33 28.38
N PRO D 168 -9.69 -38.64 28.57
CA PRO D 168 -10.79 -39.59 28.29
C PRO D 168 -12.02 -39.34 29.16
N SER D 169 -11.84 -38.77 30.35
CA SER D 169 -12.98 -38.50 31.22
C SER D 169 -13.79 -37.31 30.72
N TYR D 170 -13.09 -36.26 30.25
CA TYR D 170 -13.79 -35.16 29.60
C TYR D 170 -14.57 -35.64 28.39
N GLN D 171 -14.03 -36.61 27.65
CA GLN D 171 -14.72 -37.10 26.48
C GLN D 171 -15.99 -37.85 26.84
N TRP D 172 -16.01 -38.51 28.00
CA TRP D 172 -17.24 -39.12 28.47
C TRP D 172 -18.31 -38.07 28.74
N VAL D 173 -17.90 -36.90 29.25
CA VAL D 173 -18.84 -35.80 29.46
C VAL D 173 -19.48 -35.41 28.13
N ILE D 174 -18.65 -35.23 27.10
CA ILE D 174 -19.12 -34.69 25.84
C ILE D 174 -19.99 -35.72 25.11
N LYS D 175 -19.61 -37.00 25.19
CA LYS D 175 -20.40 -38.08 24.60
C LYS D 175 -21.71 -38.34 25.34
N GLY D 176 -22.01 -37.61 26.41
CA GLY D 176 -23.27 -37.76 27.12
C GLY D 176 -23.29 -38.83 28.18
N GLY D 177 -22.12 -39.28 28.66
CA GLY D 177 -22.04 -40.39 29.58
C GLY D 177 -21.78 -39.98 31.02
N TRP D 178 -21.51 -40.99 31.84
CA TRP D 178 -21.08 -40.81 33.22
C TRP D 178 -19.86 -41.70 33.40
N ASN D 179 -20.11 -43.00 33.56
CA ASN D 179 -19.10 -44.03 33.29
C ASN D 179 -17.90 -43.89 34.24
N ILE D 180 -18.20 -43.81 35.55
CA ILE D 180 -17.14 -43.57 36.53
C ILE D 180 -16.04 -44.62 36.40
N ALA D 181 -16.42 -45.90 36.35
CA ALA D 181 -15.42 -46.96 36.34
C ALA D 181 -14.64 -46.98 35.03
N ASP D 182 -15.22 -46.51 33.93
CA ASP D 182 -14.44 -46.38 32.70
C ASP D 182 -13.41 -45.28 32.83
N CYS D 183 -13.72 -44.24 33.60
CA CYS D 183 -12.77 -43.15 33.79
C CYS D 183 -11.65 -43.55 34.73
N VAL D 184 -11.97 -44.22 35.84
CA VAL D 184 -11.01 -44.39 36.93
C VAL D 184 -10.35 -45.76 36.94
N GLU D 185 -10.67 -46.63 35.98
CA GLU D 185 -9.88 -47.86 35.91
C GLU D 185 -8.44 -47.58 35.49
N ARG D 186 -8.15 -46.37 35.00
CA ARG D 186 -6.79 -45.92 34.74
C ARG D 186 -6.45 -44.64 35.47
N SER D 187 -7.15 -44.31 36.57
CA SER D 187 -6.95 -43.05 37.26
C SER D 187 -6.21 -43.28 38.57
N TYR D 188 -5.15 -42.51 38.79
CA TYR D 188 -4.35 -42.59 40.00
C TYR D 188 -4.11 -41.19 40.55
N ASP D 189 -3.82 -41.12 41.85
CA ASP D 189 -3.28 -39.91 42.42
C ASP D 189 -1.80 -39.78 42.08
N LEU D 190 -1.32 -38.55 42.01
CA LEU D 190 0.11 -38.32 41.84
C LEU D 190 0.86 -38.41 43.16
N GLU D 191 0.15 -38.29 44.29
CA GLU D 191 0.77 -38.26 45.61
C GLU D 191 1.69 -39.45 45.84
N ALA D 192 2.91 -39.17 46.32
CA ALA D 192 3.93 -40.12 46.75
C ALA D 192 4.50 -40.94 45.60
N MET D 193 4.13 -40.64 44.36
CA MET D 193 4.79 -41.24 43.21
C MET D 193 6.21 -40.68 43.08
N HIS D 194 7.07 -41.43 42.38
CA HIS D 194 8.42 -40.96 42.07
C HIS D 194 8.41 -40.25 40.72
N VAL D 195 8.87 -39.00 40.71
CA VAL D 195 8.94 -38.20 39.50
C VAL D 195 10.38 -37.77 39.30
N GLY D 196 10.88 -37.94 38.08
CA GLY D 196 12.24 -37.55 37.73
C GLY D 196 12.23 -36.62 36.54
N THR D 197 13.16 -35.67 36.52
CA THR D 197 13.31 -34.75 35.42
C THR D 197 14.68 -34.93 34.77
N VAL D 198 14.68 -34.97 33.44
CA VAL D 198 15.91 -34.86 32.66
C VAL D 198 16.15 -33.36 32.50
N ALA D 199 17.09 -32.84 33.31
CA ALA D 199 17.52 -31.45 33.42
C ALA D 199 16.80 -30.72 34.54
N ALA D 200 17.57 -30.02 35.38
CA ALA D 200 17.02 -29.13 36.39
C ALA D 200 17.48 -27.71 36.10
N GLY D 201 17.28 -27.27 34.86
CA GLY D 201 17.58 -25.90 34.46
C GLY D 201 16.43 -24.99 34.76
N ARG D 202 16.27 -23.97 33.91
CA ARG D 202 15.23 -22.98 34.17
C ARG D 202 13.84 -23.61 34.15
N ILE D 203 13.59 -24.54 33.22
CA ILE D 203 12.31 -25.24 33.21
C ILE D 203 12.31 -26.31 34.31
N GLY D 204 13.35 -27.14 34.35
CA GLY D 204 13.35 -28.31 35.21
C GLY D 204 13.28 -27.97 36.69
N LEU D 205 14.04 -26.96 37.13
CA LEU D 205 13.96 -26.50 38.51
C LEU D 205 12.56 -26.00 38.84
N ALA D 206 11.98 -25.19 37.95
CA ALA D 206 10.62 -24.70 38.18
C ALA D 206 9.63 -25.86 38.23
N VAL D 207 9.88 -26.92 37.47
CA VAL D 207 9.03 -28.11 37.53
C VAL D 207 9.15 -28.76 38.91
N LEU D 208 10.39 -28.93 39.38
CA LEU D 208 10.60 -29.59 40.67
C LEU D 208 9.99 -28.79 41.81
N LYS D 209 10.10 -27.47 41.76
CA LYS D 209 9.55 -26.63 42.82
C LYS D 209 8.03 -26.75 42.87
N ARG D 210 7.38 -26.72 41.69
CA ARG D 210 5.93 -26.82 41.64
C ARG D 210 5.44 -28.21 42.03
N LEU D 211 6.27 -29.24 41.81
CA LEU D 211 5.89 -30.61 42.16
C LEU D 211 6.04 -30.90 43.64
N LYS D 212 6.99 -30.24 44.32
CA LYS D 212 7.32 -30.58 45.70
C LYS D 212 6.10 -30.64 46.64
N PRO D 213 5.19 -29.67 46.68
CA PRO D 213 4.06 -29.77 47.61
C PRO D 213 3.01 -30.80 47.21
N PHE D 214 3.21 -31.55 46.13
CA PHE D 214 2.37 -32.70 45.85
C PHE D 214 2.83 -33.94 46.61
N ASP D 215 3.92 -33.83 47.36
CA ASP D 215 4.50 -34.94 48.12
C ASP D 215 4.92 -36.09 47.23
N VAL D 216 5.35 -35.77 46.00
CA VAL D 216 6.04 -36.74 45.16
C VAL D 216 7.47 -36.92 45.67
N LYS D 217 8.11 -37.99 45.21
CA LYS D 217 9.51 -38.25 45.52
C LYS D 217 10.32 -37.87 44.27
N LEU D 218 11.28 -36.97 44.43
CA LEU D 218 11.87 -36.24 43.31
C LEU D 218 13.25 -36.77 42.94
N HIS D 219 13.49 -36.83 41.63
CA HIS D 219 14.74 -37.31 41.05
C HIS D 219 15.14 -36.40 39.90
N TYR D 220 16.44 -36.37 39.60
CA TYR D 220 16.90 -35.65 38.44
C TYR D 220 18.20 -36.24 37.92
N PHE D 221 18.40 -36.13 36.60
CA PHE D 221 19.70 -36.34 35.98
C PHE D 221 20.08 -35.07 35.25
N GLN D 222 21.36 -34.71 35.37
CA GLN D 222 21.96 -33.54 34.73
C GLN D 222 23.43 -33.87 34.57
N ARG D 223 24.11 -33.13 33.71
CA ARG D 223 25.56 -33.37 33.55
C ARG D 223 26.27 -32.71 34.71
N HIS D 224 25.77 -31.55 35.15
CA HIS D 224 26.39 -30.90 36.32
C HIS D 224 25.46 -31.06 37.51
N ARG D 225 25.97 -31.73 38.52
CA ARG D 225 25.20 -31.92 39.74
C ARG D 225 24.93 -30.60 40.44
N LEU D 226 23.74 -30.47 41.04
CA LEU D 226 23.46 -29.34 41.92
C LEU D 226 24.21 -29.55 43.24
N PRO D 227 24.43 -28.48 44.00
CA PRO D 227 25.10 -28.65 45.30
C PRO D 227 24.19 -29.35 46.29
N GLU D 228 24.79 -30.17 47.15
CA GLU D 228 24.11 -30.87 48.23
C GLU D 228 23.07 -29.98 48.89
N SER D 229 23.39 -28.69 49.02
CA SER D 229 22.50 -27.74 49.69
C SER D 229 21.15 -27.65 48.99
N VAL D 230 21.15 -27.46 47.67
CA VAL D 230 19.90 -27.33 46.94
C VAL D 230 19.15 -28.65 46.92
N GLU D 231 19.88 -29.75 46.68
CA GLU D 231 19.26 -31.07 46.59
C GLU D 231 18.49 -31.40 47.85
N ASN D 232 19.11 -31.20 49.01
CA ASN D 232 18.50 -31.57 50.29
C ASN D 232 17.28 -30.71 50.60
N GLU D 233 17.27 -29.46 50.12
CA GLU D 233 16.08 -28.62 50.29
C GLU D 233 14.90 -29.18 49.52
N LEU D 234 15.09 -29.48 48.24
CA LEU D 234 13.99 -29.97 47.41
C LEU D 234 13.71 -31.46 47.62
N GLY D 235 14.60 -32.17 48.30
CA GLY D 235 14.47 -33.61 48.43
C GLY D 235 14.93 -34.38 47.22
N LEU D 236 15.91 -33.86 46.48
CA LEU D 236 16.26 -34.42 45.19
C LEU D 236 17.23 -35.59 45.33
N THR D 237 16.99 -36.64 44.58
CA THR D 237 17.97 -37.71 44.38
C THR D 237 18.63 -37.50 43.03
N TYR D 238 19.94 -37.28 43.04
CA TYR D 238 20.72 -37.22 41.81
C TYR D 238 20.97 -38.62 41.27
N HIS D 239 20.89 -38.75 39.95
CA HIS D 239 21.32 -39.99 39.34
C HIS D 239 22.43 -39.72 38.34
N PRO D 240 23.48 -40.53 38.31
CA PRO D 240 24.61 -40.26 37.40
C PRO D 240 24.24 -40.43 35.93
N SER D 241 23.12 -41.07 35.63
CA SER D 241 22.72 -41.30 34.26
C SER D 241 21.20 -41.31 34.18
N VAL D 242 20.66 -41.02 32.99
CA VAL D 242 19.22 -41.05 32.82
C VAL D 242 18.69 -42.46 33.02
N GLU D 243 19.46 -43.46 32.59
CA GLU D 243 18.97 -44.84 32.67
C GLU D 243 18.84 -45.29 34.12
N ASP D 244 19.71 -44.80 35.01
CA ASP D 244 19.56 -45.10 36.43
C ASP D 244 18.34 -44.40 37.00
N MET D 245 18.03 -43.18 36.53
CA MET D 245 16.86 -42.46 37.01
C MET D 245 15.56 -43.18 36.66
N VAL D 246 15.37 -43.50 35.38
CA VAL D 246 14.05 -43.96 34.93
C VAL D 246 13.68 -45.30 35.52
N LYS D 247 14.64 -46.11 35.99
CA LYS D 247 14.30 -47.40 36.56
C LYS D 247 13.47 -47.30 37.83
N VAL D 248 13.52 -46.18 38.55
CA VAL D 248 12.76 -46.02 39.79
C VAL D 248 11.66 -44.99 39.67
N CYS D 249 11.40 -44.47 38.47
CA CYS D 249 10.50 -43.33 38.32
C CYS D 249 9.13 -43.78 37.82
N ASP D 250 8.09 -43.31 38.52
CA ASP D 250 6.73 -43.49 38.00
C ASP D 250 6.42 -42.48 36.91
N VAL D 251 7.01 -41.28 36.97
CA VAL D 251 6.81 -40.23 35.97
C VAL D 251 8.16 -39.66 35.61
N VAL D 252 8.35 -39.35 34.32
CA VAL D 252 9.59 -38.78 33.82
C VAL D 252 9.27 -37.56 32.96
N THR D 253 9.88 -36.43 33.29
CA THR D 253 9.78 -35.20 32.50
C THR D 253 11.09 -34.96 31.76
N ILE D 254 11.00 -34.56 30.49
CA ILE D 254 12.19 -34.17 29.72
C ILE D 254 12.23 -32.65 29.60
N ASN D 255 13.34 -32.05 30.05
CA ASN D 255 13.46 -30.60 30.06
C ASN D 255 14.84 -30.13 29.60
N ALA D 256 15.55 -30.93 28.80
CA ALA D 256 16.83 -30.60 28.21
C ALA D 256 16.66 -30.05 26.79
N PRO D 257 17.63 -29.30 26.27
CA PRO D 257 17.58 -28.89 24.86
C PRO D 257 17.86 -30.07 23.95
N LEU D 258 17.55 -29.87 22.67
CA LEU D 258 17.90 -30.82 21.62
C LEU D 258 19.27 -30.43 21.06
N HIS D 259 20.25 -31.28 21.32
CA HIS D 259 21.59 -31.17 20.75
C HIS D 259 22.09 -32.62 20.65
N PRO D 260 23.30 -32.89 20.14
CA PRO D 260 23.70 -34.29 19.98
C PRO D 260 23.69 -35.11 21.26
N GLY D 261 23.82 -34.47 22.43
CA GLY D 261 23.78 -35.22 23.66
C GLY D 261 22.41 -35.73 24.05
N THR D 262 21.35 -35.21 23.43
CA THR D 262 19.98 -35.61 23.77
C THR D 262 19.17 -36.13 22.59
N LEU D 263 19.72 -36.11 21.36
CA LEU D 263 19.01 -36.70 20.23
C LEU D 263 18.76 -38.18 20.48
N ASP D 264 17.53 -38.62 20.23
CA ASP D 264 17.13 -40.02 20.36
C ASP D 264 17.43 -40.59 21.75
N LEU D 265 17.48 -39.73 22.76
CA LEU D 265 17.75 -40.21 24.11
C LEU D 265 16.73 -41.27 24.52
N PHE D 266 15.45 -41.00 24.30
CA PHE D 266 14.40 -41.97 24.65
C PHE D 266 14.09 -42.79 23.41
N ASN D 267 14.98 -43.73 23.15
CA ASN D 267 14.84 -44.76 22.12
C ASN D 267 14.20 -45.98 22.76
N ASP D 268 14.08 -47.06 21.98
CA ASP D 268 13.50 -48.29 22.51
C ASP D 268 14.28 -48.80 23.72
N GLU D 269 15.61 -48.70 23.68
CA GLU D 269 16.44 -49.29 24.73
C GLU D 269 16.23 -48.58 26.06
N LEU D 270 16.26 -47.25 26.06
CA LEU D 270 16.05 -46.52 27.31
C LEU D 270 14.63 -46.69 27.82
N ILE D 271 13.65 -46.64 26.91
CA ILE D 271 12.25 -46.75 27.31
C ILE D 271 11.96 -48.10 27.94
N SER D 272 12.58 -49.16 27.40
CA SER D 272 12.37 -50.49 27.96
C SER D 272 12.93 -50.62 29.36
N LYS D 273 13.82 -49.73 29.77
CA LYS D 273 14.35 -49.75 31.12
C LYS D 273 13.48 -48.98 32.10
N MET D 274 12.48 -48.25 31.59
CA MET D 274 11.54 -47.56 32.45
C MET D 274 10.60 -48.56 33.13
N LYS D 275 9.95 -48.11 34.19
CA LYS D 275 8.96 -48.94 34.87
C LYS D 275 7.77 -49.21 33.96
N ARG D 276 7.26 -50.45 33.98
N ARG D 276 7.25 -50.44 34.00
CA ARG D 276 6.00 -50.78 33.31
CA ARG D 276 6.01 -50.73 33.30
C ARG D 276 4.91 -49.84 33.81
C ARG D 276 4.92 -49.81 33.82
N GLY D 277 4.22 -49.18 32.88
CA GLY D 277 3.21 -48.20 33.25
C GLY D 277 3.75 -46.84 33.62
N ALA D 278 4.99 -46.54 33.25
CA ALA D 278 5.53 -45.21 33.48
C ALA D 278 4.83 -44.19 32.58
N TYR D 279 4.74 -42.96 33.08
CA TYR D 279 4.23 -41.83 32.31
C TYR D 279 5.40 -40.99 31.84
N LEU D 280 5.36 -40.57 30.57
CA LEU D 280 6.43 -39.78 29.97
C LEU D 280 5.87 -38.46 29.45
N VAL D 281 6.43 -37.36 29.94
CA VAL D 281 6.05 -36.03 29.52
C VAL D 281 7.26 -35.37 28.87
N ASN D 282 7.04 -34.77 27.71
CA ASN D 282 8.10 -34.12 26.90
C ASN D 282 7.61 -32.80 26.32
N THR D 283 8.00 -31.71 26.95
CA THR D 283 7.73 -30.33 26.49
C THR D 283 9.05 -29.68 26.05
N ALA D 284 10.07 -30.52 25.85
CA ALA D 284 11.42 -30.06 25.47
C ALA D 284 11.70 -29.95 23.96
N ARG D 285 11.83 -31.06 23.27
CA ARG D 285 11.87 -31.11 21.79
C ARG D 285 11.43 -32.50 21.38
N GLY D 286 10.69 -32.58 20.29
CA GLY D 286 10.24 -33.87 19.79
C GLY D 286 11.32 -34.92 19.63
N LYS D 287 12.44 -34.56 19.01
CA LYS D 287 13.46 -35.54 18.63
C LYS D 287 14.24 -36.10 19.81
N ILE D 288 14.08 -35.55 21.02
CA ILE D 288 14.69 -36.18 22.17
C ILE D 288 14.04 -37.54 22.44
N CYS D 289 12.81 -37.73 21.98
CA CYS D 289 12.13 -39.02 22.02
C CYS D 289 12.06 -39.60 20.61
N ASN D 290 12.48 -40.86 20.46
CA ASN D 290 12.35 -41.50 19.17
C ASN D 290 10.87 -41.69 18.87
N ARG D 291 10.44 -41.12 17.75
CA ARG D 291 9.01 -40.96 17.46
C ARG D 291 8.26 -42.28 17.58
N ASP D 292 8.78 -43.33 16.93
CA ASP D 292 8.06 -44.60 16.88
C ASP D 292 8.31 -45.47 18.12
N ALA D 293 9.40 -45.23 18.84
CA ALA D 293 9.63 -45.95 20.09
C ALA D 293 8.56 -45.60 21.12
N VAL D 294 8.20 -44.32 21.21
CA VAL D 294 7.12 -43.89 22.09
C VAL D 294 5.82 -44.59 21.71
N VAL D 295 5.56 -44.70 20.40
CA VAL D 295 4.32 -45.34 19.94
C VAL D 295 4.32 -46.81 20.31
N ARG D 296 5.44 -47.50 20.10
CA ARG D 296 5.52 -48.92 20.43
C ARG D 296 5.29 -49.14 21.93
N ALA D 297 5.81 -48.26 22.77
CA ALA D 297 5.70 -48.46 24.22
C ALA D 297 4.27 -48.20 24.71
N LEU D 298 3.56 -47.26 24.10
CA LEU D 298 2.17 -47.03 24.48
C LEU D 298 1.28 -48.19 24.03
N GLU D 299 1.59 -48.80 22.88
CA GLU D 299 0.77 -49.91 22.41
C GLU D 299 0.99 -51.16 23.26
N SER D 300 2.17 -51.32 23.85
CA SER D 300 2.47 -52.47 24.69
C SER D 300 2.13 -52.25 26.15
N GLY D 301 1.73 -51.05 26.55
CA GLY D 301 1.52 -50.75 27.94
C GLY D 301 2.78 -50.48 28.72
N GLN D 302 3.96 -50.56 28.08
CA GLN D 302 5.20 -50.20 28.76
C GLN D 302 5.16 -48.75 29.22
N LEU D 303 4.67 -47.86 28.39
CA LEU D 303 4.25 -46.53 28.80
C LEU D 303 2.74 -46.56 29.01
N ALA D 304 2.28 -46.09 30.17
CA ALA D 304 0.85 -45.93 30.38
C ALA D 304 0.31 -44.65 29.76
N GLY D 305 1.17 -43.67 29.48
CA GLY D 305 0.74 -42.41 28.91
C GLY D 305 1.90 -41.53 28.49
N TYR D 306 1.69 -40.72 27.46
CA TYR D 306 2.67 -39.77 26.95
C TYR D 306 1.96 -38.46 26.67
N ALA D 307 2.57 -37.36 27.09
CA ALA D 307 1.99 -36.05 26.83
C ALA D 307 3.10 -35.05 26.59
N GLY D 308 2.91 -34.20 25.58
CA GLY D 308 3.86 -33.14 25.32
C GLY D 308 3.24 -32.19 24.33
N ASP D 309 3.92 -31.08 24.11
CA ASP D 309 3.51 -30.12 23.10
C ASP D 309 4.48 -30.06 21.92
N VAL D 310 5.56 -30.84 21.92
CA VAL D 310 6.62 -30.68 20.94
C VAL D 310 6.68 -31.91 20.04
N TRP D 311 6.90 -31.67 18.74
CA TRP D 311 6.85 -32.68 17.70
C TRP D 311 8.03 -32.51 16.76
N PHE D 312 8.22 -33.50 15.89
CA PHE D 312 9.07 -33.32 14.72
C PHE D 312 8.46 -34.04 13.53
N PRO D 313 8.37 -33.38 12.36
CA PRO D 313 8.76 -31.97 12.18
C PRO D 313 7.67 -31.02 12.69
N GLN D 314 7.91 -29.72 12.68
CA GLN D 314 6.88 -28.79 13.06
C GLN D 314 6.60 -27.83 11.90
N PRO D 315 5.34 -27.71 11.45
CA PRO D 315 4.16 -28.36 12.04
C PRO D 315 4.13 -29.86 11.79
N ALA D 316 3.55 -30.61 12.71
CA ALA D 316 3.40 -32.04 12.52
C ALA D 316 2.40 -32.33 11.41
N PRO D 317 2.72 -33.21 10.47
CA PRO D 317 1.76 -33.50 9.39
C PRO D 317 0.52 -34.18 9.91
N LYS D 318 -0.50 -34.20 9.05
CA LYS D 318 -1.81 -34.75 9.39
C LYS D 318 -1.74 -36.21 9.82
N ASP D 319 -0.79 -36.96 9.26
N ASP D 319 -0.79 -36.97 9.25
CA ASP D 319 -0.62 -38.42 9.50
CA ASP D 319 -0.68 -38.42 9.55
C ASP D 319 0.42 -38.74 10.58
C ASP D 319 0.45 -38.73 10.56
N HIS D 320 0.93 -37.74 11.28
CA HIS D 320 1.96 -37.99 12.28
C HIS D 320 1.44 -38.95 13.35
N PRO D 321 2.18 -40.02 13.66
CA PRO D 321 1.60 -41.08 14.52
C PRO D 321 1.35 -40.67 15.95
N TRP D 322 1.94 -39.57 16.45
CA TRP D 322 1.65 -39.18 17.83
C TRP D 322 0.23 -38.66 17.97
N ARG D 323 -0.43 -38.29 16.86
CA ARG D 323 -1.82 -37.85 16.91
C ARG D 323 -2.77 -38.99 17.26
N THR D 324 -2.45 -40.23 16.87
CA THR D 324 -3.39 -41.34 16.97
C THR D 324 -2.97 -42.43 17.98
N MET D 325 -1.77 -42.36 18.53
CA MET D 325 -1.31 -43.40 19.44
C MET D 325 -2.18 -43.43 20.70
N PRO D 326 -2.27 -44.57 21.37
CA PRO D 326 -3.13 -44.67 22.55
C PRO D 326 -2.59 -43.89 23.74
N HIS D 327 -3.53 -43.37 24.54
CA HIS D 327 -3.26 -42.82 25.87
C HIS D 327 -2.35 -41.60 25.83
N HIS D 328 -2.52 -40.75 24.83
CA HIS D 328 -1.73 -39.52 24.76
C HIS D 328 -2.55 -38.32 25.23
N GLY D 329 -1.84 -37.29 25.70
CA GLY D 329 -2.45 -36.04 26.08
C GLY D 329 -1.79 -34.88 25.36
N MET D 330 -1.53 -35.04 24.07
CA MET D 330 -0.74 -34.08 23.32
C MET D 330 -1.49 -32.76 23.13
N THR D 331 -0.71 -31.71 22.86
CA THR D 331 -1.17 -30.45 22.32
C THR D 331 -0.20 -30.09 21.20
N PRO D 332 -0.57 -29.16 20.31
CA PRO D 332 0.44 -28.57 19.44
C PRO D 332 1.44 -27.78 20.28
N HIS D 333 2.47 -27.27 19.60
CA HIS D 333 3.53 -26.57 20.31
C HIS D 333 3.04 -25.21 20.79
N ILE D 334 2.46 -25.16 21.99
CA ILE D 334 1.78 -23.96 22.45
C ILE D 334 2.30 -23.43 23.79
N SER D 335 2.94 -24.26 24.62
CA SER D 335 3.22 -23.84 26.00
C SER D 335 4.08 -22.57 26.03
N GLY D 336 5.18 -22.57 25.27
CA GLY D 336 6.04 -21.40 25.24
C GLY D 336 5.50 -20.20 24.51
N THR D 337 4.31 -20.30 23.93
CA THR D 337 3.69 -19.17 23.23
C THR D 337 2.30 -18.84 23.79
N SER D 338 2.11 -19.04 25.10
CA SER D 338 0.99 -18.41 25.77
C SER D 338 1.08 -16.90 25.57
N LEU D 339 -0.07 -16.22 25.66
CA LEU D 339 -0.06 -14.77 25.51
C LEU D 339 0.86 -14.10 26.53
N SER D 340 0.92 -14.63 27.75
CA SER D 340 1.85 -14.11 28.75
C SER D 340 3.29 -14.29 28.30
N ALA D 341 3.62 -15.46 27.74
CA ALA D 341 4.97 -15.71 27.27
C ALA D 341 5.31 -14.88 26.05
N GLN D 342 4.33 -14.62 25.18
CA GLN D 342 4.60 -13.84 23.97
C GLN D 342 5.10 -12.45 24.32
N ALA D 343 4.42 -11.79 25.27
CA ALA D 343 4.83 -10.44 25.66
C ALA D 343 6.31 -10.40 26.04
N ARG D 344 6.80 -11.45 26.70
CA ARG D 344 8.18 -11.45 27.17
C ARG D 344 9.16 -11.72 26.03
N TYR D 345 8.93 -12.77 25.24
CA TYR D 345 9.94 -13.08 24.23
C TYR D 345 9.85 -12.14 23.03
N ALA D 346 8.70 -11.50 22.81
CA ALA D 346 8.64 -10.43 21.82
C ALA D 346 9.49 -9.25 22.26
N ALA D 347 9.35 -8.84 23.53
CA ALA D 347 10.20 -7.77 24.04
C ALA D 347 11.67 -8.17 24.01
N GLY D 348 11.96 -9.44 24.30
CA GLY D 348 13.34 -9.89 24.22
C GLY D 348 13.88 -9.90 22.81
N THR D 349 13.02 -10.22 21.84
CA THR D 349 13.45 -10.18 20.45
C THR D 349 13.80 -8.76 20.03
N ARG D 350 13.05 -7.77 20.53
CA ARG D 350 13.39 -6.38 20.24
C ARG D 350 14.67 -5.96 20.95
N GLU D 351 14.85 -6.36 22.21
CA GLU D 351 16.06 -6.01 22.94
C GLU D 351 17.29 -6.53 22.19
N ILE D 352 17.18 -7.73 21.60
CA ILE D 352 18.29 -8.29 20.85
C ILE D 352 18.56 -7.48 19.60
N LEU D 353 17.49 -7.08 18.88
CA LEU D 353 17.65 -6.29 17.66
C LEU D 353 18.25 -4.93 17.97
N GLU D 354 17.78 -4.29 19.05
CA GLU D 354 18.33 -2.99 19.43
C GLU D 354 19.81 -3.08 19.72
N CYS D 355 20.23 -4.12 20.44
CA CYS D 355 21.65 -4.35 20.68
C CYS D 355 22.40 -4.56 19.37
N TRP D 356 21.83 -5.35 18.46
CA TRP D 356 22.49 -5.64 17.20
C TRP D 356 22.72 -4.38 16.38
N PHE D 357 21.71 -3.52 16.30
CA PHE D 357 21.79 -2.36 15.41
C PHE D 357 22.49 -1.18 16.06
N GLU D 358 22.52 -1.10 17.39
CA GLU D 358 23.31 -0.09 18.07
C GLU D 358 24.73 -0.55 18.34
N GLU D 359 25.09 -1.74 17.85
CA GLU D 359 26.43 -2.34 18.00
C GLU D 359 26.82 -2.49 19.47
N ARG D 360 25.84 -2.52 20.37
CA ARG D 360 26.03 -2.93 21.75
C ARG D 360 26.05 -4.45 21.84
N PRO D 361 26.66 -5.01 22.90
CA PRO D 361 26.68 -6.47 23.02
C PRO D 361 25.32 -7.02 23.43
N ILE D 362 24.94 -8.13 22.81
CA ILE D 362 23.76 -8.86 23.22
C ILE D 362 24.00 -9.50 24.57
N ARG D 363 22.99 -9.49 25.44
CA ARG D 363 23.05 -10.17 26.74
C ARG D 363 23.75 -11.51 26.61
N GLU D 364 24.73 -11.76 27.49
CA GLU D 364 25.46 -13.01 27.42
C GLU D 364 24.53 -14.21 27.57
N GLU D 365 23.51 -14.10 28.41
CA GLU D 365 22.63 -15.26 28.60
C GLU D 365 21.69 -15.48 27.41
N TYR D 366 21.50 -14.48 26.55
CA TYR D 366 20.75 -14.70 25.33
C TYR D 366 21.54 -15.46 24.27
N LEU D 367 22.86 -15.45 24.34
CA LEU D 367 23.68 -15.97 23.25
C LEU D 367 23.70 -17.50 23.24
N ILE D 368 23.63 -18.07 22.04
CA ILE D 368 23.84 -19.50 21.81
C ILE D 368 25.15 -19.75 21.08
N VAL D 369 25.34 -19.12 19.92
CA VAL D 369 26.65 -19.09 19.28
C VAL D 369 26.96 -17.65 18.89
N ASP D 370 28.24 -17.31 18.96
CA ASP D 370 28.72 -15.95 18.74
C ASP D 370 30.22 -16.00 18.50
N GLY D 371 30.68 -15.36 17.43
CA GLY D 371 32.11 -15.32 17.16
C GLY D 371 32.73 -16.67 16.88
N GLY D 372 31.95 -17.58 16.29
CA GLY D 372 32.51 -18.85 15.85
C GLY D 372 32.54 -19.94 16.89
N LYS D 373 31.75 -19.84 17.96
CA LYS D 373 31.73 -20.88 18.97
C LYS D 373 30.43 -20.80 19.76
N LEU D 374 30.15 -21.85 20.52
CA LEU D 374 29.10 -21.75 21.52
C LEU D 374 29.50 -20.69 22.54
N ALA D 375 28.55 -19.83 22.89
CA ALA D 375 28.79 -18.77 23.85
C ALA D 375 27.56 -18.62 24.73
N GLY D 376 27.74 -17.91 25.83
CA GLY D 376 26.62 -17.64 26.73
C GLY D 376 25.93 -18.91 27.17
N THR D 377 24.60 -18.92 27.08
CA THR D 377 23.83 -20.08 27.50
C THR D 377 24.07 -21.27 26.56
N GLY D 378 24.43 -21.01 25.30
CA GLY D 378 24.76 -22.11 24.40
C GLY D 378 25.87 -23.00 24.94
N ALA D 379 26.94 -22.38 25.45
CA ALA D 379 28.03 -23.18 25.99
C ALA D 379 27.66 -23.85 27.31
N HIS D 380 26.71 -23.28 28.06
CA HIS D 380 26.29 -23.90 29.31
C HIS D 380 25.41 -25.12 29.06
N SER D 381 24.59 -25.08 28.01
CA SER D 381 23.50 -26.03 27.87
C SER D 381 23.51 -26.82 26.57
N TYR D 382 24.30 -26.44 25.56
CA TYR D 382 24.31 -27.13 24.28
C TYR D 382 25.66 -27.81 24.02
N THR D 383 25.62 -28.76 23.10
CA THR D 383 26.77 -29.47 22.59
C THR D 383 26.74 -29.39 21.06
N VAL D 384 27.90 -29.59 20.43
CA VAL D 384 27.97 -29.49 18.98
C VAL D 384 28.97 -30.47 18.38
N1 AZI E . -10.17 -14.07 -12.43
N2 AZI E . -10.95 -13.42 -11.86
N3 AZI E . -11.72 -12.78 -11.29
PA NAP F . -18.61 -13.31 -20.20
O1A NAP F . -19.57 -14.48 -20.02
O2A NAP F . -19.37 -11.99 -20.21
O5B NAP F . -17.85 -13.47 -21.63
C5B NAP F . -17.66 -14.78 -22.00
C4B NAP F . -17.37 -14.73 -23.52
O4B NAP F . -16.60 -16.05 -23.84
C3B NAP F . -18.48 -14.75 -24.11
O3B NAP F . -18.56 -13.63 -25.09
C2B NAP F . -18.56 -16.14 -24.97
O2B NAP F . -19.11 -15.75 -26.27
C1B NAP F . -17.32 -16.39 -25.12
N9A NAP F . -16.90 -17.75 -25.62
C8A NAP F . -17.48 -18.67 -24.81
N7A NAP F . -17.08 -19.90 -25.27
C5A NAP F . -16.27 -19.71 -26.33
C6A NAP F . -15.56 -20.53 -27.19
N6A NAP F . -15.64 -22.01 -27.01
N1A NAP F . -14.83 -20.01 -28.16
C2A NAP F . -14.74 -18.67 -28.33
N3A NAP F . -15.42 -17.84 -27.51
C4A NAP F . -16.15 -18.39 -26.53
O3 NAP F . -17.41 -13.30 -19.00
PN NAP F . -16.14 -12.20 -19.02
O1N NAP F . -15.99 -11.55 -20.36
O2N NAP F . -16.44 -11.14 -18.00
O5D NAP F . -14.72 -12.99 -18.66
C5D NAP F . -14.38 -14.12 -19.50
C4D NAP F . -13.37 -14.93 -18.78
O4D NAP F . -12.10 -13.99 -18.42
C3D NAP F . -13.84 -15.34 -17.62
O3D NAP F . -14.55 -16.65 -17.74
C2D NAP F . -12.62 -15.53 -16.77
O2D NAP F . -12.17 -16.83 -16.93
C1D NAP F . -11.58 -14.52 -17.37
N1N NAP F . -11.36 -13.46 -16.33
C2N NAP F . -10.12 -13.16 -15.92
C3N NAP F . -9.95 -12.19 -14.93
C7N NAP F . -8.56 -11.81 -14.44
O7N NAP F . -7.59 -11.98 -15.12
N7N NAP F . -8.41 -11.26 -13.16
C4N NAP F . -11.04 -11.58 -14.38
C5N NAP F . -12.30 -11.89 -14.80
C6N NAP F . -12.45 -12.85 -15.79
P2B NAP F . -19.91 -16.88 -27.16
O1X NAP F . -20.57 -16.20 -28.33
O2X NAP F . -18.94 -17.93 -27.65
O3X NAP F . -20.96 -17.48 -26.26
N1 AZI G . 10.54 14.26 -28.92
N2 AZI G . 10.31 13.90 -30.00
N3 AZI G . 10.09 13.55 -31.08
PA NAP H . 1.32 20.52 -31.12
O1A NAP H . 1.79 21.82 -31.75
O2A NAP H . 0.38 19.80 -32.08
O5B NAP H . 0.50 20.84 -29.74
C5B NAP H . 1.14 21.68 -28.85
C4B NAP H . 0.03 22.18 -27.89
O4B NAP H . 0.68 22.84 -26.64
C3B NAP H . -0.65 23.07 -28.49
O3B NAP H . -2.05 22.60 -28.58
C2B NAP H . -0.62 24.42 -27.55
O2B NAP H . -2.01 24.88 -27.55
C1B NAP H . -0.36 23.91 -26.40
N9A NAP H . 0.14 24.79 -25.27
C8A NAP H . 1.09 25.56 -25.82
N7A NAP H . 1.57 26.35 -24.80
C5A NAP H . 0.92 26.04 -23.67
C6A NAP H . 0.97 26.48 -22.38
N6A NAP H . 1.95 27.56 -22.03
N1A NAP H . 0.18 25.96 -21.44
C2A NAP H . -0.70 24.97 -21.78
N3A NAP H . -0.77 24.52 -23.04
C4A NAP H . 0.04 25.06 -23.96
O3 NAP H . 2.62 19.52 -30.77
PN NAP H . 2.41 17.92 -30.29
O1N NAP H . 1.03 17.71 -29.73
O2N NAP H . 2.60 17.06 -31.50
O5D NAP H . 3.54 17.63 -29.12
C5D NAP H . 3.83 18.72 -28.23
C4D NAP H . 5.17 18.55 -27.59
O4D NAP H . 5.31 17.02 -27.06
C3D NAP H . 6.15 18.69 -28.46
O3D NAP H . 6.56 20.13 -28.61
C2D NAP H . 7.29 17.93 -27.84
O2D NAP H . 7.97 18.76 -26.95
C1D NAP H . 6.58 16.78 -27.06
N1N NAP H . 6.85 15.50 -27.79
C2N NAP H . 7.40 14.45 -27.16
C3N NAP H . 7.68 13.28 -27.86
C7N NAP H . 8.30 12.09 -27.16
O7N NAP H . 8.19 11.95 -25.96
N7N NAP H . 9.02 11.14 -27.93
C4N NAP H . 7.40 13.21 -29.19
C5N NAP H . 6.83 14.27 -29.84
C6N NAP H . 6.57 15.42 -29.13
P2B NAP H . -2.41 26.42 -27.09
O1X NAP H . -3.89 26.58 -27.11
O2X NAP H . -1.91 26.70 -25.68
O3X NAP H . -1.76 27.36 -28.08
N1 AZI I . -11.25 25.19 18.20
N2 AZI I . -11.50 26.16 17.62
N3 AZI I . -11.75 27.14 17.05
PA NAP J . -5.30 23.49 8.48
O1A NAP J . -6.27 22.70 7.59
O2A NAP J . -4.96 24.81 7.81
O5B NAP J . -3.90 22.62 8.62
C5B NAP J . -3.94 21.41 9.30
C4B NAP J . -2.88 20.46 8.69
O4B NAP J . -2.99 19.07 9.39
C3B NAP J . -3.10 20.20 7.46
O3B NAP J . -2.23 21.04 6.62
C2B NAP J . -2.67 18.62 7.21
O2B NAP J . -1.52 18.65 6.30
C1B NAP J . -2.25 18.25 8.36
N9A NAP J . -2.33 16.78 8.75
C8A NAP J . -3.56 16.39 8.31
N7A NAP J . -3.66 15.06 8.66
C5A NAP J . -2.53 14.69 9.31
C6A NAP J . -2.07 13.53 9.87
N6A NAP J . -2.94 12.32 9.83
N1A NAP J . -0.87 13.47 10.46
C2A NAP J . -0.08 14.58 10.50
N3A NAP J . -0.51 15.73 9.95
C4A NAP J . -1.72 15.76 9.36
O3 NAP J . -6.03 23.78 9.98
PN NAP J . -5.42 24.72 11.23
O1N NAP J . -3.92 24.79 11.17
O2N NAP J . -5.97 26.11 11.12
O5D NAP J . -5.93 23.99 12.63
C5D NAP J . -5.86 22.55 12.62
C4D NAP J . -6.64 21.99 13.75
O4D NAP J . -6.23 22.75 15.11
C3D NAP J . -7.92 22.23 13.58
O3D NAP J . -8.60 21.21 12.70
C2D NAP J . -8.47 22.15 15.00
O2D NAP J . -8.72 20.84 15.36
C1D NAP J . -7.29 22.73 15.85
N1N NAP J . -7.67 24.10 16.30
C2N NAP J . -7.68 24.40 17.61
C3N NAP J . -8.07 25.68 18.03
C7N NAP J . -8.07 26.04 19.51
O7N NAP J . -7.42 25.41 20.32
N7N NAP J . -8.86 27.14 19.94
C4N NAP J . -8.45 26.60 17.09
C5N NAP J . -8.44 26.29 15.76
C6N NAP J . -8.06 25.03 15.37
P2B NAP J . -1.09 17.32 5.42
O1X NAP J . 0.20 17.60 4.71
O2X NAP J . -0.90 16.12 6.32
O3X NAP J . -2.19 17.06 4.44
N1 AZI K . 10.06 -23.69 22.30
N2 AZI K . 10.04 -22.58 22.60
N3 AZI K . 10.02 -21.46 22.89
PA NAP L . 18.25 -23.98 30.29
O1A NAP L . 19.60 -23.77 29.60
O2A NAP L . 18.08 -23.00 31.45
O5B NAP L . 18.19 -25.50 30.92
C5B NAP L . 18.72 -26.48 30.10
C4B NAP L . 19.02 -27.71 30.98
O4B NAP L . 19.44 -28.86 30.01
C3B NAP L . 20.03 -27.48 31.71
O3B NAP L . 19.66 -27.78 33.12
C2B NAP L . 21.22 -28.54 31.31
O2B NAP L . 21.84 -28.95 32.58
C1B NAP L . 20.51 -29.48 30.85
N9A NAP L . 21.14 -30.63 30.08
C8A NAP L . 21.87 -30.06 29.08
N7A NAP L . 22.42 -31.11 28.37
C5A NAP L . 22.00 -32.26 28.93
C6A NAP L . 22.21 -33.60 28.69
N6A NAP L . 23.09 -33.99 27.54
N1A NAP L . 21.65 -34.53 29.45
C2A NAP L . 20.85 -34.19 30.50
N3A NAP L . 20.63 -32.88 30.77
C4A NAP L . 21.21 -31.96 29.97
O3 NAP L . 16.99 -23.80 29.19
PN NAP L . 15.39 -24.12 29.57
O1N NAP L . 15.30 -25.01 30.77
O2N NAP L . 14.67 -22.83 29.82
O5D NAP L . 14.71 -24.92 28.27
C5D NAP L . 15.28 -26.22 27.96
C4D NAP L . 14.78 -26.65 26.62
O4D NAP L . 13.17 -26.81 26.71
C3D NAP L . 14.97 -25.69 25.74
O3D NAP L . 16.36 -25.75 25.15
C2D NAP L . 13.93 -25.97 24.68
O2D NAP L . 14.40 -26.94 23.83
C1D NAP L . 12.74 -26.53 25.53
N1N NAP L . 11.67 -25.49 25.60
C2N NAP L . 10.43 -25.77 25.15
C3N NAP L . 9.43 -24.80 25.19
C7N NAP L . 8.04 -25.15 24.71
O7N NAP L . 7.64 -26.28 24.76
N7N NAP L . 7.22 -24.13 24.19
C4N NAP L . 9.71 -23.55 25.69
C5N NAP L . 10.97 -23.26 26.14
C6N NAP L . 11.95 -24.24 26.08
P2B NAP L . 23.37 -29.57 32.56
O1X NAP L . 23.83 -29.71 33.99
O2X NAP L . 23.41 -30.93 31.88
O3X NAP L . 24.25 -28.58 31.82
#